data_7V8L
#
_entry.id   7V8L
#
loop_
_entity.id
_entity.type
_entity.pdbx_description
1 polymer 'Lipoprotein-releasing system transmembrane protein LolE'
2 polymer 'Outer membrane lipoprotein RcsF'
3 polymer 'Lipoprotein-releasing system transmembrane protein LolC'
4 polymer 'Lipoprotein-releasing system ATP-binding protein LolD'
5 non-polymer '(2R)-3-{[(2S)-3-HYDROXY-2-(PALMITOYLAMINO)PROPYL]THIO}PROPANE-1,2-DIYL DIHEXADECANOATE'
#
loop_
_entity_poly.entity_id
_entity_poly.type
_entity_poly.pdbx_seq_one_letter_code
_entity_poly.pdbx_strand_id
1 'polypeptide(L)'
;MAMPLSLLIGLRFSRGRRRGGMVSLISVISTIGIALGVAVLIVGLSAMNGFERELNNRILAVVPHGEIEAVDQPWTNWQE
ALDHVQKVPGIAAAAPYINFTGLVESGANLRAIQVKGVNPQQEQRLSALPSFVQGDAWRNFKAGEQQIIIGKGVADALKV
KQGDWVSIMIPNSNPEHKLMQPKRVRLHVAGILQLSGQLDHSFAMIPLADAQQYLDMGSSVSGIALKMTDVFNANKLVRD
AGEVTNSYVYIKSWIGTYGYMYRDIQMIRAIMYLAMVLVIGVACFNIVSTLVMAVKDKSGDIAVLRTLGAKDGLIRAIFV
WYGLLAGLFGSLCGVIIGVVVSLQLTPIIEWIEKLIGHQFLSSDIYFIDFLPSELHWLDVFYVLVTALLLSLLASWYPAR
RASNIDPARVLSGQ
;
E
2 'polypeptide(L)'
;SMLSRSPVEPVQSTAPQPKAEPAKPKAPRATPVRIYTNAEELVGKPFRDLGEVSGDSCQASNQDSPPSIPTARKRMQINA
SKMKANAVLLHSCEVTSGTPGCYRQAVCIGSALNITAK
;
A
3 'polypeptide(L)'
;MYQPVALFIGLRYMRGRAADRFGRFVSWLSTIGITLGVMALVTVLSVMNGFERELQNNILGLMPQAILSSEHGSLNPQQL
PETAVKLDGVNRVAPITTGDVVLQSARSVAVGVMLGIDPAQKDPLTPYLVNVKQTDLEPGKYNVILGEQLASQLGVNRGD
QIRVMVPSASQFTPMGRIPSQRLFNVIGTFAANSEVDGYEMLVNIEDASRLMRYPAGNITGWRLWLDEPLKVDSLSQQKL
PEGSKWQDWRDRKGELFQAVRMEKNMMGLLLSLIVAVAAFNIITSLGLMVMEKQGEVAILQTQGLTPRQIMMVFMVQGAS
AGIIGAILGAALGALLASQLNNLMPIIGVLLDGAALPVAIEPLQVIVIALVAMAIALLSTLYPSWRAAATQPAEALRYE
;
C
4 'polypeptide(L)'
;MNKILLQCDNLCKRYQEGSVQTDVLHNVSFSVGEGEMMAIVGSSGSGKSTLLHLLGGLDTPTSGDVIFNGQPMSKLSSAA
KAELRNQKLGFIYQFHHLLPDFTALENVAMPLLIGKKKPAEINSRALEMLKAVGLDHRANHRPSELSGGERQRVAIARAL
VNNPRLVLADEPTGNLDARNADSIFQLLGELNRLQGTAFLVVTHDLQLAKRMSRQLEMRDGRLTAELSLMGAE
;
D,F
#
loop_
_chem_comp.id
_chem_comp.type
_chem_comp.name
_chem_comp.formula
PCJ non-polymer '(2R)-3-{[(2S)-3-HYDROXY-2-(PALMITOYLAMINO)PROPYL]THIO}PROPANE-1,2-DIYL DIHEXADECANOATE' 'C54 H105 N O6 S'
#
# COMPACT_ATOMS: atom_id res chain seq x y z
N PRO A 4 -15.53 -13.96 -26.59
CA PRO A 4 -14.13 -13.54 -26.49
C PRO A 4 -13.17 -14.70 -26.63
N LEU A 5 -12.04 -14.63 -25.94
CA LEU A 5 -11.07 -15.72 -25.94
C LEU A 5 -11.42 -16.72 -24.84
N SER A 6 -10.88 -17.92 -24.97
CA SER A 6 -11.25 -19.07 -24.13
C SER A 6 -10.83 -18.90 -22.68
N LEU A 7 -10.18 -17.78 -22.36
CA LEU A 7 -9.77 -17.47 -20.99
C LEU A 7 -10.86 -16.74 -20.20
N LEU A 8 -12.05 -16.58 -20.78
CA LEU A 8 -13.16 -15.91 -20.11
C LEU A 8 -13.52 -16.56 -18.78
N ILE A 9 -13.01 -17.76 -18.52
CA ILE A 9 -13.13 -18.40 -17.21
C ILE A 9 -12.79 -17.40 -16.12
N GLY A 10 -11.75 -16.60 -16.32
CA GLY A 10 -11.36 -15.64 -15.29
C GLY A 10 -12.50 -14.72 -14.91
N LEU A 11 -13.25 -14.24 -15.90
CA LEU A 11 -14.42 -13.43 -15.63
C LEU A 11 -15.38 -14.16 -14.69
N ARG A 12 -15.71 -15.41 -15.02
CA ARG A 12 -16.61 -16.17 -14.15
C ARG A 12 -15.94 -16.50 -12.83
N PHE A 13 -14.60 -16.52 -12.79
CA PHE A 13 -13.90 -16.71 -11.53
C PHE A 13 -13.89 -15.42 -10.72
N SER A 14 -14.10 -14.28 -11.38
CA SER A 14 -14.14 -13.00 -10.69
C SER A 14 -15.55 -12.60 -10.30
N ARG A 15 -16.56 -12.91 -11.11
CA ARG A 15 -17.95 -12.62 -10.79
C ARG A 15 -18.61 -13.74 -9.99
N GLY A 16 -17.89 -14.82 -9.71
CA GLY A 16 -18.43 -15.89 -8.89
C GLY A 16 -18.24 -15.63 -7.42
N ARG A 17 -18.94 -14.63 -6.90
CA ARG A 17 -18.84 -14.24 -5.50
C ARG A 17 -20.17 -14.55 -4.81
N ARG A 18 -20.10 -15.35 -3.76
CA ARG A 18 -21.28 -15.72 -2.97
C ARG A 18 -20.93 -15.61 -1.49
N ARG A 19 -21.94 -15.79 -0.64
CA ARG A 19 -21.79 -15.62 0.81
C ARG A 19 -21.28 -14.22 1.13
N GLY A 20 -22.11 -13.23 0.79
CA GLY A 20 -21.75 -11.82 0.92
C GLY A 20 -21.23 -11.42 2.28
N GLY A 21 -20.08 -10.77 2.30
CA GLY A 21 -19.45 -10.35 3.53
C GLY A 21 -18.13 -11.04 3.78
N MET A 22 -17.05 -10.26 3.86
CA MET A 22 -15.70 -10.74 4.14
C MET A 22 -15.18 -11.67 3.05
N VAL A 23 -15.92 -11.77 1.95
CA VAL A 23 -15.39 -12.32 0.70
C VAL A 23 -15.49 -11.34 -0.46
N SER A 24 -16.44 -10.40 -0.43
CA SER A 24 -16.47 -9.29 -1.36
C SER A 24 -15.86 -8.02 -0.79
N LEU A 25 -15.82 -7.91 0.54
CA LEU A 25 -15.11 -6.79 1.18
C LEU A 25 -13.63 -6.81 0.83
N ILE A 26 -13.07 -8.00 0.57
CA ILE A 26 -11.67 -8.09 0.20
C ILE A 26 -11.41 -7.40 -1.13
N SER A 27 -12.26 -7.66 -2.13
CA SER A 27 -12.13 -7.02 -3.42
C SER A 27 -12.36 -5.51 -3.29
N VAL A 28 -13.29 -5.10 -2.45
CA VAL A 28 -13.53 -3.68 -2.23
C VAL A 28 -12.29 -3.02 -1.64
N ILE A 29 -11.63 -3.68 -0.67
CA ILE A 29 -10.46 -3.09 -0.04
C ILE A 29 -9.29 -3.02 -1.03
N SER A 30 -9.11 -4.07 -1.83
CA SER A 30 -8.06 -4.05 -2.83
C SER A 30 -8.30 -2.95 -3.86
N THR A 31 -9.56 -2.80 -4.29
CA THR A 31 -9.91 -1.72 -5.20
C THR A 31 -9.66 -0.36 -4.56
N ILE A 32 -9.97 -0.22 -3.27
CA ILE A 32 -9.73 1.04 -2.58
C ILE A 32 -8.24 1.35 -2.56
N GLY A 33 -7.40 0.36 -2.28
CA GLY A 33 -5.97 0.60 -2.26
C GLY A 33 -5.42 1.00 -3.62
N ILE A 34 -5.75 0.23 -4.66
CA ILE A 34 -5.29 0.55 -6.00
C ILE A 34 -5.80 1.91 -6.43
N ALA A 35 -7.08 2.19 -6.18
CA ALA A 35 -7.67 3.45 -6.58
C ALA A 35 -7.04 4.63 -5.85
N LEU A 36 -6.79 4.50 -4.55
CA LEU A 36 -6.11 5.56 -3.81
C LEU A 36 -4.75 5.83 -4.41
N GLY A 37 -3.94 4.79 -4.60
CA GLY A 37 -2.60 5.00 -5.13
C GLY A 37 -2.62 5.64 -6.50
N VAL A 38 -3.43 5.09 -7.41
CA VAL A 38 -3.45 5.58 -8.78
C VAL A 38 -4.02 6.99 -8.85
N ALA A 39 -5.12 7.24 -8.13
CA ALA A 39 -5.75 8.55 -8.17
C ALA A 39 -4.83 9.62 -7.63
N VAL A 40 -4.19 9.37 -6.49
CA VAL A 40 -3.32 10.39 -5.92
C VAL A 40 -2.07 10.56 -6.76
N LEU A 41 -1.56 9.49 -7.38
CA LEU A 41 -0.43 9.63 -8.29
C LEU A 41 -0.81 10.51 -9.49
N ILE A 42 -2.00 10.29 -10.04
CA ILE A 42 -2.46 11.08 -11.18
C ILE A 42 -2.64 12.54 -10.77
N VAL A 43 -3.21 12.77 -9.57
CA VAL A 43 -3.39 14.14 -9.09
C VAL A 43 -2.05 14.83 -8.93
N GLY A 44 -1.07 14.12 -8.38
CA GLY A 44 0.25 14.70 -8.20
C GLY A 44 0.88 15.04 -9.53
N LEU A 45 0.86 14.09 -10.47
CA LEU A 45 1.46 14.32 -11.77
C LEU A 45 0.78 15.47 -12.51
N SER A 46 -0.54 15.54 -12.44
CA SER A 46 -1.27 16.64 -13.08
C SER A 46 -0.95 17.97 -12.40
N ALA A 47 -0.84 17.99 -11.08
CA ALA A 47 -0.48 19.22 -10.38
C ALA A 47 0.92 19.69 -10.78
N MET A 48 1.86 18.77 -10.94
CA MET A 48 3.21 19.19 -11.32
C MET A 48 3.28 19.57 -12.79
N ASN A 49 2.45 18.96 -13.64
CA ASN A 49 2.32 19.45 -15.01
C ASN A 49 1.75 20.88 -15.04
N GLY A 50 0.77 21.15 -14.19
CA GLY A 50 0.26 22.50 -14.07
C GLY A 50 1.31 23.47 -13.54
N PHE A 51 2.15 23.00 -12.61
CA PHE A 51 3.26 23.82 -12.15
C PHE A 51 4.22 24.13 -13.29
N GLU A 52 4.53 23.14 -14.12
CA GLU A 52 5.38 23.38 -15.28
C GLU A 52 4.75 24.41 -16.22
N ARG A 53 3.45 24.27 -16.47
CA ARG A 53 2.77 25.22 -17.35
C ARG A 53 2.79 26.63 -16.77
N GLU A 54 2.56 26.75 -15.46
CA GLU A 54 2.52 28.06 -14.82
C GLU A 54 3.91 28.69 -14.76
N LEU A 55 4.95 27.87 -14.59
CA LEU A 55 6.32 28.39 -14.70
C LEU A 55 6.62 28.83 -16.12
N ASN A 56 6.13 28.09 -17.11
CA ASN A 56 6.34 28.48 -18.50
C ASN A 56 5.66 29.81 -18.82
N ASN A 57 4.47 30.03 -18.27
CA ASN A 57 3.74 31.27 -18.58
C ASN A 57 4.23 32.44 -17.75
N ARG A 58 4.20 32.31 -16.43
CA ARG A 58 4.39 33.48 -15.56
C ARG A 58 5.85 33.92 -15.44
N ILE A 59 6.79 32.98 -15.41
CA ILE A 59 8.16 33.34 -15.05
C ILE A 59 9.09 33.38 -16.26
N LEU A 60 9.30 32.25 -16.91
CA LEU A 60 10.30 32.19 -17.96
C LEU A 60 9.87 32.89 -19.23
N ALA A 61 8.61 33.31 -19.33
CA ALA A 61 8.12 34.04 -20.49
C ALA A 61 8.18 35.56 -20.28
N VAL A 62 8.70 36.01 -19.14
CA VAL A 62 8.79 37.45 -18.87
C VAL A 62 10.22 37.83 -18.53
N VAL A 63 11.00 36.87 -18.05
CA VAL A 63 12.38 37.14 -17.67
C VAL A 63 13.26 37.17 -18.93
N PRO A 64 14.37 37.90 -18.92
CA PRO A 64 15.30 37.86 -20.05
C PRO A 64 16.02 36.52 -20.09
N HIS A 65 15.76 35.75 -21.15
CA HIS A 65 16.35 34.41 -21.26
C HIS A 65 17.86 34.45 -21.34
N GLY A 66 18.44 35.54 -21.85
CA GLY A 66 19.88 35.69 -21.89
C GLY A 66 20.26 37.11 -21.53
N GLU A 67 21.44 37.25 -20.95
CA GLU A 67 21.88 38.51 -20.37
C GLU A 67 23.33 38.77 -20.80
N ILE A 68 23.55 39.92 -21.43
CA ILE A 68 24.87 40.30 -21.94
C ILE A 68 25.22 41.64 -21.32
N GLU A 69 26.14 41.65 -20.36
CA GLU A 69 26.46 42.87 -19.62
C GLU A 69 27.93 43.23 -19.79
N ALA A 70 28.19 44.45 -20.24
CA ALA A 70 29.56 44.94 -20.36
C ALA A 70 30.10 45.24 -18.97
N VAL A 71 31.35 44.82 -18.73
CA VAL A 71 31.90 44.92 -17.38
C VAL A 71 32.77 46.18 -17.22
N ASP A 72 33.48 46.57 -18.27
CA ASP A 72 34.43 47.68 -18.14
C ASP A 72 33.73 49.02 -18.34
N GLN A 73 33.13 49.22 -19.51
CA GLN A 73 32.47 50.48 -19.86
C GLN A 73 31.11 50.16 -20.41
N PRO A 74 30.12 51.05 -20.26
CA PRO A 74 28.84 50.85 -20.92
C PRO A 74 29.01 50.68 -22.42
N TRP A 75 28.14 49.86 -23.02
CA TRP A 75 28.27 49.42 -24.39
C TRP A 75 28.35 50.58 -25.37
N THR A 76 29.52 50.80 -25.96
CA THR A 76 29.67 51.88 -26.94
C THR A 76 29.06 51.50 -28.28
N ASN A 77 29.16 50.23 -28.66
CA ASN A 77 28.66 49.77 -29.95
C ASN A 77 27.59 48.70 -29.76
N TRP A 78 26.64 48.96 -28.85
CA TRP A 78 25.61 47.97 -28.56
C TRP A 78 24.74 47.68 -29.77
N GLN A 79 24.65 48.64 -30.71
CA GLN A 79 23.85 48.42 -31.90
C GLN A 79 24.45 47.31 -32.76
N GLU A 80 25.76 47.38 -33.01
CA GLU A 80 26.40 46.36 -33.83
C GLU A 80 26.32 44.98 -33.18
N ALA A 81 26.55 44.91 -31.87
CA ALA A 81 26.44 43.64 -31.17
C ALA A 81 25.00 43.12 -31.21
N LEU A 82 24.03 44.01 -31.07
CA LEU A 82 22.62 43.61 -31.13
C LEU A 82 22.27 43.02 -32.49
N ASP A 83 22.70 43.68 -33.58
CA ASP A 83 22.43 43.15 -34.90
C ASP A 83 23.18 41.84 -35.15
N HIS A 84 24.40 41.71 -34.61
CA HIS A 84 25.14 40.47 -34.79
C HIS A 84 24.52 39.31 -34.02
N VAL A 85 23.94 39.58 -32.84
CA VAL A 85 23.38 38.51 -32.03
C VAL A 85 21.95 38.16 -32.43
N GLN A 86 21.19 39.10 -32.99
CA GLN A 86 19.81 38.82 -33.37
C GLN A 86 19.71 37.80 -34.50
N LYS A 87 20.75 37.66 -35.31
CA LYS A 87 20.74 36.74 -36.45
C LYS A 87 21.30 35.37 -36.07
N VAL A 88 21.75 35.18 -34.85
CA VAL A 88 22.24 33.87 -34.41
C VAL A 88 21.05 32.93 -34.29
N PRO A 89 21.10 31.73 -34.86
CA PRO A 89 19.96 30.82 -34.78
C PRO A 89 19.74 30.33 -33.36
N GLY A 90 18.48 29.99 -33.07
CA GLY A 90 18.10 29.64 -31.72
C GLY A 90 17.75 30.83 -30.85
N ILE A 91 17.79 32.04 -31.41
CA ILE A 91 17.41 33.26 -30.70
C ILE A 91 16.18 33.84 -31.37
N ALA A 92 15.11 34.03 -30.61
CA ALA A 92 13.88 34.57 -31.14
C ALA A 92 13.84 36.10 -31.15
N ALA A 93 14.47 36.75 -30.18
CA ALA A 93 14.42 38.21 -30.12
C ALA A 93 15.57 38.73 -29.27
N ALA A 94 15.81 40.04 -29.38
CA ALA A 94 16.82 40.70 -28.57
C ALA A 94 16.39 42.15 -28.36
N ALA A 95 16.92 42.74 -27.29
CA ALA A 95 16.58 44.12 -26.96
C ALA A 95 17.69 44.69 -26.10
N PRO A 96 17.84 46.01 -26.07
CA PRO A 96 18.76 46.63 -25.10
C PRO A 96 18.08 46.90 -23.77
N TYR A 97 18.86 47.07 -22.70
CA TYR A 97 18.30 47.48 -21.43
C TYR A 97 19.39 48.19 -20.64
N ILE A 98 18.98 48.94 -19.64
CA ILE A 98 19.91 49.55 -18.68
C ILE A 98 19.41 49.21 -17.28
N ASN A 99 20.33 48.82 -16.40
CA ASN A 99 19.97 48.30 -15.08
C ASN A 99 20.51 49.24 -14.02
N PHE A 100 19.61 49.98 -13.36
CA PHE A 100 19.98 50.78 -12.21
C PHE A 100 19.43 50.15 -10.93
N THR A 101 19.79 50.72 -9.80
CA THR A 101 19.18 50.40 -8.52
C THR A 101 19.15 51.66 -7.68
N GLY A 102 17.99 51.96 -7.09
CA GLY A 102 17.83 53.21 -6.39
C GLY A 102 16.76 53.15 -5.33
N LEU A 103 16.60 54.27 -4.65
CA LEU A 103 15.68 54.41 -3.52
C LEU A 103 14.33 54.87 -4.06
N VAL A 104 13.33 54.00 -3.98
CA VAL A 104 11.97 54.36 -4.33
C VAL A 104 11.25 54.80 -3.06
N GLU A 105 10.60 55.96 -3.11
CA GLU A 105 10.03 56.55 -1.91
C GLU A 105 8.67 57.14 -2.22
N SER A 106 7.74 56.95 -1.29
CA SER A 106 6.39 57.50 -1.38
C SER A 106 5.71 57.37 -0.04
N GLY A 107 5.04 58.43 0.40
CA GLY A 107 4.29 58.40 1.64
C GLY A 107 5.11 58.01 2.85
N ALA A 108 6.31 58.56 2.97
CA ALA A 108 7.28 58.27 4.03
C ALA A 108 7.76 56.83 4.00
N ASN A 109 7.37 56.03 3.01
CA ASN A 109 7.84 54.67 2.88
C ASN A 109 8.96 54.62 1.85
N LEU A 110 10.07 53.96 2.22
CA LEU A 110 11.27 53.93 1.40
C LEU A 110 11.71 52.49 1.18
N ARG A 111 12.17 52.19 -0.02
CA ARG A 111 12.68 50.87 -0.38
C ARG A 111 13.86 51.03 -1.32
N ALA A 112 14.74 50.02 -1.35
CA ALA A 112 15.83 49.96 -2.30
C ALA A 112 15.46 48.93 -3.36
N ILE A 113 15.22 49.39 -4.59
CA ILE A 113 14.66 48.56 -5.63
C ILE A 113 15.51 48.70 -6.90
N GLN A 114 15.57 47.61 -7.66
CA GLN A 114 16.24 47.64 -8.96
C GLN A 114 15.29 48.13 -10.03
N VAL A 115 15.82 48.93 -10.95
CA VAL A 115 15.04 49.58 -11.99
C VAL A 115 15.61 49.15 -13.34
N LYS A 116 14.72 48.83 -14.27
CA LYS A 116 15.11 48.40 -15.61
C LYS A 116 14.57 49.40 -16.62
N GLY A 117 15.44 49.86 -17.51
CA GLY A 117 15.05 50.75 -18.59
C GLY A 117 15.14 50.03 -19.92
N VAL A 118 14.01 49.96 -20.61
CA VAL A 118 13.90 49.21 -21.86
C VAL A 118 12.87 49.90 -22.75
N ASN A 119 13.10 49.83 -24.06
CA ASN A 119 12.17 50.41 -25.02
C ASN A 119 10.89 49.59 -25.03
N PRO A 120 9.72 50.21 -24.87
CA PRO A 120 8.47 49.43 -24.79
C PRO A 120 8.19 48.59 -26.03
N GLN A 121 8.39 49.15 -27.23
CA GLN A 121 8.11 48.40 -28.45
C GLN A 121 9.08 47.24 -28.63
N GLN A 122 10.29 47.33 -28.07
CA GLN A 122 11.22 46.22 -28.17
C GLN A 122 10.97 45.19 -27.09
N GLU A 123 10.62 45.61 -25.86
CA GLU A 123 10.36 44.63 -24.82
C GLU A 123 9.04 43.91 -25.04
N GLN A 124 8.14 44.51 -25.84
CA GLN A 124 6.93 43.80 -26.24
C GLN A 124 7.28 42.55 -27.04
N ARG A 125 8.24 42.67 -27.96
CA ARG A 125 8.72 41.50 -28.70
C ARG A 125 9.58 40.62 -27.81
N LEU A 126 10.33 41.22 -26.89
CA LEU A 126 11.27 40.48 -26.05
C LEU A 126 10.59 39.48 -25.12
N SER A 127 9.42 39.82 -24.56
CA SER A 127 8.76 38.93 -23.62
C SER A 127 7.29 39.30 -23.53
N ALA A 128 6.52 38.41 -22.91
CA ALA A 128 5.10 38.64 -22.64
C ALA A 128 4.87 39.41 -21.34
N LEU A 129 5.89 40.11 -20.85
CA LEU A 129 5.73 40.85 -19.59
C LEU A 129 4.64 41.91 -19.62
N PRO A 130 4.55 42.78 -20.64
CA PRO A 130 3.47 43.80 -20.61
C PRO A 130 2.07 43.20 -20.61
N SER A 131 1.91 41.98 -21.10
CA SER A 131 0.61 41.32 -21.05
C SER A 131 0.19 40.96 -19.63
N PHE A 132 1.11 40.98 -18.67
CA PHE A 132 0.80 40.67 -17.28
C PHE A 132 0.46 41.89 -16.45
N VAL A 133 0.51 43.09 -17.04
CA VAL A 133 0.16 44.30 -16.30
C VAL A 133 -1.32 44.28 -16.00
N GLN A 134 -1.67 44.58 -14.74
CA GLN A 134 -3.07 44.58 -14.33
C GLN A 134 -3.89 45.57 -15.14
N GLY A 135 -3.38 46.80 -15.28
CA GLY A 135 -4.03 47.80 -16.10
C GLY A 135 -3.16 49.03 -16.28
N ASP A 136 -2.99 49.46 -17.53
CA ASP A 136 -2.14 50.61 -17.83
C ASP A 136 -2.51 51.11 -19.23
N ALA A 137 -2.02 52.31 -19.56
CA ALA A 137 -2.22 52.90 -20.88
C ALA A 137 -1.07 52.47 -21.77
N TRP A 138 -1.30 51.41 -22.56
CA TRP A 138 -0.26 50.88 -23.43
C TRP A 138 0.14 51.87 -24.52
N ARG A 139 -0.71 52.85 -24.82
CA ARG A 139 -0.40 53.86 -25.82
C ARG A 139 0.29 55.09 -25.24
N ASN A 140 -0.10 55.52 -24.05
CA ASN A 140 0.52 56.69 -23.43
C ASN A 140 1.84 56.37 -22.73
N PHE A 141 2.17 55.09 -22.56
CA PHE A 141 3.44 54.74 -21.93
C PHE A 141 4.57 54.92 -22.93
N LYS A 142 5.37 55.96 -22.73
CA LYS A 142 6.47 56.26 -23.64
C LYS A 142 7.57 56.97 -22.87
N ALA A 143 8.64 57.27 -23.59
CA ALA A 143 9.81 57.92 -22.99
C ALA A 143 9.59 59.42 -22.86
N GLY A 144 10.39 60.03 -21.99
CA GLY A 144 10.33 61.48 -21.79
C GLY A 144 9.02 61.96 -21.21
N GLU A 145 8.40 61.16 -20.33
CA GLU A 145 7.16 61.54 -19.69
C GLU A 145 7.19 61.33 -18.17
N GLN A 146 8.35 61.06 -17.59
CA GLN A 146 8.49 60.80 -16.15
C GLN A 146 7.56 59.65 -15.72
N GLN A 147 7.48 58.61 -16.54
CA GLN A 147 6.60 57.49 -16.29
C GLN A 147 7.39 56.31 -15.75
N ILE A 148 6.87 55.71 -14.68
CA ILE A 148 7.47 54.53 -14.06
C ILE A 148 6.37 53.51 -13.82
N ILE A 149 6.70 52.24 -13.97
CA ILE A 149 5.75 51.16 -13.75
C ILE A 149 6.33 50.24 -12.67
N ILE A 150 5.49 49.89 -11.70
CA ILE A 150 5.92 49.29 -10.44
C ILE A 150 5.24 47.94 -10.25
N GLY A 151 5.97 46.97 -9.73
CA GLY A 151 5.38 45.68 -9.41
C GLY A 151 4.39 45.78 -8.27
N LYS A 152 3.53 44.77 -8.17
CA LYS A 152 2.46 44.78 -7.17
C LYS A 152 3.03 44.77 -5.76
N GLY A 153 4.08 43.97 -5.52
CA GLY A 153 4.65 43.90 -4.20
C GLY A 153 5.24 45.22 -3.73
N VAL A 154 6.02 45.88 -4.58
CA VAL A 154 6.57 47.17 -4.21
C VAL A 154 5.46 48.20 -4.03
N ALA A 155 4.43 48.13 -4.89
CA ALA A 155 3.33 49.09 -4.79
C ALA A 155 2.58 48.94 -3.48
N ASP A 156 2.27 47.71 -3.07
CA ASP A 156 1.53 47.54 -1.82
C ASP A 156 2.40 47.72 -0.59
N ALA A 157 3.72 47.50 -0.71
CA ALA A 157 4.62 47.84 0.39
C ALA A 157 4.80 49.34 0.51
N LEU A 158 4.63 50.09 -0.58
CA LEU A 158 4.69 51.54 -0.56
C LEU A 158 3.34 52.20 -0.34
N LYS A 159 2.26 51.41 -0.27
CA LYS A 159 0.90 51.92 -0.11
C LYS A 159 0.55 52.94 -1.20
N VAL A 160 0.97 52.65 -2.42
CA VAL A 160 0.73 53.52 -3.56
C VAL A 160 -0.18 52.81 -4.55
N LYS A 161 -0.76 53.60 -5.45
CA LYS A 161 -1.67 53.09 -6.47
C LYS A 161 -1.31 53.73 -7.80
N GLN A 162 -2.14 53.48 -8.81
CA GLN A 162 -1.92 54.06 -10.13
C GLN A 162 -2.11 55.57 -10.10
N GLY A 163 -1.37 56.27 -10.95
CA GLY A 163 -1.47 57.71 -11.02
C GLY A 163 -1.00 58.43 -9.78
N ASP A 164 0.06 57.93 -9.14
CA ASP A 164 0.62 58.55 -7.95
C ASP A 164 2.08 58.93 -8.19
N TRP A 165 2.49 60.05 -7.61
CA TRP A 165 3.85 60.53 -7.77
C TRP A 165 4.78 59.87 -6.76
N VAL A 166 5.97 59.53 -7.22
CA VAL A 166 6.94 58.78 -6.43
C VAL A 166 8.33 59.39 -6.64
N SER A 167 9.09 59.48 -5.55
CA SER A 167 10.46 59.99 -5.62
C SER A 167 11.42 58.84 -5.85
N ILE A 168 12.43 59.09 -6.68
CA ILE A 168 13.45 58.10 -7.00
C ILE A 168 14.81 58.73 -6.77
N MET A 169 15.60 58.11 -5.89
CA MET A 169 16.94 58.57 -5.57
C MET A 169 17.96 57.66 -6.24
N ILE A 170 18.87 58.28 -6.99
CA ILE A 170 19.92 57.57 -7.72
C ILE A 170 21.27 58.14 -7.28
N PRO A 171 22.28 57.29 -7.05
CA PRO A 171 23.57 57.82 -6.57
C PRO A 171 24.27 58.69 -7.60
N ASN A 172 24.47 58.19 -8.82
CA ASN A 172 25.19 58.90 -9.87
C ASN A 172 26.57 59.34 -9.39
N SER A 173 27.24 58.46 -8.66
CA SER A 173 28.54 58.78 -8.09
C SER A 173 29.59 58.92 -9.17
N ASN A 174 30.47 59.91 -9.00
CA ASN A 174 31.55 60.20 -9.92
C ASN A 174 32.82 60.42 -9.13
N PRO A 175 33.99 60.22 -9.75
CA PRO A 175 35.26 60.50 -9.04
C PRO A 175 35.37 61.92 -8.54
N GLU A 176 34.77 62.88 -9.26
CA GLU A 176 34.81 64.28 -8.84
C GLU A 176 33.88 64.52 -7.65
N HIS A 177 33.73 65.79 -7.26
CA HIS A 177 32.88 66.15 -6.13
C HIS A 177 31.39 66.04 -6.43
N LYS A 178 31.01 65.63 -7.65
CA LYS A 178 29.61 65.48 -8.02
C LYS A 178 28.96 64.25 -7.41
N LEU A 179 29.73 63.39 -6.76
CA LEU A 179 29.16 62.18 -6.16
C LEU A 179 28.19 62.51 -5.03
N MET A 180 28.41 63.61 -4.32
CA MET A 180 27.49 64.02 -3.27
C MET A 180 26.19 64.54 -3.87
N GLN A 181 25.19 64.69 -3.01
CA GLN A 181 23.86 65.14 -3.39
C GLN A 181 23.27 64.20 -4.44
N PRO A 182 22.88 62.99 -4.05
CA PRO A 182 22.33 62.04 -5.03
C PRO A 182 21.07 62.59 -5.69
N LYS A 183 20.88 62.23 -6.96
CA LYS A 183 19.79 62.78 -7.75
C LYS A 183 18.45 62.30 -7.21
N ARG A 184 17.54 63.24 -6.95
CA ARG A 184 16.21 62.95 -6.44
C ARG A 184 15.20 63.37 -7.51
N VAL A 185 14.91 62.45 -8.43
CA VAL A 185 13.97 62.71 -9.52
C VAL A 185 12.57 62.32 -9.10
N ARG A 186 11.57 62.79 -9.84
CA ARG A 186 10.18 62.44 -9.60
C ARG A 186 9.64 61.65 -10.79
N LEU A 187 8.75 60.70 -10.49
CA LEU A 187 8.20 59.82 -11.52
C LEU A 187 6.72 59.61 -11.23
N HIS A 188 5.99 59.22 -12.27
CA HIS A 188 4.55 59.00 -12.20
C HIS A 188 4.27 57.52 -12.41
N VAL A 189 3.56 56.92 -11.46
CA VAL A 189 3.21 55.50 -11.56
C VAL A 189 2.06 55.35 -12.55
N ALA A 190 2.24 54.45 -13.51
CA ALA A 190 1.25 54.27 -14.58
C ALA A 190 0.67 52.86 -14.67
N GLY A 191 1.30 51.86 -14.07
CA GLY A 191 0.81 50.50 -14.16
C GLY A 191 1.29 49.66 -13.00
N ILE A 192 0.61 48.53 -12.80
CA ILE A 192 0.92 47.60 -11.72
C ILE A 192 1.13 46.21 -12.30
N LEU A 193 2.28 45.62 -12.06
CA LEU A 193 2.61 44.29 -12.56
C LEU A 193 2.13 43.21 -11.59
N GLN A 194 1.67 42.10 -12.13
CA GLN A 194 1.30 40.92 -11.34
C GLN A 194 1.89 39.70 -12.04
N LEU A 195 3.14 39.36 -11.70
CA LEU A 195 3.85 38.29 -12.37
C LEU A 195 3.66 36.95 -11.67
N SER A 196 4.10 36.87 -10.41
CA SER A 196 4.11 35.63 -9.66
C SER A 196 4.28 35.97 -8.19
N GLY A 197 4.59 34.97 -7.37
CA GLY A 197 4.75 35.19 -5.95
C GLY A 197 6.02 35.91 -5.55
N GLN A 198 7.00 35.97 -6.45
CA GLN A 198 8.30 36.54 -6.11
C GLN A 198 8.77 37.64 -7.05
N LEU A 199 8.46 37.55 -8.34
CA LEU A 199 9.04 38.47 -9.31
C LEU A 199 8.49 39.89 -9.19
N ASP A 200 7.24 40.06 -8.77
CA ASP A 200 6.67 41.40 -8.69
C ASP A 200 7.28 42.24 -7.56
N HIS A 201 8.02 41.64 -6.64
CA HIS A 201 8.63 42.36 -5.54
C HIS A 201 9.93 43.04 -5.93
N SER A 202 10.43 42.84 -7.15
CA SER A 202 11.71 43.39 -7.55
C SER A 202 11.68 44.15 -8.87
N PHE A 203 10.79 43.84 -9.79
CA PHE A 203 10.80 44.47 -11.11
C PHE A 203 10.09 45.81 -11.07
N ALA A 204 10.78 46.84 -11.59
CA ALA A 204 10.22 48.17 -11.77
C ALA A 204 10.88 48.78 -13.00
N MET A 205 10.06 49.21 -13.96
CA MET A 205 10.62 49.65 -15.23
C MET A 205 10.35 51.12 -15.49
N ILE A 206 11.30 51.74 -16.19
CA ILE A 206 11.20 53.10 -16.71
C ILE A 206 11.59 53.01 -18.19
N PRO A 207 11.18 53.95 -19.04
CA PRO A 207 11.62 53.89 -20.44
C PRO A 207 13.11 54.12 -20.58
N LEU A 208 13.69 53.50 -21.61
CA LEU A 208 15.14 53.50 -21.76
C LEU A 208 15.69 54.91 -21.97
N ALA A 209 15.01 55.72 -22.79
CA ALA A 209 15.45 57.08 -23.00
C ALA A 209 15.32 57.91 -21.72
N ASP A 210 14.30 57.63 -20.91
CA ASP A 210 14.20 58.29 -19.61
C ASP A 210 15.38 57.96 -18.72
N ALA A 211 15.82 56.70 -18.71
CA ALA A 211 16.99 56.31 -17.94
C ALA A 211 18.25 56.98 -18.47
N GLN A 212 18.39 57.04 -19.80
CA GLN A 212 19.54 57.71 -20.40
C GLN A 212 19.58 59.19 -20.06
N GLN A 213 18.43 59.85 -20.02
CA GLN A 213 18.39 61.27 -19.63
C GLN A 213 18.64 61.44 -18.14
N TYR A 214 18.21 60.46 -17.33
CA TYR A 214 18.41 60.54 -15.88
C TYR A 214 19.86 60.40 -15.48
N LEU A 215 20.66 59.65 -16.22
CA LEU A 215 22.09 59.50 -15.95
C LEU A 215 22.95 60.47 -16.74
N ASP A 216 22.36 61.21 -17.68
CA ASP A 216 23.08 62.18 -18.52
C ASP A 216 24.21 61.50 -19.28
N MET A 217 23.98 60.26 -19.71
CA MET A 217 24.95 59.49 -20.46
C MET A 217 24.62 59.55 -21.94
N GLY A 218 25.53 59.03 -22.76
CA GLY A 218 25.35 59.01 -24.19
C GLY A 218 24.44 57.89 -24.64
N SER A 219 24.43 57.67 -25.96
CA SER A 219 23.62 56.61 -26.56
C SER A 219 24.27 55.28 -26.25
N SER A 220 24.00 54.77 -25.05
CA SER A 220 24.55 53.50 -24.60
C SER A 220 23.58 52.87 -23.61
N VAL A 221 23.71 51.55 -23.45
CA VAL A 221 22.87 50.78 -22.53
C VAL A 221 23.78 49.92 -21.68
N SER A 222 23.24 49.46 -20.54
CA SER A 222 24.00 48.66 -19.60
C SER A 222 23.99 47.18 -19.94
N GLY A 223 23.23 46.75 -20.94
CA GLY A 223 23.24 45.35 -21.32
C GLY A 223 22.25 45.06 -22.43
N ILE A 224 22.29 43.81 -22.87
CA ILE A 224 21.42 43.31 -23.92
C ILE A 224 20.70 42.07 -23.40
N ALA A 225 19.37 42.07 -23.51
CA ALA A 225 18.52 40.97 -23.11
C ALA A 225 18.13 40.16 -24.35
N LEU A 226 18.06 38.85 -24.16
CA LEU A 226 17.86 37.91 -25.25
C LEU A 226 16.70 36.97 -24.95
N LYS A 227 15.91 36.68 -25.98
CA LYS A 227 14.79 35.74 -25.91
C LYS A 227 15.06 34.58 -26.86
N MET A 228 15.15 33.37 -26.32
CA MET A 228 15.42 32.15 -27.07
C MET A 228 14.18 31.68 -27.82
N THR A 229 14.39 30.68 -28.67
CA THR A 229 13.32 29.84 -29.20
C THR A 229 13.18 28.56 -28.38
N ASP A 230 14.31 27.96 -27.99
CA ASP A 230 14.34 26.82 -27.09
C ASP A 230 15.11 27.25 -25.85
N VAL A 231 14.54 26.99 -24.67
CA VAL A 231 15.08 27.58 -23.45
C VAL A 231 15.90 26.59 -22.63
N PHE A 232 15.70 25.28 -22.81
CA PHE A 232 16.33 24.30 -21.93
C PHE A 232 17.83 24.20 -22.15
N ASN A 233 18.34 24.64 -23.30
CA ASN A 233 19.77 24.63 -23.59
C ASN A 233 20.32 26.05 -23.76
N ALA A 234 19.83 26.99 -22.93
CA ALA A 234 20.20 28.38 -23.07
C ALA A 234 21.65 28.68 -22.69
N ASN A 235 22.30 27.80 -21.94
CA ASN A 235 23.66 28.10 -21.47
C ASN A 235 24.64 28.17 -22.64
N LYS A 236 24.80 27.07 -23.38
CA LYS A 236 25.71 27.06 -24.51
C LYS A 236 25.25 28.02 -25.60
N LEU A 237 23.93 28.19 -25.74
CA LEU A 237 23.42 29.10 -26.75
C LEU A 237 23.82 30.53 -26.46
N VAL A 238 23.64 30.98 -25.21
CA VAL A 238 24.03 32.36 -24.88
C VAL A 238 25.54 32.50 -24.89
N ARG A 239 26.27 31.43 -24.56
CA ARG A 239 27.72 31.49 -24.65
C ARG A 239 28.17 31.72 -26.10
N ASP A 240 27.58 30.98 -27.04
CA ASP A 240 27.90 31.19 -28.44
C ASP A 240 27.45 32.56 -28.92
N ALA A 241 26.29 33.03 -28.46
CA ALA A 241 25.81 34.35 -28.85
C ALA A 241 26.75 35.45 -28.38
N GLY A 242 27.24 35.35 -27.14
CA GLY A 242 28.21 36.31 -26.64
C GLY A 242 29.59 36.17 -27.26
N GLU A 243 29.92 34.98 -27.75
CA GLU A 243 31.20 34.81 -28.44
C GLU A 243 31.23 35.61 -29.74
N VAL A 244 30.06 35.91 -30.30
CA VAL A 244 30.00 36.72 -31.51
C VAL A 244 30.52 38.14 -31.23
N THR A 245 30.14 38.72 -30.11
CA THR A 245 30.61 40.04 -29.72
C THR A 245 31.98 39.93 -29.04
N ASN A 246 32.40 41.02 -28.41
CA ASN A 246 33.69 41.04 -27.73
C ASN A 246 33.69 40.04 -26.56
N SER A 247 34.87 39.51 -26.27
CA SER A 247 35.03 38.52 -25.21
C SER A 247 35.10 39.15 -23.82
N TYR A 248 35.22 40.48 -23.73
CA TYR A 248 35.29 41.14 -22.43
C TYR A 248 33.95 41.19 -21.72
N VAL A 249 32.86 40.83 -22.39
CA VAL A 249 31.52 40.98 -21.81
C VAL A 249 31.21 39.79 -20.92
N TYR A 250 30.29 39.98 -19.97
CA TYR A 250 29.85 38.92 -19.07
C TYR A 250 28.50 38.39 -19.53
N ILE A 251 28.41 37.07 -19.62
CA ILE A 251 27.19 36.41 -20.05
C ILE A 251 26.50 35.78 -18.83
N LYS A 252 25.17 35.82 -18.86
CA LYS A 252 24.35 35.19 -17.84
C LYS A 252 23.15 34.53 -18.51
N SER A 253 22.71 33.40 -17.97
CA SER A 253 21.55 32.69 -18.50
C SER A 253 20.51 32.59 -17.41
N TRP A 254 19.23 32.62 -17.80
CA TRP A 254 18.16 32.40 -16.84
C TRP A 254 18.21 31.00 -16.26
N ILE A 255 18.94 30.08 -16.90
CA ILE A 255 19.12 28.75 -16.35
C ILE A 255 19.79 28.82 -14.99
N GLY A 256 20.86 29.60 -14.87
CA GLY A 256 21.58 29.68 -13.61
C GLY A 256 20.72 30.17 -12.46
N THR A 257 19.64 30.88 -12.76
CA THR A 257 18.79 31.43 -11.71
C THR A 257 17.58 30.54 -11.44
N TYR A 258 17.00 29.96 -12.49
CA TYR A 258 15.74 29.22 -12.35
C TYR A 258 15.81 27.76 -12.74
N GLY A 259 16.99 27.15 -12.81
CA GLY A 259 17.06 25.72 -13.05
C GLY A 259 16.75 24.91 -11.83
N TYR A 260 16.85 25.53 -10.65
CA TYR A 260 16.42 24.86 -9.43
C TYR A 260 14.93 24.57 -9.49
N MET A 261 14.16 25.43 -10.15
CA MET A 261 12.73 25.16 -10.30
C MET A 261 12.47 23.94 -11.17
N TYR A 262 13.16 23.85 -12.32
CA TYR A 262 13.04 22.66 -13.17
C TYR A 262 13.43 21.40 -12.42
N ARG A 263 14.59 21.42 -11.76
CA ARG A 263 15.06 20.20 -11.11
C ARG A 263 14.19 19.85 -9.92
N ASP A 264 13.60 20.86 -9.27
CA ASP A 264 12.67 20.58 -8.18
C ASP A 264 11.39 19.93 -8.70
N ILE A 265 10.86 20.44 -9.81
CA ILE A 265 9.65 19.85 -10.39
C ILE A 265 9.92 18.40 -10.84
N GLN A 266 11.05 18.16 -11.47
CA GLN A 266 11.39 16.80 -11.89
C GLN A 266 11.62 15.88 -10.71
N MET A 267 12.30 16.39 -9.67
CA MET A 267 12.56 15.58 -8.48
C MET A 267 11.26 15.23 -7.75
N ILE A 268 10.34 16.19 -7.66
CA ILE A 268 9.07 15.92 -7.00
C ILE A 268 8.26 14.92 -7.81
N ARG A 269 8.26 15.06 -9.13
CA ARG A 269 7.55 14.09 -9.96
C ARG A 269 8.14 12.69 -9.80
N ALA A 270 9.47 12.59 -9.75
CA ALA A 270 10.11 11.29 -9.55
C ALA A 270 9.77 10.72 -8.17
N ILE A 271 9.77 11.56 -7.14
CA ILE A 271 9.44 11.10 -5.79
C ILE A 271 8.00 10.61 -5.75
N MET A 272 7.09 11.34 -6.39
CA MET A 272 5.70 10.92 -6.43
C MET A 272 5.61 9.58 -7.12
N TYR A 273 6.23 9.45 -8.28
CA TYR A 273 6.13 8.20 -9.03
C TYR A 273 6.67 7.02 -8.23
N LEU A 274 7.82 7.20 -7.57
CA LEU A 274 8.42 6.10 -6.82
C LEU A 274 7.56 5.72 -5.61
N ALA A 275 7.14 6.72 -4.84
CA ALA A 275 6.31 6.44 -3.66
C ALA A 275 5.00 5.79 -4.06
N MET A 276 4.41 6.21 -5.18
CA MET A 276 3.11 5.67 -5.52
C MET A 276 3.25 4.33 -6.22
N VAL A 277 4.41 4.06 -6.82
CA VAL A 277 4.74 2.70 -7.23
C VAL A 277 4.84 1.80 -6.02
N LEU A 278 5.39 2.30 -4.92
CA LEU A 278 5.39 1.53 -3.68
C LEU A 278 3.97 1.27 -3.19
N VAL A 279 3.11 2.30 -3.26
CA VAL A 279 1.71 2.12 -2.84
C VAL A 279 1.02 1.06 -3.69
N ILE A 280 1.19 1.13 -5.01
CA ILE A 280 0.60 0.13 -5.89
C ILE A 280 1.22 -1.24 -5.65
N GLY A 281 2.47 -1.27 -5.21
CA GLY A 281 3.08 -2.54 -4.85
C GLY A 281 2.45 -3.16 -3.63
N VAL A 282 2.11 -2.34 -2.64
CA VAL A 282 1.38 -2.86 -1.47
C VAL A 282 0.00 -3.36 -1.87
N ALA A 283 -0.70 -2.59 -2.70
CA ALA A 283 -2.00 -3.06 -3.19
C ALA A 283 -1.85 -4.32 -4.04
N CYS A 284 -0.71 -4.48 -4.71
CA CYS A 284 -0.46 -5.72 -5.44
C CYS A 284 -0.13 -6.86 -4.49
N PHE A 285 0.41 -6.56 -3.31
CA PHE A 285 0.48 -7.58 -2.26
C PHE A 285 -0.92 -8.05 -1.88
N ASN A 286 -1.85 -7.09 -1.76
CA ASN A 286 -3.25 -7.46 -1.57
C ASN A 286 -3.74 -8.37 -2.69
N ILE A 287 -3.40 -8.03 -3.93
CA ILE A 287 -3.83 -8.83 -5.07
C ILE A 287 -3.21 -10.23 -5.00
N VAL A 288 -1.95 -10.32 -4.59
CA VAL A 288 -1.28 -11.62 -4.45
C VAL A 288 -2.01 -12.48 -3.44
N SER A 289 -2.35 -11.90 -2.29
CA SER A 289 -3.10 -12.64 -1.28
C SER A 289 -4.44 -13.12 -1.84
N THR A 290 -5.16 -12.22 -2.52
CA THR A 290 -6.47 -12.57 -3.05
C THR A 290 -6.39 -13.70 -4.06
N LEU A 291 -5.39 -13.65 -4.95
CA LEU A 291 -5.23 -14.72 -5.94
C LEU A 291 -4.78 -16.02 -5.31
N VAL A 292 -3.96 -15.97 -4.27
CA VAL A 292 -3.57 -17.20 -3.58
C VAL A 292 -4.79 -17.86 -2.96
N MET A 293 -5.64 -17.07 -2.32
CA MET A 293 -6.89 -17.62 -1.78
C MET A 293 -7.80 -18.12 -2.90
N ALA A 294 -7.80 -17.43 -4.04
CA ALA A 294 -8.61 -17.88 -5.17
C ALA A 294 -8.15 -19.23 -5.67
N VAL A 295 -6.84 -19.45 -5.74
CA VAL A 295 -6.31 -20.75 -6.14
C VAL A 295 -6.69 -21.81 -5.10
N LYS A 296 -6.51 -21.48 -3.81
CA LYS A 296 -6.82 -22.46 -2.78
C LYS A 296 -8.32 -22.76 -2.67
N ASP A 297 -9.17 -21.89 -3.21
CA ASP A 297 -10.61 -22.11 -3.21
C ASP A 297 -11.12 -22.72 -4.51
N LYS A 298 -10.40 -22.54 -5.62
CA LYS A 298 -10.80 -23.10 -6.91
C LYS A 298 -9.85 -24.19 -7.39
N SER A 299 -9.09 -24.81 -6.47
CA SER A 299 -8.31 -25.98 -6.84
C SER A 299 -9.16 -27.06 -7.48
N GLY A 300 -10.37 -27.28 -6.96
CA GLY A 300 -11.25 -28.26 -7.57
C GLY A 300 -11.62 -27.89 -9.00
N ASP A 301 -11.94 -26.62 -9.25
CA ASP A 301 -12.30 -26.20 -10.59
C ASP A 301 -11.12 -26.29 -11.54
N ILE A 302 -9.92 -25.94 -11.09
CA ILE A 302 -8.76 -26.04 -11.97
C ILE A 302 -8.41 -27.50 -12.23
N ALA A 303 -8.69 -28.39 -11.26
CA ALA A 303 -8.52 -29.81 -11.50
C ALA A 303 -9.51 -30.30 -12.56
N VAL A 304 -10.75 -29.83 -12.49
CA VAL A 304 -11.75 -30.18 -13.50
C VAL A 304 -11.30 -29.68 -14.87
N LEU A 305 -10.74 -28.48 -14.92
CA LEU A 305 -10.20 -27.96 -16.17
C LEU A 305 -9.05 -28.80 -16.69
N ARG A 306 -8.13 -29.21 -15.82
CA ARG A 306 -6.96 -29.96 -16.22
C ARG A 306 -7.27 -31.39 -16.64
N THR A 307 -8.30 -32.02 -16.06
CA THR A 307 -8.69 -33.35 -16.48
C THR A 307 -9.38 -33.36 -17.84
N LEU A 308 -9.73 -32.18 -18.37
CA LEU A 308 -10.28 -32.05 -19.71
C LEU A 308 -9.21 -31.79 -20.75
N GLY A 309 -7.94 -31.84 -20.37
CA GLY A 309 -6.87 -31.60 -21.32
C GLY A 309 -6.36 -30.18 -21.37
N ALA A 310 -6.53 -29.42 -20.28
CA ALA A 310 -6.02 -28.07 -20.24
C ALA A 310 -4.50 -28.09 -20.23
N LYS A 311 -3.90 -27.07 -20.84
CA LYS A 311 -2.45 -26.96 -20.91
C LYS A 311 -1.92 -26.44 -19.59
N ASP A 312 -0.63 -26.67 -19.34
CA ASP A 312 0.03 -26.22 -18.13
C ASP A 312 0.24 -24.71 -18.09
N GLY A 313 -0.14 -24.01 -19.16
CA GLY A 313 -0.06 -22.56 -19.16
C GLY A 313 -1.43 -21.92 -19.25
N LEU A 314 -2.46 -22.75 -19.43
CA LEU A 314 -3.83 -22.22 -19.51
C LEU A 314 -4.34 -21.78 -18.16
N ILE A 315 -4.11 -22.59 -17.12
CA ILE A 315 -4.53 -22.23 -15.77
C ILE A 315 -3.78 -20.98 -15.30
N ARG A 316 -2.49 -20.93 -15.61
CA ARG A 316 -1.69 -19.75 -15.30
C ARG A 316 -2.28 -18.52 -15.98
N ALA A 317 -2.70 -18.64 -17.23
CA ALA A 317 -3.30 -17.51 -17.93
C ALA A 317 -4.63 -17.11 -17.30
N ILE A 318 -5.43 -18.10 -16.88
CA ILE A 318 -6.69 -17.79 -16.21
C ILE A 318 -6.43 -16.92 -14.99
N PHE A 319 -5.48 -17.33 -14.16
CA PHE A 319 -5.26 -16.56 -12.93
C PHE A 319 -4.50 -15.26 -13.17
N VAL A 320 -3.66 -15.21 -14.21
CA VAL A 320 -3.03 -13.93 -14.57
C VAL A 320 -4.08 -12.91 -14.97
N TRP A 321 -5.03 -13.31 -15.82
CA TRP A 321 -6.09 -12.36 -16.16
C TRP A 321 -7.04 -12.12 -15.00
N TYR A 322 -7.18 -13.08 -14.08
CA TYR A 322 -7.96 -12.79 -12.87
C TYR A 322 -7.34 -11.65 -12.10
N GLY A 323 -6.02 -11.74 -11.85
CA GLY A 323 -5.32 -10.67 -11.17
C GLY A 323 -5.31 -9.37 -11.94
N LEU A 324 -5.14 -9.47 -13.27
CA LEU A 324 -5.08 -8.29 -14.13
C LEU A 324 -6.42 -7.58 -14.16
N LEU A 325 -7.53 -8.32 -14.13
CA LEU A 325 -8.85 -7.73 -14.05
C LEU A 325 -9.13 -7.13 -12.68
N ALA A 326 -8.69 -7.79 -11.61
CA ALA A 326 -8.77 -7.16 -10.30
C ALA A 326 -7.97 -5.87 -10.25
N GLY A 327 -6.85 -5.80 -10.95
CA GLY A 327 -6.09 -4.57 -11.10
C GLY A 327 -6.80 -3.53 -11.94
N LEU A 328 -7.44 -3.97 -13.03
CA LEU A 328 -8.17 -3.06 -13.90
C LEU A 328 -9.32 -2.39 -13.17
N PHE A 329 -10.05 -3.15 -12.34
CA PHE A 329 -11.18 -2.57 -11.63
C PHE A 329 -10.72 -1.42 -10.74
N GLY A 330 -9.72 -1.67 -9.91
CA GLY A 330 -9.22 -0.62 -9.03
C GLY A 330 -8.56 0.52 -9.79
N SER A 331 -7.80 0.19 -10.84
CA SER A 331 -7.12 1.23 -11.60
C SER A 331 -8.12 2.15 -12.29
N LEU A 332 -9.20 1.61 -12.86
CA LEU A 332 -10.22 2.45 -13.46
C LEU A 332 -10.99 3.23 -12.41
N CYS A 333 -11.31 2.60 -11.27
CA CYS A 333 -11.98 3.31 -10.19
C CYS A 333 -11.12 4.42 -9.60
N GLY A 334 -9.81 4.35 -9.78
CA GLY A 334 -8.93 5.42 -9.33
C GLY A 334 -8.70 6.46 -10.40
N VAL A 335 -8.69 6.03 -11.67
CA VAL A 335 -8.56 6.99 -12.77
C VAL A 335 -9.78 7.88 -12.85
N ILE A 336 -10.96 7.32 -12.52
CA ILE A 336 -12.17 8.14 -12.48
C ILE A 336 -11.98 9.30 -11.50
N ILE A 337 -11.45 9.01 -10.32
CA ILE A 337 -11.20 10.07 -9.33
C ILE A 337 -10.09 11.00 -9.81
N GLY A 338 -9.07 10.45 -10.47
CA GLY A 338 -7.96 11.27 -10.92
C GLY A 338 -8.32 12.18 -12.07
N VAL A 339 -9.43 11.90 -12.75
CA VAL A 339 -9.92 12.82 -13.78
C VAL A 339 -10.97 13.77 -13.22
N VAL A 340 -11.81 13.29 -12.31
CA VAL A 340 -12.73 14.18 -11.61
C VAL A 340 -11.95 15.21 -10.80
N VAL A 341 -10.97 14.75 -10.04
CA VAL A 341 -9.97 15.64 -9.45
C VAL A 341 -8.97 15.92 -10.57
N SER A 342 -8.12 16.93 -10.40
CA SER A 342 -7.14 17.44 -11.35
C SER A 342 -7.82 18.25 -12.46
N LEU A 343 -9.15 18.26 -12.54
CA LEU A 343 -9.88 19.22 -13.36
C LEU A 343 -10.65 20.22 -12.51
N GLN A 344 -11.12 19.82 -11.34
CA GLN A 344 -11.62 20.72 -10.31
C GLN A 344 -10.66 20.82 -9.13
N LEU A 345 -9.35 20.64 -9.38
CA LEU A 345 -8.40 20.59 -8.28
C LEU A 345 -8.24 21.94 -7.59
N THR A 346 -8.21 23.02 -8.35
CA THR A 346 -8.11 24.35 -7.74
C THR A 346 -9.32 24.69 -6.87
N PRO A 347 -10.58 24.50 -7.31
CA PRO A 347 -11.69 24.70 -6.36
C PRO A 347 -11.65 23.74 -5.18
N ILE A 348 -11.15 22.52 -5.36
CA ILE A 348 -11.02 21.61 -4.22
C ILE A 348 -10.06 22.17 -3.18
N ILE A 349 -8.90 22.68 -3.64
CA ILE A 349 -7.96 23.30 -2.73
C ILE A 349 -8.52 24.56 -2.09
N GLU A 350 -9.30 25.35 -2.84
CA GLU A 350 -9.96 26.52 -2.26
C GLU A 350 -10.94 26.12 -1.16
N TRP A 351 -11.72 25.06 -1.40
CA TRP A 351 -12.64 24.58 -0.39
C TRP A 351 -11.90 24.05 0.84
N ILE A 352 -10.77 23.37 0.63
CA ILE A 352 -9.97 22.92 1.76
C ILE A 352 -9.44 24.11 2.56
N GLU A 353 -9.00 25.17 1.87
CA GLU A 353 -8.58 26.38 2.54
C GLU A 353 -9.70 27.02 3.34
N LYS A 354 -10.92 27.05 2.79
CA LYS A 354 -12.06 27.55 3.55
C LYS A 354 -12.30 26.69 4.78
N LEU A 355 -12.21 25.37 4.63
CA LEU A 355 -12.42 24.46 5.76
C LEU A 355 -11.29 24.57 6.77
N ILE A 356 -10.04 24.53 6.30
CA ILE A 356 -8.86 24.61 7.15
C ILE A 356 -8.20 25.95 6.89
N GLY A 357 -8.25 26.84 7.89
CA GLY A 357 -7.73 28.18 7.71
C GLY A 357 -6.22 28.24 7.67
N HIS A 358 -5.63 27.68 6.61
CA HIS A 358 -4.18 27.65 6.46
C HIS A 358 -3.84 27.77 4.98
N GLN A 359 -3.10 28.83 4.64
CA GLN A 359 -2.69 29.06 3.26
C GLN A 359 -1.54 28.12 2.90
N PHE A 360 -1.58 27.53 1.71
CA PHE A 360 -0.56 26.55 1.31
C PHE A 360 0.62 27.08 0.48
N LEU A 361 0.38 27.48 -0.76
CA LEU A 361 1.48 27.89 -1.64
C LEU A 361 1.82 29.38 -1.63
N SER A 362 1.17 30.15 -0.77
CA SER A 362 1.45 31.58 -0.68
C SER A 362 2.63 31.89 0.23
N SER A 363 2.74 33.14 0.69
CA SER A 363 3.87 33.55 1.55
C SER A 363 5.14 33.83 0.75
N ASP A 364 5.01 34.01 -0.57
CA ASP A 364 6.16 34.35 -1.43
C ASP A 364 7.49 33.64 -1.20
N ILE A 365 7.47 32.33 -0.97
CA ILE A 365 8.68 31.61 -0.86
C ILE A 365 8.44 30.58 -1.87
N TYR A 366 7.60 30.84 -2.86
CA TYR A 366 7.36 29.92 -3.93
C TYR A 366 6.94 30.78 -5.05
N PHE A 367 6.78 30.25 -6.24
CA PHE A 367 6.42 31.02 -7.40
C PHE A 367 4.99 31.03 -7.90
N ILE A 368 4.00 30.71 -7.09
CA ILE A 368 2.64 30.73 -7.50
C ILE A 368 1.73 30.54 -6.29
N ASP A 369 1.00 31.54 -5.83
CA ASP A 369 0.23 31.45 -4.60
C ASP A 369 -0.74 30.28 -4.58
N PHE A 370 -1.38 29.98 -5.71
CA PHE A 370 -2.38 28.93 -5.79
C PHE A 370 -1.71 27.63 -6.23
N LEU A 371 -2.53 26.58 -6.34
CA LEU A 371 -2.06 25.27 -6.78
C LEU A 371 -2.67 24.97 -8.14
N PRO A 372 -1.88 24.87 -9.21
CA PRO A 372 -2.45 24.69 -10.54
C PRO A 372 -2.74 23.22 -10.86
N SER A 373 -3.32 22.97 -12.02
CA SER A 373 -3.61 21.62 -12.44
C SER A 373 -3.74 21.57 -13.96
N GLU A 374 -3.25 20.48 -14.54
CA GLU A 374 -3.37 20.25 -15.98
C GLU A 374 -3.25 18.74 -16.22
N LEU A 375 -4.26 18.17 -16.84
CA LEU A 375 -4.34 16.72 -17.03
C LEU A 375 -3.82 16.37 -18.41
N HIS A 376 -2.63 15.78 -18.46
CA HIS A 376 -2.06 15.24 -19.69
C HIS A 376 -2.42 13.76 -19.73
N TRP A 377 -3.19 13.35 -20.74
CA TRP A 377 -3.68 11.97 -20.78
C TRP A 377 -2.56 10.98 -21.01
N LEU A 378 -1.40 11.43 -21.52
CA LEU A 378 -0.25 10.55 -21.59
C LEU A 378 0.21 10.14 -20.21
N ASP A 379 0.16 11.06 -19.24
CA ASP A 379 0.51 10.72 -17.86
C ASP A 379 -0.47 9.71 -17.29
N VAL A 380 -1.77 9.87 -17.59
CA VAL A 380 -2.77 8.91 -17.14
C VAL A 380 -2.48 7.54 -17.74
N PHE A 381 -2.15 7.49 -19.03
CA PHE A 381 -1.81 6.23 -19.67
C PHE A 381 -0.60 5.59 -19.00
N TYR A 382 0.44 6.39 -18.71
CA TYR A 382 1.62 5.86 -18.05
C TYR A 382 1.29 5.30 -16.67
N VAL A 383 0.46 6.03 -15.91
CA VAL A 383 0.08 5.58 -14.57
C VAL A 383 -0.68 4.25 -14.64
N LEU A 384 -1.62 4.17 -15.58
CA LEU A 384 -2.45 2.97 -15.69
C LEU A 384 -1.63 1.77 -16.17
N VAL A 385 -0.67 2.01 -17.07
CA VAL A 385 0.22 0.93 -17.51
C VAL A 385 1.12 0.48 -16.37
N THR A 386 1.59 1.43 -15.54
CA THR A 386 2.36 1.06 -14.37
C THR A 386 1.55 0.19 -13.41
N ALA A 387 0.29 0.58 -13.18
CA ALA A 387 -0.57 -0.19 -12.30
C ALA A 387 -0.80 -1.60 -12.85
N LEU A 388 -1.05 -1.72 -14.16
CA LEU A 388 -1.28 -3.04 -14.74
C LEU A 388 -0.02 -3.88 -14.74
N LEU A 389 1.14 -3.28 -15.00
CA LEU A 389 2.39 -4.03 -14.95
C LEU A 389 2.67 -4.54 -13.54
N LEU A 390 2.45 -3.71 -12.53
CA LEU A 390 2.63 -4.17 -11.16
C LEU A 390 1.63 -5.27 -10.80
N SER A 391 0.37 -5.14 -11.25
CA SER A 391 -0.60 -6.18 -11.00
C SER A 391 -0.21 -7.49 -11.67
N LEU A 392 0.30 -7.43 -12.90
CA LEU A 392 0.74 -8.64 -13.61
C LEU A 392 1.93 -9.28 -12.91
N LEU A 393 2.89 -8.45 -12.47
CA LEU A 393 4.03 -9.00 -11.73
C LEU A 393 3.57 -9.66 -10.43
N ALA A 394 2.58 -9.07 -9.76
CA ALA A 394 2.02 -9.68 -8.57
C ALA A 394 1.34 -11.01 -8.90
N SER A 395 0.58 -11.04 -10.00
CA SER A 395 -0.25 -12.17 -10.36
C SER A 395 0.54 -13.33 -10.95
N TRP A 396 1.75 -13.06 -11.43
CA TRP A 396 2.48 -14.09 -12.18
C TRP A 396 2.82 -15.31 -11.32
N TYR A 397 3.28 -15.10 -10.07
CA TYR A 397 3.75 -16.23 -9.28
C TYR A 397 2.60 -17.07 -8.72
N PRO A 398 1.51 -16.49 -8.19
CA PRO A 398 0.36 -17.33 -7.81
C PRO A 398 -0.18 -18.13 -8.98
N ALA A 399 -0.09 -17.56 -10.19
CA ALA A 399 -0.51 -18.30 -11.38
C ALA A 399 0.37 -19.53 -11.60
N ARG A 400 1.69 -19.36 -11.48
CA ARG A 400 2.60 -20.49 -11.64
C ARG A 400 2.36 -21.53 -10.55
N ARG A 401 2.07 -21.07 -9.32
CA ARG A 401 1.70 -21.99 -8.26
C ARG A 401 0.44 -22.77 -8.60
N ALA A 402 -0.57 -22.11 -9.17
CA ALA A 402 -1.79 -22.80 -9.57
C ALA A 402 -1.54 -23.79 -10.70
N SER A 403 -0.58 -23.49 -11.58
CA SER A 403 -0.37 -24.32 -12.76
C SER A 403 0.19 -25.69 -12.40
N ASN A 404 0.96 -25.79 -11.33
CA ASN A 404 1.69 -27.01 -11.01
C ASN A 404 1.16 -27.74 -9.78
N ILE A 405 -0.13 -27.58 -9.45
CA ILE A 405 -0.73 -28.29 -8.33
C ILE A 405 -1.90 -29.15 -8.83
N ASP A 406 -1.91 -30.41 -8.43
CA ASP A 406 -3.06 -31.27 -8.64
C ASP A 406 -3.62 -31.68 -7.28
N PRO A 407 -4.85 -31.27 -6.94
CA PRO A 407 -5.35 -31.55 -5.58
C PRO A 407 -5.43 -33.02 -5.25
N ALA A 408 -5.74 -33.88 -6.22
CA ALA A 408 -5.81 -35.31 -5.96
C ALA A 408 -4.43 -35.87 -5.63
N ARG A 409 -3.39 -35.36 -6.28
CA ARG A 409 -2.04 -35.86 -6.05
C ARG A 409 -1.53 -35.49 -4.66
N VAL A 410 -1.86 -34.30 -4.18
CA VAL A 410 -1.31 -33.82 -2.90
C VAL A 410 -2.19 -34.18 -1.71
N LEU A 411 -3.52 -34.20 -1.87
CA LEU A 411 -4.39 -34.56 -0.75
C LEU A 411 -4.37 -36.05 -0.47
N SER A 412 -4.28 -36.88 -1.50
CA SER A 412 -4.26 -38.33 -1.33
C SER A 412 -2.93 -38.91 -1.80
N SER B 1 12.48 26.21 -0.83
CA SER B 1 11.98 26.01 0.52
C SER B 1 12.87 25.04 1.31
N MET B 2 12.51 23.77 1.36
CA MET B 2 13.32 22.73 2.07
C MET B 2 14.73 22.57 1.47
N LEU B 3 14.86 22.49 0.14
CA LEU B 3 16.18 22.37 -0.55
C LEU B 3 16.67 23.77 -0.92
N SER B 4 16.11 24.81 -0.31
CA SER B 4 16.53 26.19 -0.54
C SER B 4 18.03 26.32 -0.44
N ARG B 5 18.68 25.39 0.25
CA ARG B 5 20.12 25.39 0.42
C ARG B 5 20.92 25.44 -0.88
N SER B 6 20.24 25.61 -2.00
CA SER B 6 20.93 25.76 -3.28
C SER B 6 22.08 26.75 -3.12
N PRO B 7 23.26 26.46 -3.64
CA PRO B 7 24.33 27.46 -3.62
C PRO B 7 23.81 28.75 -4.24
N VAL B 8 23.68 29.79 -3.39
CA VAL B 8 22.98 30.99 -3.82
C VAL B 8 23.72 31.66 -4.97
N GLU B 9 25.03 31.51 -5.04
CA GLU B 9 25.84 32.13 -6.07
C GLU B 9 26.63 31.05 -6.80
N PRO B 10 26.00 30.36 -7.75
CA PRO B 10 26.74 29.46 -8.64
C PRO B 10 27.11 30.09 -9.98
N VAL B 11 26.92 31.39 -10.13
CA VAL B 11 26.94 32.01 -11.46
C VAL B 11 28.29 31.82 -12.14
N GLN B 12 29.36 32.32 -11.53
CA GLN B 12 30.68 32.28 -12.16
C GLN B 12 30.61 32.87 -13.58
N SER B 13 30.12 34.10 -13.66
CA SER B 13 29.95 34.82 -14.91
C SER B 13 31.18 34.72 -15.81
N THR B 14 31.00 34.11 -16.97
CA THR B 14 32.11 33.93 -17.90
C THR B 14 32.40 35.21 -18.66
N TYR C 2 0.37 -16.53 34.34
CA TYR C 2 0.36 -17.21 33.05
C TYR C 2 -0.12 -16.29 31.92
N GLN C 3 0.49 -16.44 30.75
CA GLN C 3 0.13 -15.61 29.62
C GLN C 3 -1.24 -16.03 29.08
N PRO C 4 -1.94 -15.14 28.37
CA PRO C 4 -3.18 -15.57 27.70
C PRO C 4 -2.93 -16.71 26.74
N VAL C 5 -3.86 -17.67 26.69
CA VAL C 5 -3.68 -18.84 25.83
C VAL C 5 -3.73 -18.42 24.35
N ALA C 6 -4.48 -17.37 24.03
CA ALA C 6 -4.62 -16.96 22.64
C ALA C 6 -3.28 -16.57 22.03
N LEU C 7 -2.33 -16.15 22.85
CA LEU C 7 -1.01 -15.79 22.35
C LEU C 7 -0.35 -16.97 21.65
N PHE C 8 -0.45 -18.16 22.25
CA PHE C 8 0.18 -19.34 21.66
C PHE C 8 -0.39 -19.64 20.28
N ILE C 9 -1.72 -19.70 20.18
CA ILE C 9 -2.35 -20.03 18.89
C ILE C 9 -2.05 -18.95 17.86
N GLY C 10 -2.13 -17.69 18.27
CA GLY C 10 -1.86 -16.60 17.33
C GLY C 10 -0.44 -16.63 16.81
N LEU C 11 0.53 -16.86 17.70
CA LEU C 11 1.92 -16.90 17.28
C LEU C 11 2.21 -18.16 16.45
N ARG C 12 1.44 -19.23 16.65
CA ARG C 12 1.71 -20.45 15.90
C ARG C 12 1.08 -20.44 14.51
N TYR C 13 -0.06 -19.77 14.34
CA TYR C 13 -0.64 -19.68 13.00
C TYR C 13 0.24 -18.87 12.05
N MET C 14 1.05 -17.95 12.58
CA MET C 14 1.90 -17.14 11.71
C MET C 14 3.00 -17.95 11.05
N ARG C 15 3.29 -19.15 11.54
CA ARG C 15 4.35 -20.00 11.01
C ARG C 15 3.74 -21.25 10.36
N GLY C 16 4.61 -22.15 9.93
CA GLY C 16 4.19 -23.38 9.28
C GLY C 16 4.23 -23.28 7.77
N ARG C 17 3.51 -24.22 7.14
CA ARG C 17 3.41 -24.31 5.68
C ARG C 17 4.80 -24.41 5.05
N ALA C 18 5.64 -25.27 5.61
CA ALA C 18 7.00 -25.46 5.13
C ALA C 18 7.09 -26.38 3.91
N ALA C 19 5.98 -27.02 3.52
CA ALA C 19 6.00 -27.89 2.37
C ALA C 19 5.93 -27.14 1.05
N ASP C 20 5.56 -25.85 1.08
CA ASP C 20 5.47 -25.04 -0.13
C ASP C 20 6.25 -23.74 -0.05
N ARG C 21 6.51 -23.21 1.15
CA ARG C 21 7.31 -22.01 1.39
C ARG C 21 6.74 -20.78 0.69
N PHE C 22 5.46 -20.78 0.33
CA PHE C 22 4.83 -19.61 -0.27
C PHE C 22 3.67 -19.07 0.55
N GLY C 23 2.90 -19.94 1.21
CA GLY C 23 1.85 -19.46 2.10
C GLY C 23 2.38 -18.63 3.23
N ARG C 24 3.56 -18.99 3.76
CA ARG C 24 4.21 -18.18 4.78
C ARG C 24 4.57 -16.80 4.22
N PHE C 25 5.06 -16.77 2.98
CA PHE C 25 5.35 -15.49 2.34
C PHE C 25 4.07 -14.67 2.15
N VAL C 26 2.98 -15.33 1.78
CA VAL C 26 1.69 -14.63 1.66
C VAL C 26 1.23 -14.06 2.98
N SER C 27 1.36 -14.80 4.08
CA SER C 27 1.00 -14.30 5.39
C SER C 27 1.94 -13.19 5.88
N TRP C 28 3.20 -13.20 5.45
CA TRP C 28 4.14 -12.15 5.84
C TRP C 28 4.17 -10.98 4.87
N LEU C 29 3.36 -11.04 3.80
CA LEU C 29 3.28 -9.90 2.89
C LEU C 29 2.86 -8.61 3.60
N SER C 30 1.94 -8.72 4.56
CA SER C 30 1.52 -7.52 5.31
C SER C 30 2.69 -6.94 6.09
N THR C 31 3.47 -7.79 6.76
CA THR C 31 4.64 -7.32 7.49
C THR C 31 5.66 -6.70 6.55
N ILE C 32 5.85 -7.30 5.37
CA ILE C 32 6.80 -6.75 4.40
C ILE C 32 6.34 -5.38 3.92
N GLY C 33 5.05 -5.23 3.65
CA GLY C 33 4.53 -3.95 3.20
C GLY C 33 4.65 -2.88 4.26
N ILE C 34 4.33 -3.22 5.51
CA ILE C 34 4.49 -2.26 6.61
C ILE C 34 5.96 -1.89 6.77
N THR C 35 6.85 -2.88 6.64
CA THR C 35 8.28 -2.61 6.73
C THR C 35 8.74 -1.65 5.65
N LEU C 36 8.30 -1.87 4.41
CA LEU C 36 8.68 -0.98 3.31
C LEU C 36 8.15 0.43 3.54
N GLY C 37 6.89 0.54 3.98
CA GLY C 37 6.33 1.85 4.24
C GLY C 37 7.05 2.59 5.34
N VAL C 38 7.34 1.90 6.44
CA VAL C 38 8.06 2.53 7.56
C VAL C 38 9.49 2.85 7.16
N MET C 39 10.13 2.00 6.35
CA MET C 39 11.45 2.29 5.82
C MET C 39 11.45 3.60 5.05
N ALA C 40 10.51 3.73 4.11
CA ALA C 40 10.43 4.95 3.30
C ALA C 40 10.16 6.16 4.18
N LEU C 41 9.21 6.04 5.10
CA LEU C 41 8.89 7.15 5.99
C LEU C 41 10.12 7.57 6.80
N VAL C 42 10.80 6.62 7.42
CA VAL C 42 11.93 6.94 8.28
C VAL C 42 13.05 7.58 7.48
N THR C 43 13.39 7.00 6.33
CA THR C 43 14.55 7.52 5.59
C THR C 43 14.24 8.88 4.97
N VAL C 44 13.05 9.07 4.40
CA VAL C 44 12.74 10.35 3.80
C VAL C 44 12.55 11.43 4.85
N LEU C 45 11.95 11.08 5.99
CA LEU C 45 11.82 12.05 7.07
C LEU C 45 13.19 12.42 7.64
N SER C 46 14.11 11.46 7.74
CA SER C 46 15.46 11.78 8.17
C SER C 46 16.16 12.69 7.17
N VAL C 47 15.97 12.43 5.88
CA VAL C 47 16.59 13.28 4.86
C VAL C 47 16.05 14.69 4.93
N MET C 48 14.72 14.84 5.06
CA MET C 48 14.14 16.17 5.14
C MET C 48 14.50 16.86 6.46
N ASN C 49 14.62 16.10 7.54
CA ASN C 49 15.10 16.67 8.80
C ASN C 49 16.52 17.17 8.66
N GLY C 50 17.36 16.43 7.94
CA GLY C 50 18.71 16.92 7.66
C GLY C 50 18.72 18.17 6.80
N PHE C 51 17.84 18.23 5.81
CA PHE C 51 17.76 19.42 4.98
C PHE C 51 17.32 20.64 5.78
N GLU C 52 16.29 20.49 6.61
CA GLU C 52 15.85 21.61 7.44
C GLU C 52 16.85 21.91 8.55
N ARG C 53 17.65 20.92 8.97
CA ARG C 53 18.74 21.19 9.90
C ARG C 53 19.83 22.02 9.24
N GLU C 54 20.14 21.73 7.97
CA GLU C 54 21.07 22.57 7.23
C GLU C 54 20.54 23.98 7.06
N LEU C 55 19.24 24.12 6.77
CA LEU C 55 18.65 25.46 6.70
C LEU C 55 18.74 26.17 8.04
N GLN C 56 18.45 25.47 9.13
CA GLN C 56 18.55 26.02 10.48
C GLN C 56 19.97 26.45 10.83
N ASN C 57 20.96 25.66 10.45
CA ASN C 57 22.36 25.97 10.73
C ASN C 57 22.97 26.93 9.73
N ASN C 58 22.27 27.24 8.64
CA ASN C 58 22.75 28.19 7.64
C ASN C 58 21.93 29.46 7.56
N ILE C 59 20.63 29.41 7.89
CA ILE C 59 19.80 30.60 7.90
C ILE C 59 19.68 31.09 9.33
N LEU C 60 19.11 30.26 10.20
CA LEU C 60 18.90 30.66 11.59
C LEU C 60 20.18 30.61 12.41
N GLY C 61 21.11 29.72 12.05
CA GLY C 61 22.35 29.61 12.80
C GLY C 61 23.23 30.83 12.71
N LEU C 62 23.01 31.69 11.71
CA LEU C 62 23.84 32.87 11.49
C LEU C 62 23.06 34.17 11.63
N MET C 63 21.84 34.12 12.16
CA MET C 63 21.03 35.30 12.40
C MET C 63 20.49 35.21 13.82
N PRO C 64 20.08 36.35 14.40
CA PRO C 64 19.51 36.31 15.75
C PRO C 64 18.34 35.34 15.89
N GLN C 65 18.52 34.29 16.69
CA GLN C 65 17.49 33.28 16.87
C GLN C 65 16.33 33.77 17.74
N ALA C 66 16.60 34.60 18.75
CA ALA C 66 15.53 35.27 19.46
C ALA C 66 16.04 36.62 19.92
N ILE C 67 15.11 37.56 20.13
CA ILE C 67 15.43 38.90 20.61
C ILE C 67 14.48 39.26 21.74
N LEU C 68 15.05 39.59 22.90
CA LEU C 68 14.29 40.11 24.02
C LEU C 68 14.55 41.61 24.08
N SER C 69 13.50 42.41 23.88
CA SER C 69 13.62 43.85 23.84
C SER C 69 12.65 44.49 24.81
N SER C 70 12.60 45.82 24.82
CA SER C 70 11.69 46.55 25.69
C SER C 70 10.42 46.91 24.95
N GLU C 71 9.34 47.09 25.72
CA GLU C 71 8.03 47.34 25.12
C GLU C 71 8.01 48.64 24.33
N HIS C 72 8.60 49.70 24.89
CA HIS C 72 8.61 51.02 24.26
C HIS C 72 10.06 51.45 24.04
N GLY C 73 10.38 51.82 22.81
CA GLY C 73 11.71 52.29 22.51
C GLY C 73 12.75 51.20 22.61
N SER C 74 13.99 51.61 22.90
CA SER C 74 15.11 50.69 23.02
C SER C 74 15.13 50.03 24.40
N LEU C 75 16.15 49.23 24.64
CA LEU C 75 16.32 48.53 25.91
C LEU C 75 17.42 49.19 26.73
N ASN C 76 17.21 49.25 28.04
CA ASN C 76 18.20 49.81 28.95
C ASN C 76 18.92 48.66 29.64
N PRO C 77 20.20 48.42 29.36
CA PRO C 77 20.90 47.30 30.00
C PRO C 77 20.95 47.40 31.51
N GLN C 78 21.05 48.62 32.06
CA GLN C 78 21.04 48.78 33.51
C GLN C 78 19.68 48.42 34.10
N GLN C 79 18.60 48.73 33.40
CA GLN C 79 17.26 48.40 33.88
C GLN C 79 16.99 46.90 33.84
N LEU C 80 17.48 46.21 32.82
CA LEU C 80 17.30 44.76 32.67
C LEU C 80 18.66 44.12 32.49
N PRO C 81 19.33 43.75 33.58
CA PRO C 81 20.66 43.13 33.46
C PRO C 81 20.56 41.74 32.84
N GLU C 82 21.67 41.34 32.22
CA GLU C 82 21.72 40.03 31.57
C GLU C 82 21.66 38.90 32.58
N THR C 83 22.11 39.16 33.81
CA THR C 83 22.09 38.13 34.85
C THR C 83 20.68 37.69 35.19
N ALA C 84 19.70 38.58 35.03
CA ALA C 84 18.31 38.25 35.29
C ALA C 84 17.60 37.65 34.08
N VAL C 85 18.28 37.54 32.94
CA VAL C 85 17.66 37.01 31.72
C VAL C 85 17.89 35.50 31.75
N LYS C 86 16.94 34.78 32.33
CA LYS C 86 16.98 33.32 32.40
C LYS C 86 15.67 32.78 31.86
N LEU C 87 15.77 31.78 30.96
CA LEU C 87 14.60 31.18 30.35
C LEU C 87 14.93 29.76 29.91
N ASP C 88 13.89 28.98 29.64
CA ASP C 88 14.09 27.62 29.18
C ASP C 88 14.51 27.60 27.72
N GLY C 89 15.25 26.55 27.34
CA GLY C 89 15.73 26.37 25.99
C GLY C 89 16.79 27.34 25.55
N VAL C 90 17.06 28.40 26.31
CA VAL C 90 18.05 29.40 25.95
C VAL C 90 19.37 29.03 26.62
N ASN C 91 20.41 28.83 25.81
CA ASN C 91 21.71 28.45 26.34
C ASN C 91 22.73 29.58 26.32
N ARG C 92 22.44 30.69 25.67
CA ARG C 92 23.38 31.81 25.67
C ARG C 92 22.64 33.10 25.29
N VAL C 93 23.01 34.18 25.97
CA VAL C 93 22.42 35.50 25.76
C VAL C 93 23.54 36.51 25.57
N ALA C 94 23.42 37.32 24.53
CA ALA C 94 24.43 38.35 24.27
C ALA C 94 23.77 39.64 23.83
N PRO C 95 24.26 40.80 24.27
CA PRO C 95 23.66 42.07 23.82
C PRO C 95 23.82 42.24 22.32
N ILE C 96 22.80 42.84 21.69
CA ILE C 96 22.82 43.05 20.25
C ILE C 96 21.86 44.18 19.90
N THR C 97 22.14 44.84 18.78
CA THR C 97 21.20 45.76 18.18
C THR C 97 20.97 45.37 16.73
N THR C 98 19.70 45.22 16.33
CA THR C 98 19.36 44.80 14.99
C THR C 98 18.60 45.92 14.29
N GLY C 99 18.91 46.12 13.01
CA GLY C 99 18.20 47.15 12.27
C GLY C 99 18.07 46.80 10.81
N ASP C 100 17.04 47.36 10.19
CA ASP C 100 16.88 47.27 8.74
C ASP C 100 17.44 48.53 8.10
N VAL C 101 18.42 48.36 7.21
CA VAL C 101 19.21 49.48 6.70
C VAL C 101 19.24 49.44 5.19
N VAL C 102 19.54 50.59 4.61
CA VAL C 102 19.79 50.73 3.17
C VAL C 102 21.23 51.18 2.99
N LEU C 103 21.97 50.49 2.13
CA LEU C 103 23.37 50.73 1.90
C LEU C 103 23.56 51.31 0.51
N GLN C 104 24.15 52.51 0.45
CA GLN C 104 24.39 53.20 -0.81
C GLN C 104 25.90 53.24 -1.04
N SER C 105 26.34 52.73 -2.19
CA SER C 105 27.75 52.73 -2.55
C SER C 105 27.97 53.67 -3.72
N ALA C 106 29.22 53.75 -4.19
CA ALA C 106 29.50 54.54 -5.38
C ALA C 106 29.00 53.85 -6.64
N ARG C 107 28.75 52.55 -6.56
CA ARG C 107 28.36 51.76 -7.73
C ARG C 107 26.91 51.30 -7.72
N SER C 108 26.33 51.01 -6.57
CA SER C 108 24.98 50.47 -6.50
C SER C 108 24.41 50.69 -5.10
N VAL C 109 23.15 50.30 -4.93
CA VAL C 109 22.43 50.42 -3.67
C VAL C 109 21.77 49.08 -3.37
N ALA C 110 21.66 48.79 -2.07
CA ALA C 110 21.01 47.55 -1.65
C ALA C 110 20.36 47.76 -0.29
N VAL C 111 19.63 46.74 0.15
CA VAL C 111 18.99 46.74 1.46
C VAL C 111 19.56 45.57 2.26
N GLY C 112 19.75 45.78 3.56
CA GLY C 112 20.38 44.77 4.40
C GLY C 112 19.95 44.88 5.84
N VAL C 113 20.54 44.02 6.66
CA VAL C 113 20.28 43.97 8.09
C VAL C 113 21.58 44.25 8.82
N MET C 114 21.57 45.31 9.64
CA MET C 114 22.74 45.69 10.43
C MET C 114 22.66 45.02 11.79
N LEU C 115 23.75 44.33 12.17
CA LEU C 115 23.87 43.69 13.47
C LEU C 115 25.02 44.37 14.22
N GLY C 116 24.67 45.21 15.19
CA GLY C 116 25.66 45.80 16.07
C GLY C 116 25.92 44.92 17.26
N ILE C 117 27.17 44.46 17.38
CA ILE C 117 27.58 43.51 18.40
C ILE C 117 28.84 44.03 19.08
N ASP C 118 29.11 43.51 20.26
CA ASP C 118 30.37 43.79 20.94
C ASP C 118 31.48 42.88 20.41
N PRO C 119 32.63 43.42 19.99
CA PRO C 119 33.68 42.56 19.44
C PRO C 119 34.21 41.52 20.41
N ALA C 120 34.11 41.76 21.72
CA ALA C 120 34.70 40.87 22.70
C ALA C 120 34.03 39.49 22.74
N GLN C 121 32.79 39.39 22.28
CA GLN C 121 32.05 38.14 22.32
C GLN C 121 31.96 37.55 20.92
N LYS C 122 32.29 36.26 20.80
CA LYS C 122 32.27 35.60 19.50
C LYS C 122 30.84 35.38 19.04
N ASP C 123 30.66 35.33 17.71
CA ASP C 123 29.41 35.07 17.05
C ASP C 123 29.59 33.94 16.03
N PRO C 124 28.50 33.27 15.62
CA PRO C 124 28.63 32.24 14.59
C PRO C 124 29.15 32.80 13.28
N LEU C 125 29.06 34.12 13.12
CA LEU C 125 29.61 34.81 11.97
C LEU C 125 31.12 35.02 12.04
N THR C 126 31.70 35.01 13.24
CA THR C 126 33.12 35.27 13.43
C THR C 126 34.04 34.25 12.74
N PRO C 127 33.78 32.93 12.81
CA PRO C 127 34.69 31.99 12.14
C PRO C 127 34.76 32.18 10.63
N TYR C 128 33.75 32.80 10.01
CA TYR C 128 33.72 32.97 8.58
C TYR C 128 34.35 34.27 8.10
N LEU C 129 34.77 35.14 9.01
CA LEU C 129 35.40 36.40 8.63
C LEU C 129 36.71 36.13 7.90
N VAL C 130 36.93 36.84 6.80
CA VAL C 130 38.11 36.68 5.96
C VAL C 130 38.94 37.95 6.04
N ASN C 131 40.21 37.80 6.39
CA ASN C 131 41.18 38.88 6.56
C ASN C 131 40.57 40.10 7.26
N VAL C 132 39.76 39.86 8.27
CA VAL C 132 39.13 40.95 9.03
C VAL C 132 39.05 40.53 10.50
N LYS C 133 39.83 41.19 11.34
CA LYS C 133 39.83 40.89 12.77
C LYS C 133 38.50 41.33 13.39
N GLN C 134 37.90 40.46 14.20
CA GLN C 134 36.66 40.81 14.86
C GLN C 134 36.85 41.97 15.84
N THR C 135 37.97 41.98 16.56
CA THR C 135 38.26 43.06 17.51
C THR C 135 38.57 44.38 16.81
N ASP C 136 38.77 44.38 15.49
CA ASP C 136 39.06 45.62 14.78
C ASP C 136 37.85 46.53 14.69
N LEU C 137 36.66 46.05 15.05
CA LEU C 137 35.45 46.86 15.01
C LEU C 137 35.35 47.69 16.30
N GLU C 138 36.23 48.67 16.40
CA GLU C 138 36.29 49.54 17.55
C GLU C 138 35.21 50.61 17.47
N PRO C 139 34.72 51.09 18.61
CA PRO C 139 33.72 52.17 18.59
C PRO C 139 34.29 53.47 18.06
N GLY C 140 33.43 54.25 17.41
CA GLY C 140 33.82 55.49 16.79
C GLY C 140 34.51 55.35 15.45
N LYS C 141 35.08 54.19 15.14
CA LYS C 141 35.72 53.96 13.86
C LYS C 141 34.74 53.70 12.73
N TYR C 142 33.47 53.42 13.05
CA TYR C 142 32.45 53.10 12.06
C TYR C 142 32.90 51.94 11.17
N ASN C 143 33.12 50.80 11.81
CA ASN C 143 33.65 49.62 11.14
C ASN C 143 32.51 48.69 10.77
N VAL C 144 32.49 48.23 9.52
CA VAL C 144 31.43 47.36 9.01
C VAL C 144 32.07 46.21 8.25
N ILE C 145 31.54 45.00 8.45
CA ILE C 145 31.93 43.82 7.72
C ILE C 145 30.70 43.36 6.94
N LEU C 146 30.83 43.27 5.62
CA LEU C 146 29.72 42.91 4.76
C LEU C 146 29.82 41.45 4.33
N GLY C 147 28.66 40.88 3.99
CA GLY C 147 28.67 39.56 3.40
C GLY C 147 29.24 39.57 2.00
N GLU C 148 29.71 38.40 1.56
CA GLU C 148 30.33 38.31 0.24
C GLU C 148 29.34 38.67 -0.86
N GLN C 149 28.14 38.07 -0.84
CA GLN C 149 27.11 38.41 -1.81
C GLN C 149 26.63 39.85 -1.66
N LEU C 150 26.49 40.34 -0.42
CA LEU C 150 26.11 41.73 -0.22
C LEU C 150 27.19 42.67 -0.76
N ALA C 151 28.46 42.33 -0.54
CA ALA C 151 29.54 43.15 -1.07
C ALA C 151 29.54 43.15 -2.60
N SER C 152 29.29 41.98 -3.21
CA SER C 152 29.22 41.92 -4.66
C SER C 152 28.06 42.74 -5.20
N GLN C 153 26.90 42.69 -4.52
CA GLN C 153 25.77 43.52 -4.92
C GLN C 153 26.11 44.99 -4.79
N LEU C 154 26.77 45.38 -3.70
CA LEU C 154 27.12 46.77 -3.48
C LEU C 154 28.30 47.19 -4.34
N GLY C 155 29.11 46.24 -4.78
CA GLY C 155 30.28 46.54 -5.59
C GLY C 155 31.37 47.29 -4.86
N VAL C 156 31.65 46.94 -3.60
CA VAL C 156 32.70 47.55 -2.83
C VAL C 156 33.61 46.47 -2.26
N ASN C 157 34.72 46.90 -1.68
CA ASN C 157 35.69 45.98 -1.08
C ASN C 157 36.31 46.69 0.12
N ARG C 158 37.43 46.16 0.61
CA ARG C 158 38.08 46.72 1.79
C ARG C 158 38.58 48.14 1.51
N GLY C 159 38.41 49.02 2.49
CA GLY C 159 38.88 50.39 2.39
C GLY C 159 37.94 51.35 1.69
N ASP C 160 36.75 50.90 1.29
CA ASP C 160 35.79 51.75 0.61
C ASP C 160 34.64 52.06 1.56
N GLN C 161 34.06 53.25 1.40
CA GLN C 161 33.02 53.75 2.29
C GLN C 161 31.65 53.57 1.68
N ILE C 162 30.69 53.19 2.51
CA ILE C 162 29.30 53.01 2.11
C ILE C 162 28.41 53.80 3.06
N ARG C 163 27.40 54.47 2.51
CA ARG C 163 26.46 55.23 3.32
C ARG C 163 25.36 54.31 3.81
N VAL C 164 25.29 54.11 5.13
CA VAL C 164 24.27 53.27 5.76
C VAL C 164 23.20 54.19 6.32
N MET C 165 21.95 53.94 5.94
CA MET C 165 20.84 54.76 6.37
C MET C 165 19.72 53.90 6.94
N VAL C 166 19.10 54.40 8.00
CA VAL C 166 17.93 53.77 8.62
C VAL C 166 16.73 54.71 8.47
N PRO C 167 15.68 54.27 7.77
CA PRO C 167 14.47 55.10 7.70
C PRO C 167 13.62 55.06 8.96
N SER C 168 13.77 54.02 9.80
CA SER C 168 12.96 53.93 11.00
C SER C 168 13.26 55.05 11.98
N ALA C 169 14.50 55.55 11.98
CA ALA C 169 14.90 56.66 12.81
C ALA C 169 14.92 57.98 12.03
N SER C 170 14.04 58.13 11.04
CA SER C 170 14.01 59.34 10.23
C SER C 170 13.47 60.52 11.05
N GLN C 171 13.87 61.72 10.63
CA GLN C 171 13.42 62.97 11.25
C GLN C 171 12.59 63.73 10.24
N PHE C 172 11.42 64.21 10.68
CA PHE C 172 10.54 64.99 9.80
C PHE C 172 10.88 66.47 9.90
N THR C 173 10.97 67.13 8.75
CA THR C 173 11.30 68.54 8.67
C THR C 173 10.61 69.13 7.45
N PRO C 174 10.59 70.45 7.28
CA PRO C 174 10.03 71.03 6.05
C PRO C 174 10.71 70.52 4.78
N MET C 175 11.95 70.06 4.87
CA MET C 175 12.66 69.48 3.74
C MET C 175 12.38 67.99 3.57
N GLY C 176 11.33 67.48 4.18
CA GLY C 176 10.94 66.09 4.04
C GLY C 176 11.37 65.24 5.22
N ARG C 177 11.39 63.93 4.99
CA ARG C 177 11.86 62.99 6.00
C ARG C 177 13.28 62.57 5.70
N ILE C 178 14.17 62.80 6.66
CA ILE C 178 15.59 62.49 6.50
C ILE C 178 15.90 61.25 7.34
N PRO C 179 16.18 60.11 6.72
CA PRO C 179 16.59 58.93 7.49
C PRO C 179 17.97 59.13 8.09
N SER C 180 18.22 58.42 9.18
CA SER C 180 19.53 58.52 9.83
C SER C 180 20.60 57.96 8.91
N GLN C 181 21.72 58.67 8.80
CA GLN C 181 22.74 58.29 7.84
C GLN C 181 24.12 58.35 8.47
N ARG C 182 25.01 57.48 8.01
CA ARG C 182 26.39 57.50 8.48
C ARG C 182 27.27 56.75 7.49
N LEU C 183 28.48 57.24 7.31
CA LEU C 183 29.45 56.58 6.44
C LEU C 183 30.18 55.49 7.21
N PHE C 184 30.31 54.32 6.58
CA PHE C 184 30.94 53.16 7.19
C PHE C 184 32.07 52.65 6.31
N ASN C 185 33.14 52.19 6.94
CA ASN C 185 34.35 51.74 6.26
C ASN C 185 34.39 50.22 6.30
N VAL C 186 34.40 49.59 5.12
CA VAL C 186 34.48 48.13 5.04
C VAL C 186 35.94 47.70 5.16
N ILE C 187 36.19 46.67 5.98
CA ILE C 187 37.53 46.15 6.19
C ILE C 187 37.64 44.68 5.80
N GLY C 188 36.63 44.13 5.15
CA GLY C 188 36.70 42.74 4.73
C GLY C 188 35.32 42.22 4.38
N THR C 189 35.27 40.91 4.13
CA THR C 189 34.03 40.24 3.75
C THR C 189 33.87 38.98 4.58
N PHE C 190 32.62 38.57 4.76
CA PHE C 190 32.28 37.34 5.45
C PHE C 190 31.80 36.31 4.43
N ALA C 191 32.49 35.16 4.39
CA ALA C 191 32.19 34.10 3.43
C ALA C 191 31.57 32.93 4.17
N ALA C 192 30.25 32.80 4.05
CA ALA C 192 29.51 31.72 4.69
C ALA C 192 28.78 30.81 3.72
N ASN C 193 28.58 31.25 2.47
CA ASN C 193 27.79 30.51 1.49
C ASN C 193 26.40 30.20 2.07
N SER C 194 25.68 31.27 2.37
CA SER C 194 24.36 31.16 2.97
C SER C 194 23.51 32.35 2.56
N GLU C 195 22.19 32.20 2.70
CA GLU C 195 21.27 33.28 2.39
C GLU C 195 21.49 34.47 3.32
N VAL C 196 21.95 34.22 4.53
CA VAL C 196 22.16 35.30 5.51
C VAL C 196 23.28 36.23 5.05
N ASP C 197 24.27 35.70 4.32
CA ASP C 197 25.38 36.54 3.87
C ASP C 197 24.93 37.57 2.85
N GLY C 198 23.73 37.40 2.28
CA GLY C 198 23.25 38.33 1.28
C GLY C 198 22.76 39.65 1.82
N TYR C 199 22.37 39.69 3.10
CA TYR C 199 21.79 40.90 3.67
C TYR C 199 22.32 41.27 5.04
N GLU C 200 23.09 40.42 5.71
CA GLU C 200 23.52 40.70 7.06
C GLU C 200 24.93 41.28 7.06
N MET C 201 25.10 42.40 7.77
CA MET C 201 26.41 42.99 7.97
C MET C 201 26.63 43.18 9.47
N LEU C 202 27.90 43.19 9.86
CA LEU C 202 28.31 43.24 11.26
C LEU C 202 28.96 44.59 11.53
N VAL C 203 28.54 45.25 12.60
CA VAL C 203 29.16 46.50 13.05
C VAL C 203 29.34 46.44 14.57
N ASN C 204 30.11 47.39 15.09
CA ASN C 204 30.26 47.51 16.53
C ASN C 204 28.93 47.96 17.12
N ILE C 205 28.62 47.46 18.32
CA ILE C 205 27.32 47.72 18.92
C ILE C 205 27.16 49.19 19.27
N GLU C 206 28.24 49.84 19.67
CA GLU C 206 28.16 51.26 20.05
C GLU C 206 27.81 52.13 18.85
N ASP C 207 28.46 51.90 17.70
CA ASP C 207 28.20 52.72 16.52
C ASP C 207 26.76 52.56 16.06
N ALA C 208 26.27 51.32 15.98
CA ALA C 208 24.90 51.09 15.54
C ALA C 208 23.91 51.67 16.55
N SER C 209 24.18 51.51 17.84
CA SER C 209 23.29 52.03 18.87
C SER C 209 23.19 53.55 18.78
N ARG C 210 24.33 54.22 18.57
CA ARG C 210 24.29 55.66 18.39
C ARG C 210 23.62 56.05 17.08
N LEU C 211 23.68 55.17 16.08
CA LEU C 211 23.14 55.51 14.76
C LEU C 211 21.61 55.50 14.75
N MET C 212 20.99 54.59 15.49
CA MET C 212 19.53 54.50 15.54
C MET C 212 18.90 55.58 16.41
N ARG C 213 19.66 56.63 16.75
CA ARG C 213 19.18 57.72 17.60
C ARG C 213 18.73 57.20 18.96
N TYR C 214 19.42 56.17 19.45
CA TYR C 214 19.21 55.67 20.79
C TYR C 214 20.06 56.47 21.78
N PRO C 215 19.63 56.59 23.03
CA PRO C 215 20.48 57.23 24.04
C PRO C 215 21.75 56.42 24.26
N ALA C 216 22.82 57.13 24.60
CA ALA C 216 24.14 56.51 24.73
C ALA C 216 24.13 55.40 25.77
N GLY C 217 24.71 54.26 25.39
CA GLY C 217 24.80 53.11 26.27
C GLY C 217 23.69 52.10 26.10
N ASN C 218 22.59 52.46 25.44
CA ASN C 218 21.48 51.53 25.28
C ASN C 218 21.70 50.61 24.10
N ILE C 219 20.96 49.50 24.10
CA ILE C 219 21.02 48.50 23.04
C ILE C 219 19.59 48.16 22.64
N THR C 220 19.44 47.63 21.42
CA THR C 220 18.12 47.24 20.95
C THR C 220 17.57 46.09 21.77
N GLY C 221 18.39 45.10 22.08
CA GLY C 221 17.92 44.00 22.90
C GLY C 221 18.99 42.96 23.16
N TRP C 222 18.53 41.82 23.68
CA TRP C 222 19.38 40.68 23.96
C TRP C 222 19.09 39.60 22.92
N ARG C 223 20.12 39.20 22.19
CA ARG C 223 20.03 38.05 21.30
C ARG C 223 20.17 36.77 22.10
N LEU C 224 19.19 35.89 21.94
CA LEU C 224 19.09 34.64 22.67
C LEU C 224 19.25 33.49 21.69
N TRP C 225 20.21 32.61 21.97
CA TRP C 225 20.39 31.35 21.24
C TRP C 225 19.46 30.32 21.86
N LEU C 226 18.88 29.47 21.01
CA LEU C 226 17.97 28.42 21.46
C LEU C 226 18.52 27.07 21.06
N ASP C 227 18.43 26.11 21.99
CA ASP C 227 18.80 24.73 21.66
C ASP C 227 17.88 24.14 20.60
N GLU C 228 16.59 24.43 20.69
CA GLU C 228 15.61 24.01 19.68
C GLU C 228 14.82 25.23 19.26
N PRO C 229 15.34 26.03 18.33
CA PRO C 229 14.61 27.25 17.93
C PRO C 229 13.35 26.99 17.12
N LEU C 230 13.26 25.85 16.45
CA LEU C 230 12.08 25.55 15.64
C LEU C 230 10.82 25.37 16.47
N LYS C 231 10.96 25.14 17.78
CA LYS C 231 9.82 25.11 18.69
C LYS C 231 9.61 26.43 19.41
N VAL C 232 10.17 27.52 18.86
CA VAL C 232 10.18 28.81 19.53
C VAL C 232 8.76 29.28 19.85
N ASP C 233 7.78 28.86 19.04
CA ASP C 233 6.39 29.25 19.32
C ASP C 233 5.96 28.80 20.70
N SER C 234 6.29 27.57 21.08
CA SER C 234 6.03 27.13 22.45
C SER C 234 6.81 27.99 23.44
N LEU C 235 8.09 28.24 23.14
CA LEU C 235 8.88 29.13 23.98
C LEU C 235 8.38 30.57 23.90
N SER C 236 7.51 30.86 22.92
CA SER C 236 6.89 32.18 22.87
C SER C 236 5.82 32.35 23.94
N GLN C 237 5.37 31.25 24.56
CA GLN C 237 4.33 31.33 25.57
C GLN C 237 4.86 31.39 26.99
N GLN C 238 6.18 31.43 27.18
CA GLN C 238 6.74 31.44 28.52
C GLN C 238 6.49 32.78 29.21
N LYS C 239 6.76 32.80 30.51
CA LYS C 239 6.70 34.05 31.27
C LYS C 239 7.93 34.89 30.99
N LEU C 240 7.72 36.17 30.68
CA LEU C 240 8.81 37.07 30.34
C LEU C 240 9.00 38.12 31.42
N PRO C 241 10.20 38.68 31.53
CA PRO C 241 10.41 39.77 32.49
C PRO C 241 9.49 40.94 32.22
N GLU C 242 9.07 41.61 33.29
CA GLU C 242 8.11 42.69 33.18
C GLU C 242 8.65 43.82 32.30
N GLY C 243 7.79 44.35 31.44
CA GLY C 243 8.16 45.44 30.55
C GLY C 243 8.92 45.04 29.30
N SER C 244 9.10 43.75 29.06
CA SER C 244 9.86 43.27 27.90
C SER C 244 8.95 42.54 26.93
N LYS C 245 9.38 42.53 25.66
CA LYS C 245 8.70 41.81 24.60
C LYS C 245 9.67 40.82 23.97
N TRP C 246 9.10 39.74 23.45
CA TRP C 246 9.87 38.66 22.83
C TRP C 246 9.55 38.60 21.34
N GLN C 247 10.59 38.61 20.52
CA GLN C 247 10.45 38.43 19.08
C GLN C 247 11.45 37.37 18.63
N ASP C 248 11.18 36.79 17.46
CA ASP C 248 12.01 35.70 16.99
C ASP C 248 12.16 35.81 15.47
N TRP C 249 12.77 34.77 14.89
CA TRP C 249 13.02 34.78 13.45
C TRP C 249 11.74 34.69 12.64
N ARG C 250 10.63 34.29 13.26
CA ARG C 250 9.38 34.15 12.53
C ARG C 250 8.92 35.47 11.92
N ASP C 251 9.42 36.59 12.42
CA ASP C 251 9.10 37.88 11.82
C ASP C 251 9.66 38.00 10.42
N ARG C 252 10.89 37.50 10.20
CA ARG C 252 11.56 37.65 8.92
C ARG C 252 11.59 36.37 8.11
N LYS C 253 12.14 35.29 8.66
CA LYS C 253 12.31 34.04 7.93
C LYS C 253 11.36 32.95 8.41
N GLY C 254 10.19 33.34 8.94
CA GLY C 254 9.27 32.34 9.46
C GLY C 254 8.51 31.61 8.39
N GLU C 255 7.84 32.35 7.50
CA GLU C 255 6.99 31.73 6.48
C GLU C 255 7.76 30.67 5.71
N LEU C 256 8.95 31.03 5.20
CA LEU C 256 9.82 30.04 4.56
C LEU C 256 9.90 28.77 5.38
N PHE C 257 10.39 28.87 6.61
CA PHE C 257 10.49 27.69 7.47
C PHE C 257 9.14 27.04 7.68
N GLN C 258 8.10 27.84 7.89
CA GLN C 258 6.76 27.27 7.97
C GLN C 258 6.48 26.42 6.74
N ALA C 259 6.67 27.00 5.55
CA ALA C 259 6.51 26.24 4.32
C ALA C 259 7.33 24.97 4.36
N VAL C 260 8.60 25.08 4.78
CA VAL C 260 9.46 23.90 4.84
C VAL C 260 8.80 22.83 5.69
N ARG C 261 8.36 23.21 6.90
CA ARG C 261 7.70 22.22 7.76
C ARG C 261 6.48 21.65 7.04
N MET C 262 5.64 22.52 6.48
CA MET C 262 4.50 22.05 5.72
C MET C 262 4.95 21.11 4.62
N GLU C 263 6.10 21.37 4.00
CA GLU C 263 6.61 20.41 3.03
C GLU C 263 6.96 19.16 3.68
N LYS C 264 7.66 19.22 4.78
CA LYS C 264 8.07 17.99 5.36
C LYS C 264 6.83 17.31 5.73
N ASN C 265 5.87 17.99 6.27
CA ASN C 265 4.75 17.29 6.69
C ASN C 265 4.17 16.73 5.49
N MET C 266 4.19 17.36 4.36
CA MET C 266 3.52 16.76 3.25
C MET C 266 4.14 15.51 2.79
N MET C 267 5.44 15.45 2.72
CA MET C 267 6.03 14.28 2.18
C MET C 267 5.93 13.46 3.36
N GLY C 268 5.33 14.01 4.38
CA GLY C 268 5.14 13.15 5.51
C GLY C 268 3.86 12.34 5.43
N LEU C 269 2.87 12.84 4.70
CA LEU C 269 1.70 12.02 4.45
C LEU C 269 1.81 11.28 3.13
N LEU C 270 2.51 11.88 2.15
CA LEU C 270 2.62 11.28 0.82
C LEU C 270 3.21 9.89 0.88
N LEU C 271 4.08 9.62 1.86
CA LEU C 271 4.61 8.29 2.11
C LEU C 271 3.85 7.55 3.20
N SER C 272 3.27 8.28 4.15
CA SER C 272 2.47 7.62 5.18
C SER C 272 1.32 6.84 4.57
N LEU C 273 0.78 7.33 3.46
CA LEU C 273 -0.29 6.62 2.77
C LEU C 273 0.12 5.18 2.48
N ILE C 274 1.40 4.94 2.19
CA ILE C 274 1.89 3.58 1.99
C ILE C 274 1.46 2.69 3.15
N VAL C 275 1.86 3.03 4.38
CA VAL C 275 1.50 2.17 5.49
C VAL C 275 -0.02 2.14 5.66
N ALA C 276 -0.70 3.25 5.36
CA ALA C 276 -2.15 3.24 5.37
C ALA C 276 -2.69 2.16 4.46
N VAL C 277 -2.19 2.11 3.22
CA VAL C 277 -2.56 1.01 2.33
C VAL C 277 -2.15 -0.32 2.93
N ALA C 278 -0.95 -0.37 3.52
CA ALA C 278 -0.52 -1.59 4.20
C ALA C 278 -1.50 -1.98 5.29
N ALA C 279 -2.05 -0.99 6.00
CA ALA C 279 -3.09 -1.29 6.98
C ALA C 279 -4.26 -2.02 6.32
N PHE C 280 -4.76 -1.47 5.22
CA PHE C 280 -5.80 -2.16 4.47
C PHE C 280 -5.37 -3.57 4.12
N ASN C 281 -4.09 -3.74 3.76
CA ASN C 281 -3.58 -5.06 3.42
C ASN C 281 -3.83 -6.04 4.55
N ILE C 282 -3.56 -5.62 5.80
CA ILE C 282 -3.77 -6.50 6.94
C ILE C 282 -5.21 -7.03 6.93
N ILE C 283 -6.17 -6.13 6.71
CA ILE C 283 -7.58 -6.54 6.67
C ILE C 283 -7.74 -7.71 5.72
N THR C 284 -7.27 -7.55 4.48
CA THR C 284 -7.45 -8.60 3.49
C THR C 284 -6.85 -9.90 3.98
N SER C 285 -5.64 -9.84 4.56
CA SER C 285 -5.01 -11.05 5.06
C SER C 285 -5.95 -11.77 6.01
N LEU C 286 -6.46 -11.07 7.02
CA LEU C 286 -7.39 -11.71 7.94
C LEU C 286 -8.66 -12.13 7.20
N GLY C 287 -9.18 -11.25 6.34
CA GLY C 287 -10.39 -11.58 5.60
C GLY C 287 -10.21 -12.83 4.75
N LEU C 288 -8.95 -13.20 4.50
CA LEU C 288 -8.67 -14.46 3.85
C LEU C 288 -8.35 -15.54 4.87
N MET C 289 -7.48 -15.22 5.83
CA MET C 289 -7.00 -16.24 6.76
C MET C 289 -8.11 -16.79 7.63
N VAL C 290 -9.02 -15.94 8.09
CA VAL C 290 -10.23 -16.43 8.75
C VAL C 290 -10.97 -17.40 7.84
N MET C 291 -11.18 -16.99 6.58
CA MET C 291 -11.78 -17.90 5.61
C MET C 291 -10.93 -19.12 5.34
N GLU C 292 -9.63 -19.06 5.62
CA GLU C 292 -8.76 -20.21 5.49
C GLU C 292 -8.57 -20.98 6.79
N LYS C 293 -9.17 -20.51 7.90
CA LYS C 293 -9.01 -21.18 9.18
C LYS C 293 -10.30 -21.25 9.97
N GLN C 294 -11.44 -20.89 9.34
CA GLN C 294 -12.72 -20.97 10.04
C GLN C 294 -12.99 -22.41 10.50
N GLY C 295 -12.70 -23.39 9.65
CA GLY C 295 -12.85 -24.78 10.02
C GLY C 295 -12.03 -25.19 11.21
N GLU C 296 -10.96 -24.46 11.52
CA GLU C 296 -10.24 -24.65 12.78
C GLU C 296 -10.82 -23.84 13.93
N VAL C 297 -11.29 -22.62 13.66
CA VAL C 297 -11.90 -21.81 14.71
C VAL C 297 -13.11 -22.53 15.30
N ALA C 298 -13.87 -23.20 14.43
CA ALA C 298 -14.99 -24.01 14.90
C ALA C 298 -14.53 -24.97 16.00
N ILE C 299 -13.41 -25.66 15.79
CA ILE C 299 -12.88 -26.55 16.82
C ILE C 299 -12.57 -25.76 18.08
N LEU C 300 -11.89 -24.61 17.91
CA LEU C 300 -11.61 -23.77 19.06
C LEU C 300 -12.88 -23.25 19.70
N GLN C 301 -13.98 -23.25 18.95
CA GLN C 301 -15.27 -22.88 19.51
C GLN C 301 -15.94 -24.02 20.27
N THR C 302 -15.65 -25.26 19.91
CA THR C 302 -16.16 -26.38 20.68
C THR C 302 -15.44 -26.55 22.01
N GLN C 303 -14.26 -25.96 22.16
CA GLN C 303 -13.54 -25.96 23.42
C GLN C 303 -13.92 -24.71 24.21
N GLY C 304 -13.16 -24.40 25.26
CA GLY C 304 -13.56 -23.33 26.16
C GLY C 304 -13.21 -21.93 25.72
N LEU C 305 -12.76 -21.74 24.49
CA LEU C 305 -12.40 -20.40 24.03
C LEU C 305 -13.63 -19.53 23.87
N THR C 306 -13.59 -18.36 24.49
CA THR C 306 -14.66 -17.39 24.35
C THR C 306 -14.55 -16.71 22.98
N PRO C 307 -15.68 -16.32 22.38
CA PRO C 307 -15.60 -15.50 21.16
C PRO C 307 -14.76 -14.24 21.35
N ARG C 308 -14.85 -13.62 22.52
CA ARG C 308 -13.97 -12.51 22.84
C ARG C 308 -12.51 -12.93 22.95
N GLN C 309 -12.23 -14.23 23.02
CA GLN C 309 -10.86 -14.72 23.00
C GLN C 309 -10.43 -15.13 21.59
N ILE C 310 -11.38 -15.52 20.74
CA ILE C 310 -11.07 -15.70 19.32
C ILE C 310 -10.73 -14.36 18.69
N MET C 311 -11.47 -13.32 19.05
CA MET C 311 -11.12 -11.97 18.61
C MET C 311 -9.72 -11.61 19.07
N MET C 312 -9.36 -12.02 20.30
CA MET C 312 -8.00 -11.80 20.78
C MET C 312 -6.98 -12.57 19.96
N VAL C 313 -7.26 -13.83 19.62
CA VAL C 313 -6.25 -14.64 18.94
C VAL C 313 -6.05 -14.18 17.51
N PHE C 314 -7.04 -13.53 16.90
CA PHE C 314 -6.81 -12.96 15.57
C PHE C 314 -6.19 -11.57 15.65
N MET C 315 -6.64 -10.74 16.60
CA MET C 315 -6.06 -9.42 16.77
C MET C 315 -4.61 -9.46 17.20
N VAL C 316 -4.21 -10.48 17.98
CA VAL C 316 -2.81 -10.58 18.37
C VAL C 316 -1.95 -10.95 17.17
N GLN C 317 -2.47 -11.78 16.26
CA GLN C 317 -1.73 -12.07 15.03
C GLN C 317 -1.57 -10.81 14.19
N GLY C 318 -2.66 -10.06 14.01
CA GLY C 318 -2.58 -8.81 13.28
C GLY C 318 -1.61 -7.82 13.89
N ALA C 319 -1.69 -7.68 15.22
CA ALA C 319 -0.81 -6.79 15.96
C ALA C 319 0.65 -7.25 15.91
N SER C 320 0.89 -8.56 15.96
CA SER C 320 2.25 -9.06 15.85
C SER C 320 2.83 -8.74 14.49
N ALA C 321 2.04 -8.94 13.43
CA ALA C 321 2.50 -8.53 12.10
C ALA C 321 2.82 -7.05 12.06
N GLY C 322 1.92 -6.22 12.61
CA GLY C 322 2.17 -4.78 12.59
C GLY C 322 3.41 -4.38 13.37
N ILE C 323 3.59 -4.95 14.57
CA ILE C 323 4.73 -4.61 15.41
C ILE C 323 6.03 -5.06 14.76
N ILE C 324 6.06 -6.29 14.24
CA ILE C 324 7.28 -6.76 13.59
C ILE C 324 7.60 -5.88 12.39
N GLY C 325 6.60 -5.56 11.58
CA GLY C 325 6.84 -4.71 10.42
C GLY C 325 7.36 -3.34 10.81
N ALA C 326 6.70 -2.70 11.79
CA ALA C 326 7.09 -1.35 12.19
C ALA C 326 8.49 -1.33 12.78
N ILE C 327 8.78 -2.27 13.69
CA ILE C 327 10.08 -2.27 14.37
C ILE C 327 11.19 -2.57 13.38
N LEU C 328 11.02 -3.59 12.54
CA LEU C 328 12.06 -3.95 11.60
C LEU C 328 12.25 -2.85 10.55
N GLY C 329 11.15 -2.21 10.13
CA GLY C 329 11.27 -1.11 9.20
C GLY C 329 11.97 0.09 9.79
N ALA C 330 11.68 0.41 11.06
CA ALA C 330 12.39 1.51 11.71
C ALA C 330 13.87 1.18 11.88
N ALA C 331 14.18 -0.08 12.21
CA ALA C 331 15.58 -0.48 12.34
C ALA C 331 16.32 -0.34 11.01
N LEU C 332 15.71 -0.82 9.92
CA LEU C 332 16.38 -0.70 8.62
C LEU C 332 16.37 0.73 8.11
N GLY C 333 15.42 1.56 8.53
CA GLY C 333 15.48 2.96 8.20
C GLY C 333 16.63 3.67 8.89
N ALA C 334 16.86 3.36 10.17
CA ALA C 334 18.01 3.89 10.87
C ALA C 334 19.31 3.38 10.27
N LEU C 335 19.35 2.10 9.90
CA LEU C 335 20.52 1.51 9.26
C LEU C 335 20.79 2.08 7.88
N LEU C 336 19.74 2.41 7.12
CA LEU C 336 19.87 2.93 5.77
C LEU C 336 20.13 4.43 5.76
N ALA C 337 19.47 5.19 6.64
CA ALA C 337 19.80 6.59 6.79
C ALA C 337 21.18 6.73 7.45
N SER C 338 21.78 7.91 7.25
CA SER C 338 23.14 8.20 7.71
C SER C 338 24.15 7.32 6.99
N GLN C 339 23.69 6.56 5.99
CA GLN C 339 24.55 5.76 5.14
C GLN C 339 24.32 6.03 3.66
N LEU C 340 23.29 6.82 3.31
CA LEU C 340 23.09 7.19 1.91
C LEU C 340 24.26 8.03 1.40
N ASN C 341 24.93 8.74 2.30
CA ASN C 341 26.11 9.51 1.89
C ASN C 341 27.26 8.59 1.51
N ASN C 342 27.14 7.30 1.82
CA ASN C 342 28.15 6.34 1.38
C ASN C 342 27.75 5.72 0.04
N LEU C 343 26.46 5.44 -0.15
CA LEU C 343 26.02 4.78 -1.37
C LEU C 343 25.97 5.75 -2.55
N MET C 344 25.68 7.02 -2.29
CA MET C 344 25.61 7.99 -3.38
C MET C 344 26.92 8.15 -4.14
N PRO C 345 28.10 8.19 -3.50
CA PRO C 345 29.34 8.38 -4.29
C PRO C 345 29.55 7.35 -5.40
N ILE C 346 29.16 6.09 -5.18
CA ILE C 346 29.45 5.06 -6.17
C ILE C 346 28.63 5.25 -7.45
N ILE C 347 27.60 6.09 -7.42
CA ILE C 347 26.83 6.41 -8.61
C ILE C 347 26.96 7.91 -8.89
N GLY C 348 26.33 8.36 -9.97
CA GLY C 348 26.33 9.78 -10.30
C GLY C 348 25.70 10.63 -9.21
N VAL C 349 26.35 11.73 -8.86
CA VAL C 349 25.88 12.63 -7.81
C VAL C 349 25.39 13.91 -8.47
N LEU C 350 24.18 14.34 -8.12
CA LEU C 350 23.63 15.55 -8.70
C LEU C 350 23.88 16.77 -7.81
N LEU C 351 23.73 16.60 -6.50
CA LEU C 351 23.95 17.70 -5.58
C LEU C 351 25.44 17.97 -5.40
N ASP C 352 25.75 19.17 -4.93
CA ASP C 352 27.12 19.62 -4.71
C ASP C 352 27.38 19.78 -3.23
N GLY C 353 28.59 19.45 -2.79
CA GLY C 353 28.93 19.51 -1.38
C GLY C 353 28.47 18.28 -0.63
N ALA C 354 27.66 18.49 0.41
CA ALA C 354 27.10 17.36 1.15
C ALA C 354 26.19 16.54 0.25
N ALA C 355 26.33 15.22 0.31
CA ALA C 355 25.55 14.33 -0.54
C ALA C 355 24.07 14.38 -0.14
N LEU C 356 23.77 13.99 1.11
CA LEU C 356 22.42 14.04 1.63
C LEU C 356 22.50 14.23 3.13
N PRO C 357 22.03 15.37 3.65
CA PRO C 357 22.02 15.56 5.11
C PRO C 357 21.03 14.59 5.75
N VAL C 358 21.45 14.02 6.88
CA VAL C 358 20.64 13.05 7.61
C VAL C 358 20.60 13.46 9.07
N ALA C 359 19.42 13.74 9.58
CA ALA C 359 19.20 14.07 10.98
C ALA C 359 18.11 13.16 11.52
N ILE C 360 18.50 12.03 12.11
CA ILE C 360 17.55 11.05 12.63
C ILE C 360 17.19 11.45 14.05
N GLU C 361 15.96 11.90 14.24
CA GLU C 361 15.45 12.19 15.57
C GLU C 361 14.72 10.95 16.07
N PRO C 362 15.20 10.29 17.13
CA PRO C 362 14.51 9.08 17.60
C PRO C 362 13.06 9.31 18.01
N LEU C 363 12.72 10.52 18.45
CA LEU C 363 11.34 10.79 18.83
C LEU C 363 10.40 10.64 17.63
N GLN C 364 10.80 11.17 16.46
CA GLN C 364 9.97 11.04 15.27
C GLN C 364 9.83 9.58 14.86
N VAL C 365 10.92 8.82 14.92
CA VAL C 365 10.88 7.41 14.53
C VAL C 365 9.94 6.64 15.44
N ILE C 366 10.06 6.87 16.75
CA ILE C 366 9.17 6.19 17.71
C ILE C 366 7.72 6.60 17.48
N VAL C 367 7.46 7.89 17.25
CA VAL C 367 6.09 8.35 17.07
C VAL C 367 5.46 7.71 15.83
N ILE C 368 6.21 7.69 14.72
CA ILE C 368 5.65 7.11 13.51
C ILE C 368 5.52 5.59 13.60
N ALA C 369 6.43 4.92 14.30
CA ALA C 369 6.28 3.49 14.51
C ALA C 369 5.05 3.19 15.35
N LEU C 370 4.80 3.98 16.39
CA LEU C 370 3.62 3.79 17.22
C LEU C 370 2.35 4.10 16.44
N VAL C 371 2.39 5.11 15.56
CA VAL C 371 1.24 5.42 14.74
C VAL C 371 0.95 4.27 13.78
N ALA C 372 2.00 3.70 13.18
CA ALA C 372 1.82 2.55 12.31
C ALA C 372 1.23 1.37 13.07
N MET C 373 1.69 1.14 14.31
CA MET C 373 1.13 0.08 15.14
C MET C 373 -0.34 0.33 15.42
N ALA C 374 -0.70 1.58 15.75
CA ALA C 374 -2.09 1.90 16.05
C ALA C 374 -2.99 1.71 14.83
N ILE C 375 -2.51 2.12 13.66
CA ILE C 375 -3.29 1.95 12.44
C ILE C 375 -3.43 0.47 12.12
N ALA C 376 -2.38 -0.32 12.36
CA ALA C 376 -2.47 -1.76 12.17
C ALA C 376 -3.51 -2.38 13.10
N LEU C 377 -3.53 -1.94 14.35
CA LEU C 377 -4.54 -2.44 15.30
C LEU C 377 -5.95 -2.05 14.86
N LEU C 378 -6.13 -0.81 14.41
CA LEU C 378 -7.44 -0.38 13.95
C LEU C 378 -7.89 -1.20 12.74
N SER C 379 -6.96 -1.52 11.84
CA SER C 379 -7.30 -2.34 10.69
C SER C 379 -7.67 -3.77 11.12
N THR C 380 -6.87 -4.36 12.00
CA THR C 380 -7.09 -5.76 12.40
C THR C 380 -8.27 -5.92 13.34
N LEU C 381 -8.79 -4.82 13.89
CA LEU C 381 -9.91 -4.92 14.82
C LEU C 381 -11.16 -5.51 14.15
N TYR C 382 -11.45 -5.08 12.91
CA TYR C 382 -12.73 -5.43 12.30
C TYR C 382 -12.81 -6.89 11.88
N PRO C 383 -11.88 -7.44 11.08
CA PRO C 383 -12.00 -8.87 10.73
C PRO C 383 -11.95 -9.79 11.94
N SER C 384 -11.18 -9.41 12.97
CA SER C 384 -11.16 -10.19 14.21
C SER C 384 -12.53 -10.22 14.85
N TRP C 385 -13.20 -9.06 14.92
CA TRP C 385 -14.54 -9.00 15.49
C TRP C 385 -15.51 -9.84 14.68
N ARG C 386 -15.41 -9.78 13.35
CA ARG C 386 -16.33 -10.56 12.53
C ARG C 386 -16.10 -12.06 12.71
N ALA C 387 -14.83 -12.48 12.80
CA ALA C 387 -14.54 -13.88 13.03
C ALA C 387 -15.09 -14.33 14.38
N ALA C 388 -14.98 -13.47 15.39
CA ALA C 388 -15.52 -13.80 16.71
C ALA C 388 -17.05 -13.93 16.64
N ALA C 389 -17.71 -13.01 15.95
CA ALA C 389 -19.16 -12.94 15.97
C ALA C 389 -19.83 -13.93 15.02
N THR C 390 -19.09 -14.51 14.07
CA THR C 390 -19.70 -15.37 13.07
C THR C 390 -19.51 -16.83 13.46
N GLN C 391 -20.63 -17.55 13.60
CA GLN C 391 -20.57 -18.97 13.86
C GLN C 391 -20.16 -19.71 12.59
N PRO C 392 -19.41 -20.82 12.72
CA PRO C 392 -18.96 -21.55 11.53
C PRO C 392 -20.09 -22.11 10.68
N ALA C 393 -21.20 -22.49 11.31
CA ALA C 393 -22.26 -23.20 10.59
C ALA C 393 -22.86 -22.33 9.49
N GLU C 394 -23.14 -21.06 9.79
CA GLU C 394 -23.71 -20.17 8.80
C GLU C 394 -22.80 -19.94 7.61
N ALA C 395 -21.49 -19.78 7.85
CA ALA C 395 -20.55 -19.63 6.75
C ALA C 395 -20.46 -20.89 5.92
N LEU C 396 -20.42 -22.05 6.58
CA LEU C 396 -20.33 -23.31 5.84
C LEU C 396 -21.64 -23.65 5.15
N ARG C 397 -22.77 -23.47 5.83
CA ARG C 397 -24.07 -23.79 5.26
C ARG C 397 -24.57 -22.64 4.39
N ASN D 2 -40.46 -35.63 36.37
CA ASN D 2 -39.48 -36.72 36.42
C ASN D 2 -38.06 -36.18 36.39
N LYS D 3 -37.53 -35.99 35.18
CA LYS D 3 -36.17 -35.48 35.02
C LYS D 3 -36.12 -34.02 35.40
N ILE D 4 -35.13 -33.65 36.24
CA ILE D 4 -34.94 -32.29 36.71
C ILE D 4 -33.61 -31.71 36.22
N LEU D 5 -32.58 -32.55 36.13
CA LEU D 5 -31.26 -32.07 35.74
C LEU D 5 -31.26 -31.50 34.32
N LEU D 6 -31.91 -32.18 33.38
CA LEU D 6 -32.01 -31.73 32.00
C LEU D 6 -33.48 -31.72 31.60
N GLN D 7 -33.93 -30.62 31.02
CA GLN D 7 -35.30 -30.51 30.51
C GLN D 7 -35.24 -29.96 29.08
N CYS D 8 -35.54 -30.82 28.10
CA CYS D 8 -35.58 -30.42 26.70
C CYS D 8 -37.02 -30.40 26.22
N ASP D 9 -37.43 -29.27 25.64
CA ASP D 9 -38.82 -29.06 25.23
C ASP D 9 -38.84 -28.56 23.79
N ASN D 10 -39.37 -29.39 22.89
CA ASN D 10 -39.60 -29.01 21.49
C ASN D 10 -38.32 -28.51 20.81
N LEU D 11 -37.26 -29.31 20.87
CA LEU D 11 -36.01 -28.95 20.21
C LEU D 11 -36.23 -28.91 18.70
N CYS D 12 -36.17 -27.70 18.12
CA CYS D 12 -36.41 -27.51 16.70
C CYS D 12 -35.42 -26.50 16.15
N LYS D 13 -35.18 -26.59 14.84
CA LYS D 13 -34.27 -25.67 14.15
C LYS D 13 -34.88 -25.28 12.81
N ARG D 14 -35.02 -23.97 12.59
CA ARG D 14 -35.53 -23.43 11.35
C ARG D 14 -34.61 -22.32 10.86
N TYR D 15 -34.19 -22.42 9.59
CA TYR D 15 -33.33 -21.43 8.98
C TYR D 15 -33.80 -21.08 7.57
N GLN D 16 -35.10 -21.20 7.32
CA GLN D 16 -35.68 -20.91 6.01
C GLN D 16 -36.84 -19.94 6.21
N GLU D 17 -37.53 -19.62 5.11
CA GLU D 17 -38.66 -18.71 5.15
C GLU D 17 -39.95 -19.47 5.40
N GLY D 18 -41.07 -18.76 5.33
CA GLY D 18 -42.36 -19.40 5.53
C GLY D 18 -42.83 -20.16 4.30
N SER D 19 -43.57 -21.24 4.55
CA SER D 19 -44.22 -22.04 3.52
C SER D 19 -43.23 -22.80 2.65
N VAL D 20 -41.93 -22.64 2.91
CA VAL D 20 -40.93 -23.40 2.16
C VAL D 20 -40.30 -24.47 3.04
N GLN D 21 -40.46 -24.36 4.36
CA GLN D 21 -39.92 -25.34 5.29
C GLN D 21 -40.71 -26.64 5.21
N THR D 22 -40.02 -27.74 4.88
CA THR D 22 -40.69 -29.04 4.81
C THR D 22 -41.02 -29.54 6.21
N ASP D 23 -42.23 -30.07 6.37
CA ASP D 23 -42.72 -30.54 7.66
C ASP D 23 -42.04 -31.87 7.97
N VAL D 24 -40.78 -31.80 8.38
CA VAL D 24 -40.05 -33.02 8.72
C VAL D 24 -40.19 -33.36 10.20
N LEU D 25 -40.15 -32.37 11.08
CA LEU D 25 -40.25 -32.61 12.51
C LEU D 25 -41.08 -31.51 13.16
N HIS D 26 -41.98 -31.90 14.06
CA HIS D 26 -42.79 -30.95 14.80
C HIS D 26 -43.09 -31.54 16.17
N ASN D 27 -42.88 -30.74 17.22
CA ASN D 27 -43.14 -31.14 18.61
C ASN D 27 -42.39 -32.44 18.95
N VAL D 28 -41.09 -32.44 18.66
CA VAL D 28 -40.23 -33.59 18.94
C VAL D 28 -39.51 -33.32 20.26
N SER D 29 -39.68 -34.21 21.23
CA SER D 29 -39.07 -34.08 22.54
C SER D 29 -38.29 -35.34 22.85
N PHE D 30 -37.23 -35.18 23.65
CA PHE D 30 -36.33 -36.28 23.99
C PHE D 30 -36.24 -36.43 25.50
N SER D 31 -35.90 -37.64 25.93
CA SER D 31 -35.72 -37.97 27.35
C SER D 31 -34.24 -38.28 27.56
N VAL D 32 -33.50 -37.30 28.03
CA VAL D 32 -32.07 -37.43 28.28
C VAL D 32 -31.87 -37.59 29.78
N GLY D 33 -31.19 -38.65 30.18
CA GLY D 33 -30.96 -38.96 31.58
C GLY D 33 -29.49 -38.94 31.92
N GLU D 34 -29.17 -38.44 33.12
CA GLU D 34 -27.78 -38.40 33.56
C GLU D 34 -27.31 -39.80 33.95
N GLY D 35 -26.03 -40.08 33.68
CA GLY D 35 -25.42 -41.34 34.06
C GLY D 35 -25.58 -42.46 33.05
N GLU D 36 -26.50 -42.32 32.10
CA GLU D 36 -26.76 -43.36 31.11
C GLU D 36 -26.02 -43.08 29.82
N MET D 37 -25.53 -44.15 29.19
CA MET D 37 -24.79 -44.06 27.94
C MET D 37 -25.78 -44.23 26.80
N MET D 38 -26.27 -43.11 26.28
CA MET D 38 -27.29 -43.12 25.22
C MET D 38 -26.62 -43.30 23.87
N ALA D 39 -27.25 -44.12 23.02
CA ALA D 39 -26.75 -44.37 21.68
C ALA D 39 -27.86 -44.10 20.67
N ILE D 40 -27.50 -43.45 19.56
CA ILE D 40 -28.44 -43.11 18.50
C ILE D 40 -27.98 -43.79 17.22
N VAL D 41 -28.92 -44.47 16.55
CA VAL D 41 -28.64 -45.20 15.33
C VAL D 41 -29.31 -44.49 14.16
N GLY D 42 -28.75 -44.69 12.97
CA GLY D 42 -29.29 -44.09 11.77
C GLY D 42 -28.32 -44.23 10.62
N SER D 43 -28.74 -43.69 9.48
CA SER D 43 -27.95 -43.72 8.26
C SER D 43 -27.28 -42.36 8.05
N SER D 44 -26.22 -42.36 7.25
CA SER D 44 -25.49 -41.13 6.96
C SER D 44 -26.33 -40.21 6.08
N GLY D 45 -26.25 -38.92 6.36
CA GLY D 45 -26.97 -37.93 5.59
C GLY D 45 -28.46 -37.88 5.85
N SER D 46 -28.92 -38.38 7.00
CA SER D 46 -30.32 -38.38 7.34
C SER D 46 -30.66 -37.34 8.41
N GLY D 47 -29.93 -36.23 8.41
CA GLY D 47 -30.18 -35.14 9.34
C GLY D 47 -29.90 -35.48 10.80
N LYS D 48 -28.85 -36.24 11.07
CA LYS D 48 -28.47 -36.56 12.44
C LYS D 48 -27.40 -35.63 13.01
N SER D 49 -26.55 -35.06 12.15
CA SER D 49 -25.45 -34.22 12.62
C SER D 49 -25.92 -32.83 13.04
N THR D 50 -26.95 -32.29 12.40
CA THR D 50 -27.40 -30.94 12.72
C THR D 50 -27.90 -30.86 14.16
N LEU D 51 -28.72 -31.81 14.59
CA LEU D 51 -29.23 -31.79 15.96
C LEU D 51 -28.10 -31.92 16.97
N LEU D 52 -27.12 -32.80 16.72
CA LEU D 52 -26.04 -32.98 17.67
C LEU D 52 -25.13 -31.77 17.71
N HIS D 53 -24.95 -31.08 16.58
CA HIS D 53 -24.28 -29.78 16.58
C HIS D 53 -25.07 -28.74 17.37
N LEU D 54 -26.40 -28.80 17.31
CA LEU D 54 -27.23 -27.91 18.11
C LEU D 54 -27.19 -28.31 19.59
N LEU D 55 -27.03 -29.60 19.87
CA LEU D 55 -26.99 -30.09 21.24
C LEU D 55 -25.76 -29.61 22.01
N GLY D 56 -24.73 -29.15 21.30
CA GLY D 56 -23.52 -28.71 21.95
C GLY D 56 -23.54 -27.30 22.51
N GLY D 57 -24.68 -26.62 22.41
CA GLY D 57 -24.76 -25.25 22.87
C GLY D 57 -24.11 -24.25 21.97
N LEU D 58 -23.70 -24.66 20.77
CA LEU D 58 -23.07 -23.74 19.83
C LEU D 58 -24.05 -22.69 19.34
N ASP D 59 -25.27 -23.10 19.03
CA ASP D 59 -26.29 -22.20 18.48
C ASP D 59 -27.55 -22.26 19.33
N THR D 60 -28.32 -21.19 19.28
CA THR D 60 -29.57 -21.09 20.01
C THR D 60 -30.70 -21.74 19.23
N PRO D 61 -31.44 -22.67 19.84
CA PRO D 61 -32.54 -23.32 19.10
C PRO D 61 -33.64 -22.32 18.78
N THR D 62 -34.21 -22.44 17.56
CA THR D 62 -35.28 -21.54 17.16
C THR D 62 -36.52 -21.73 18.02
N SER D 63 -36.86 -22.97 18.34
CA SER D 63 -38.03 -23.27 19.15
C SER D 63 -37.64 -24.27 20.23
N GLY D 64 -38.36 -24.22 21.34
CA GLY D 64 -38.11 -25.09 22.47
C GLY D 64 -37.10 -24.50 23.43
N ASP D 65 -37.02 -25.13 24.60
CA ASP D 65 -36.14 -24.67 25.68
C ASP D 65 -35.33 -25.83 26.23
N VAL D 66 -34.12 -25.52 26.70
CA VAL D 66 -33.28 -26.47 27.39
C VAL D 66 -32.97 -25.88 28.76
N ILE D 67 -33.41 -26.54 29.81
CA ILE D 67 -33.33 -26.04 31.18
C ILE D 67 -32.44 -26.95 31.99
N PHE D 68 -31.45 -26.36 32.66
CA PHE D 68 -30.54 -27.07 33.57
C PHE D 68 -30.81 -26.55 34.97
N ASN D 69 -31.70 -27.22 35.70
CA ASN D 69 -32.06 -26.86 37.08
C ASN D 69 -32.56 -25.43 37.19
N GLY D 70 -33.27 -24.95 36.16
CA GLY D 70 -33.85 -23.62 36.18
C GLY D 70 -33.04 -22.54 35.50
N GLN D 71 -31.92 -22.88 34.88
CA GLN D 71 -31.07 -21.86 34.26
C GLN D 71 -31.06 -21.99 32.74
N PRO D 72 -31.79 -21.13 32.02
CA PRO D 72 -31.70 -21.13 30.56
C PRO D 72 -30.29 -20.77 30.11
N MET D 73 -29.88 -21.34 28.97
CA MET D 73 -28.57 -21.01 28.41
C MET D 73 -28.58 -19.65 27.73
N SER D 74 -29.69 -19.30 27.07
CA SER D 74 -29.74 -18.06 26.30
C SER D 74 -29.57 -16.83 27.19
N LYS D 75 -30.24 -16.80 28.34
CA LYS D 75 -30.06 -15.71 29.28
C LYS D 75 -28.74 -15.83 30.05
N LEU D 76 -28.12 -17.02 30.03
CA LEU D 76 -26.85 -17.23 30.69
C LEU D 76 -25.71 -16.70 29.82
N SER D 77 -24.62 -16.30 30.48
CA SER D 77 -23.49 -15.66 29.81
C SER D 77 -22.77 -16.67 28.91
N SER D 78 -22.08 -16.13 27.90
CA SER D 78 -21.30 -16.98 26.99
C SER D 78 -20.10 -17.61 27.67
N ALA D 79 -19.59 -17.00 28.75
CA ALA D 79 -18.51 -17.63 29.51
C ALA D 79 -18.97 -18.94 30.14
N ALA D 80 -20.20 -18.97 30.65
CA ALA D 80 -20.75 -20.22 31.17
C ALA D 80 -20.93 -21.25 30.06
N LYS D 81 -21.30 -20.80 28.85
CA LYS D 81 -21.38 -21.71 27.72
C LYS D 81 -20.02 -22.31 27.39
N ALA D 82 -18.97 -21.49 27.40
CA ALA D 82 -17.61 -22.00 27.19
C ALA D 82 -17.22 -22.98 28.28
N GLU D 83 -17.58 -22.67 29.53
CA GLU D 83 -17.30 -23.59 30.64
C GLU D 83 -17.99 -24.93 30.43
N LEU D 84 -19.24 -24.90 29.99
CA LEU D 84 -20.00 -26.13 29.74
C LEU D 84 -19.36 -26.92 28.61
N ARG D 85 -18.95 -26.24 27.54
CA ARG D 85 -18.31 -26.92 26.42
C ARG D 85 -16.90 -27.41 26.76
N ASN D 86 -16.27 -26.86 27.79
CA ASN D 86 -14.91 -27.22 28.14
C ASN D 86 -14.81 -28.33 29.19
N GLN D 87 -15.57 -28.26 30.28
CA GLN D 87 -15.45 -29.24 31.35
C GLN D 87 -16.69 -30.10 31.56
N LYS D 88 -17.79 -29.83 30.87
CA LYS D 88 -19.01 -30.61 31.03
C LYS D 88 -19.34 -31.46 29.82
N LEU D 89 -18.98 -31.02 28.62
CA LEU D 89 -19.42 -31.64 27.39
C LEU D 89 -18.22 -32.00 26.52
N GLY D 90 -18.22 -33.20 25.97
CA GLY D 90 -17.20 -33.63 25.04
C GLY D 90 -17.77 -33.80 23.65
N PHE D 91 -17.16 -33.12 22.67
CA PHE D 91 -17.77 -32.98 21.35
C PHE D 91 -16.77 -33.44 20.29
N ILE D 92 -17.24 -34.27 19.36
CA ILE D 92 -16.43 -34.76 18.24
C ILE D 92 -17.20 -34.53 16.95
N TYR D 93 -16.49 -34.04 15.93
CA TYR D 93 -17.07 -33.91 14.60
C TYR D 93 -17.03 -35.24 13.86
N GLN D 94 -17.62 -35.24 12.66
CA GLN D 94 -17.55 -36.38 11.75
C GLN D 94 -16.11 -36.64 11.34
N PHE D 95 -15.43 -35.61 10.86
CA PHE D 95 -14.07 -35.74 10.39
C PHE D 95 -13.09 -35.74 11.57
N HIS D 96 -11.81 -35.88 11.26
CA HIS D 96 -10.78 -35.71 12.28
C HIS D 96 -10.76 -34.29 12.82
N HIS D 97 -10.84 -33.30 11.91
CA HIS D 97 -10.71 -31.89 12.23
C HIS D 97 -9.60 -31.63 13.25
N LEU D 98 -8.40 -32.05 12.88
CA LEU D 98 -7.21 -31.82 13.67
C LEU D 98 -6.68 -30.42 13.36
N LEU D 99 -5.67 -29.99 14.11
CA LEU D 99 -5.06 -28.70 13.88
C LEU D 99 -3.67 -28.91 13.28
N PRO D 100 -3.48 -28.67 11.98
CA PRO D 100 -2.18 -28.96 11.36
C PRO D 100 -1.03 -28.13 11.92
N ASP D 101 -1.29 -26.93 12.42
CA ASP D 101 -0.22 -26.09 12.96
C ASP D 101 0.26 -26.52 14.33
N PHE D 102 -0.50 -27.37 15.02
CA PHE D 102 -0.15 -27.85 16.34
C PHE D 102 0.19 -29.34 16.28
N THR D 103 1.13 -29.76 17.12
CA THR D 103 1.51 -31.16 17.17
C THR D 103 0.41 -31.97 17.86
N ALA D 104 0.55 -33.30 17.79
CA ALA D 104 -0.45 -34.17 18.41
C ALA D 104 -0.50 -33.97 19.91
N LEU D 105 0.66 -33.83 20.56
CA LEU D 105 0.69 -33.60 22.00
C LEU D 105 0.05 -32.26 22.34
N GLU D 106 0.34 -31.22 21.56
CA GLU D 106 -0.26 -29.92 21.79
C GLU D 106 -1.77 -29.96 21.59
N ASN D 107 -2.24 -30.65 20.55
CA ASN D 107 -3.68 -30.79 20.35
C ASN D 107 -4.35 -31.56 21.48
N VAL D 108 -3.71 -32.61 21.99
CA VAL D 108 -4.23 -33.34 23.13
C VAL D 108 -4.30 -32.46 24.38
N ALA D 109 -3.27 -31.67 24.64
CA ALA D 109 -3.24 -30.82 25.82
C ALA D 109 -4.06 -29.55 25.65
N MET D 110 -4.53 -29.24 24.45
CA MET D 110 -5.30 -28.02 24.23
C MET D 110 -6.54 -27.93 25.12
N PRO D 111 -7.35 -28.98 25.32
CA PRO D 111 -8.45 -28.84 26.28
C PRO D 111 -8.00 -28.43 27.67
N LEU D 112 -6.87 -28.97 28.13
CA LEU D 112 -6.32 -28.53 29.42
C LEU D 112 -5.68 -27.15 29.30
N LEU D 113 -5.05 -26.87 28.17
CA LEU D 113 -4.37 -25.59 27.99
C LEU D 113 -5.34 -24.43 28.08
N ILE D 114 -6.52 -24.58 27.49
CA ILE D 114 -7.56 -23.56 27.60
C ILE D 114 -8.09 -23.49 29.03
N GLY D 115 -8.03 -24.59 29.77
CA GLY D 115 -8.59 -24.66 31.10
C GLY D 115 -7.79 -23.96 32.17
N LYS D 116 -6.67 -23.34 31.79
CA LYS D 116 -5.85 -22.54 32.69
C LYS D 116 -5.33 -23.36 33.88
N LYS D 117 -4.99 -24.61 33.62
CA LYS D 117 -4.47 -25.46 34.67
C LYS D 117 -2.94 -25.40 34.73
N LYS D 118 -2.41 -25.70 35.90
CA LYS D 118 -0.97 -25.56 36.12
C LYS D 118 -0.21 -26.60 35.29
N PRO D 119 0.90 -26.20 34.67
CA PRO D 119 1.63 -27.13 33.79
C PRO D 119 2.10 -28.40 34.48
N ALA D 120 2.46 -28.33 35.77
CA ALA D 120 3.13 -29.46 36.41
C ALA D 120 2.28 -30.73 36.39
N GLU D 121 1.11 -30.69 37.03
CA GLU D 121 0.30 -31.90 37.16
C GLU D 121 -0.25 -32.36 35.81
N ILE D 122 -0.62 -31.42 34.94
CA ILE D 122 -1.18 -31.81 33.65
C ILE D 122 -0.11 -32.49 32.80
N ASN D 123 1.12 -31.97 32.83
CA ASN D 123 2.21 -32.60 32.09
C ASN D 123 2.57 -33.95 32.69
N SER D 124 2.53 -34.08 34.02
CA SER D 124 2.80 -35.36 34.64
C SER D 124 1.76 -36.40 34.21
N ARG D 125 0.49 -36.02 34.22
CA ARG D 125 -0.57 -36.94 33.79
C ARG D 125 -0.43 -37.28 32.32
N ALA D 126 -0.07 -36.29 31.48
CA ALA D 126 0.11 -36.54 30.06
C ALA D 126 1.24 -37.53 29.82
N LEU D 127 2.36 -37.37 30.55
CA LEU D 127 3.47 -38.29 30.41
C LEU D 127 3.10 -39.69 30.87
N GLU D 128 2.35 -39.79 31.98
CA GLU D 128 1.90 -41.10 32.45
C GLU D 128 0.99 -41.77 31.43
N MET D 129 0.08 -40.99 30.84
CA MET D 129 -0.82 -41.54 29.81
C MET D 129 -0.03 -41.97 28.57
N LEU D 130 0.99 -41.20 28.19
CA LEU D 130 1.82 -41.58 27.06
C LEU D 130 2.56 -42.89 27.34
N LYS D 131 3.10 -43.03 28.56
CA LYS D 131 3.78 -44.27 28.92
C LYS D 131 2.81 -45.45 28.91
N ALA D 132 1.59 -45.24 29.41
CA ALA D 132 0.60 -46.31 29.40
C ALA D 132 0.21 -46.71 27.98
N VAL D 133 0.00 -45.73 27.10
CA VAL D 133 -0.33 -46.02 25.71
C VAL D 133 0.84 -46.62 24.95
N GLY D 134 2.03 -46.06 25.12
CA GLY D 134 3.22 -46.52 24.42
C GLY D 134 3.53 -45.80 23.12
N LEU D 135 2.92 -44.65 22.86
CA LEU D 135 3.11 -43.91 21.62
C LEU D 135 4.05 -42.72 21.82
N ASP D 136 5.09 -42.90 22.64
CA ASP D 136 6.00 -41.80 22.94
C ASP D 136 6.90 -41.45 21.75
N HIS D 137 7.09 -42.39 20.82
CA HIS D 137 8.06 -42.19 19.75
C HIS D 137 7.68 -41.04 18.84
N ARG D 138 6.41 -40.92 18.47
CA ARG D 138 5.94 -39.87 17.57
C ARG D 138 5.44 -38.71 18.42
N ALA D 139 6.35 -37.77 18.68
CA ALA D 139 5.99 -36.60 19.49
C ALA D 139 6.25 -35.30 18.74
N ASN D 140 7.32 -35.26 17.95
CA ASN D 140 7.69 -34.05 17.22
C ASN D 140 7.25 -34.06 15.77
N HIS D 141 6.67 -35.15 15.28
CA HIS D 141 6.29 -35.26 13.88
C HIS D 141 4.99 -34.51 13.62
N ARG D 142 4.80 -34.13 12.35
CA ARG D 142 3.67 -33.29 11.96
C ARG D 142 2.41 -34.13 11.78
N PRO D 143 1.26 -33.58 12.16
CA PRO D 143 -0.01 -34.29 11.90
C PRO D 143 -0.31 -34.47 10.42
N SER D 144 0.25 -33.63 9.56
CA SER D 144 -0.03 -33.73 8.13
C SER D 144 0.45 -35.05 7.55
N GLU D 145 1.59 -35.55 8.03
CA GLU D 145 2.17 -36.79 7.53
C GLU D 145 1.73 -38.02 8.32
N LEU D 146 0.57 -37.95 8.97
CA LEU D 146 0.02 -39.07 9.72
C LEU D 146 -1.12 -39.72 8.96
N SER D 147 -1.48 -40.93 9.39
CA SER D 147 -2.54 -41.68 8.76
C SER D 147 -3.89 -41.28 9.36
N GLY D 148 -4.97 -41.76 8.74
CA GLY D 148 -6.31 -41.45 9.20
C GLY D 148 -6.62 -42.01 10.56
N GLY D 149 -6.23 -43.26 10.80
CA GLY D 149 -6.49 -43.87 12.10
C GLY D 149 -5.74 -43.18 13.23
N GLU D 150 -4.49 -42.78 12.98
CA GLU D 150 -3.69 -42.13 14.00
C GLU D 150 -4.31 -40.80 14.40
N ARG D 151 -4.67 -39.97 13.42
CA ARG D 151 -5.27 -38.68 13.71
C ARG D 151 -6.66 -38.83 14.32
N GLN D 152 -7.41 -39.86 13.90
CA GLN D 152 -8.71 -40.12 14.52
C GLN D 152 -8.56 -40.46 15.99
N ARG D 153 -7.56 -41.29 16.32
CA ARG D 153 -7.33 -41.63 17.72
C ARG D 153 -6.81 -40.43 18.50
N VAL D 154 -6.04 -39.55 17.85
CA VAL D 154 -5.65 -38.30 18.50
C VAL D 154 -6.88 -37.48 18.84
N ALA D 155 -7.84 -37.39 17.92
CA ALA D 155 -9.07 -36.66 18.18
C ALA D 155 -9.85 -37.29 19.33
N ILE D 156 -9.92 -38.62 19.36
CA ILE D 156 -10.63 -39.31 20.45
C ILE D 156 -9.97 -39.00 21.78
N ALA D 157 -8.63 -39.09 21.82
CA ALA D 157 -7.91 -38.79 23.05
C ALA D 157 -8.14 -37.36 23.49
N ARG D 158 -8.10 -36.41 22.55
CA ARG D 158 -8.39 -35.02 22.87
C ARG D 158 -9.78 -34.87 23.48
N ALA D 159 -10.76 -35.56 22.91
CA ALA D 159 -12.10 -35.54 23.46
C ALA D 159 -12.18 -36.15 24.86
N LEU D 160 -11.30 -37.09 25.19
CA LEU D 160 -11.32 -37.73 26.50
C LEU D 160 -10.29 -37.17 27.48
N VAL D 161 -9.62 -36.07 27.15
CA VAL D 161 -8.62 -35.52 28.06
C VAL D 161 -9.28 -34.99 29.33
N ASN D 162 -10.32 -34.18 29.19
CA ASN D 162 -10.94 -33.49 30.32
C ASN D 162 -11.96 -34.34 31.06
N ASN D 163 -12.20 -35.57 30.61
CA ASN D 163 -13.21 -36.45 31.18
C ASN D 163 -14.58 -35.77 31.28
N PRO D 164 -15.16 -35.35 30.14
CA PRO D 164 -16.46 -34.68 30.20
C PRO D 164 -17.57 -35.64 30.62
N ARG D 165 -18.65 -35.07 31.16
CA ARG D 165 -19.79 -35.87 31.54
C ARG D 165 -20.43 -36.54 30.33
N LEU D 166 -20.56 -35.79 29.23
CA LEU D 166 -21.14 -36.29 27.99
C LEU D 166 -20.07 -36.25 26.91
N VAL D 167 -19.74 -37.42 26.37
CA VAL D 167 -18.72 -37.54 25.33
C VAL D 167 -19.43 -37.93 24.04
N LEU D 168 -19.61 -36.96 23.15
CA LEU D 168 -20.37 -37.15 21.92
C LEU D 168 -19.44 -37.58 20.79
N ALA D 169 -19.66 -38.77 20.25
CA ALA D 169 -18.78 -39.37 19.26
C ALA D 169 -19.60 -39.79 18.05
N ASP D 170 -19.43 -39.05 16.94
CA ASP D 170 -20.14 -39.33 15.69
C ASP D 170 -19.29 -40.27 14.83
N GLU D 171 -19.63 -41.55 14.86
CA GLU D 171 -18.89 -42.59 14.16
C GLU D 171 -17.38 -42.45 14.41
N PRO D 172 -16.92 -42.73 15.63
CA PRO D 172 -15.49 -42.61 15.93
C PRO D 172 -14.65 -43.71 15.30
N THR D 173 -15.27 -44.81 14.84
CA THR D 173 -14.54 -45.88 14.17
C THR D 173 -14.87 -45.97 12.68
N GLY D 174 -15.54 -44.97 12.13
CA GLY D 174 -15.85 -45.00 10.71
C GLY D 174 -14.61 -44.99 9.83
N ASN D 175 -13.62 -44.18 10.19
CA ASN D 175 -12.37 -44.09 9.46
C ASN D 175 -11.27 -44.97 10.07
N LEU D 176 -11.59 -45.77 11.08
CA LEU D 176 -10.62 -46.61 11.75
C LEU D 176 -10.63 -48.02 11.16
N ASP D 177 -9.44 -48.58 10.98
CA ASP D 177 -9.31 -49.99 10.64
C ASP D 177 -9.37 -50.81 11.92
N ALA D 178 -9.37 -52.14 11.78
CA ALA D 178 -9.53 -53.02 12.95
C ALA D 178 -8.39 -52.87 13.96
N ARG D 179 -7.17 -52.63 13.47
CA ARG D 179 -6.02 -52.55 14.37
C ARG D 179 -6.18 -51.45 15.40
N ASN D 180 -6.71 -50.29 14.98
CA ASN D 180 -6.99 -49.23 15.94
C ASN D 180 -8.38 -49.39 16.56
N ALA D 181 -9.32 -49.97 15.82
CA ALA D 181 -10.70 -50.07 16.31
C ALA D 181 -10.79 -50.95 17.55
N ASP D 182 -10.06 -52.07 17.57
CA ASP D 182 -10.11 -52.95 18.74
C ASP D 182 -9.60 -52.24 19.99
N SER D 183 -8.50 -51.51 19.86
CA SER D 183 -7.96 -50.74 20.98
C SER D 183 -8.91 -49.64 21.43
N ILE D 184 -9.54 -48.93 20.47
CA ILE D 184 -10.48 -47.88 20.84
C ILE D 184 -11.68 -48.47 21.57
N PHE D 185 -12.21 -49.59 21.09
CA PHE D 185 -13.34 -50.21 21.77
C PHE D 185 -12.96 -50.73 23.15
N GLN D 186 -11.76 -51.28 23.31
CA GLN D 186 -11.32 -51.68 24.64
C GLN D 186 -11.21 -50.48 25.58
N LEU D 187 -10.65 -49.37 25.08
CA LEU D 187 -10.54 -48.15 25.87
C LEU D 187 -11.91 -47.68 26.31
N LEU D 188 -12.86 -47.65 25.37
CA LEU D 188 -14.24 -47.28 25.72
C LEU D 188 -14.83 -48.25 26.73
N GLY D 189 -14.46 -49.52 26.62
CA GLY D 189 -14.96 -50.51 27.57
C GLY D 189 -14.53 -50.22 29.00
N GLU D 190 -13.23 -49.96 29.21
CA GLU D 190 -12.82 -49.66 30.59
C GLU D 190 -13.28 -48.28 31.03
N LEU D 191 -13.43 -47.32 30.10
CA LEU D 191 -13.98 -46.03 30.47
C LEU D 191 -15.42 -46.17 30.97
N ASN D 192 -16.22 -47.00 30.29
CA ASN D 192 -17.58 -47.25 30.73
C ASN D 192 -17.62 -48.06 32.03
N ARG D 193 -16.70 -49.01 32.20
CA ARG D 193 -16.72 -49.85 33.39
C ARG D 193 -16.31 -49.07 34.64
N LEU D 194 -15.23 -48.30 34.57
CA LEU D 194 -14.70 -47.60 35.74
C LEU D 194 -15.17 -46.15 35.82
N GLN D 195 -14.86 -45.35 34.80
CA GLN D 195 -15.24 -43.94 34.84
C GLN D 195 -16.75 -43.75 34.69
N GLY D 196 -17.37 -44.48 33.77
CA GLY D 196 -18.81 -44.39 33.60
C GLY D 196 -19.31 -43.12 32.94
N THR D 197 -18.43 -42.35 32.31
CA THR D 197 -18.85 -41.13 31.63
C THR D 197 -19.80 -41.46 30.48
N ALA D 198 -20.82 -40.64 30.31
CA ALA D 198 -21.83 -40.88 29.28
C ALA D 198 -21.24 -40.64 27.90
N PHE D 199 -21.43 -41.61 27.01
CA PHE D 199 -21.01 -41.50 25.62
C PHE D 199 -22.24 -41.46 24.73
N LEU D 200 -22.23 -40.56 23.76
CA LEU D 200 -23.26 -40.50 22.72
C LEU D 200 -22.61 -40.96 21.43
N VAL D 201 -22.58 -42.27 21.22
CA VAL D 201 -21.86 -42.88 20.12
C VAL D 201 -22.88 -43.24 19.04
N VAL D 202 -22.78 -42.57 17.90
CA VAL D 202 -23.61 -42.90 16.74
C VAL D 202 -22.78 -43.74 15.78
N THR D 203 -23.24 -44.97 15.52
CA THR D 203 -22.49 -45.87 14.65
C THR D 203 -23.49 -46.70 13.86
N HIS D 204 -23.07 -47.14 12.68
CA HIS D 204 -23.97 -47.78 11.73
C HIS D 204 -24.10 -49.29 11.90
N ASP D 205 -23.15 -49.95 12.55
CA ASP D 205 -23.19 -51.40 12.65
C ASP D 205 -24.34 -51.85 13.55
N LEU D 206 -25.21 -52.70 13.00
CA LEU D 206 -26.39 -53.13 13.75
C LEU D 206 -26.03 -54.00 14.94
N GLN D 207 -25.05 -54.91 14.76
CA GLN D 207 -24.73 -55.87 15.81
C GLN D 207 -24.18 -55.17 17.05
N LEU D 208 -23.25 -54.23 16.86
CA LEU D 208 -22.65 -53.54 17.99
C LEU D 208 -23.66 -52.67 18.73
N ALA D 209 -24.53 -51.96 18.00
CA ALA D 209 -25.50 -51.09 18.64
C ALA D 209 -26.66 -51.87 19.28
N LYS D 210 -26.96 -53.06 18.78
CA LYS D 210 -28.07 -53.84 19.31
C LYS D 210 -27.81 -54.32 20.73
N ARG D 211 -26.55 -54.59 21.07
CA ARG D 211 -26.17 -55.07 22.39
C ARG D 211 -26.36 -54.00 23.48
N MET D 212 -26.56 -52.74 23.12
CA MET D 212 -26.68 -51.66 24.09
C MET D 212 -28.04 -51.71 24.76
N SER D 213 -28.09 -51.23 26.01
CA SER D 213 -29.34 -51.24 26.77
C SER D 213 -30.38 -50.32 26.14
N ARG D 214 -29.96 -49.14 25.69
CA ARG D 214 -30.86 -48.13 25.15
C ARG D 214 -30.50 -47.84 23.71
N GLN D 215 -31.50 -47.79 22.84
CA GLN D 215 -31.32 -47.47 21.41
C GLN D 215 -32.38 -46.47 20.99
N LEU D 216 -31.93 -45.32 20.48
CA LEU D 216 -32.80 -44.29 19.95
C LEU D 216 -32.59 -44.18 18.44
N GLU D 217 -33.69 -43.97 17.72
CA GLU D 217 -33.67 -43.95 16.25
C GLU D 217 -34.28 -42.66 15.75
N MET D 218 -33.53 -41.91 14.94
CA MET D 218 -34.02 -40.71 14.27
C MET D 218 -34.06 -40.99 12.78
N ARG D 219 -35.21 -41.45 12.29
CA ARG D 219 -35.40 -41.73 10.87
C ARG D 219 -36.65 -41.03 10.39
N ASP D 220 -36.52 -40.26 9.30
CA ASP D 220 -37.63 -39.52 8.70
C ASP D 220 -38.24 -38.52 9.68
N GLY D 221 -37.47 -38.10 10.67
CA GLY D 221 -37.92 -37.09 11.60
C GLY D 221 -39.04 -37.51 12.54
N ARG D 222 -39.27 -38.81 12.69
CA ARG D 222 -40.34 -39.32 13.55
C ARG D 222 -39.76 -40.21 14.62
N LEU D 223 -40.38 -40.20 15.79
CA LEU D 223 -39.97 -41.06 16.90
C LEU D 223 -40.46 -42.47 16.60
N THR D 224 -39.62 -43.25 15.91
CA THR D 224 -39.99 -44.60 15.50
C THR D 224 -39.52 -45.65 16.52
N ALA D 225 -38.22 -45.71 16.78
CA ALA D 225 -37.67 -46.69 17.70
C ALA D 225 -36.96 -45.99 18.86
N GLU D 226 -37.51 -46.14 20.06
CA GLU D 226 -36.91 -45.66 21.30
C GLU D 226 -37.06 -46.80 22.31
N LEU D 227 -36.07 -47.68 22.36
CA LEU D 227 -36.17 -48.93 23.10
C LEU D 227 -35.17 -48.93 24.25
N SER D 228 -35.64 -49.33 25.43
CA SER D 228 -34.79 -49.50 26.61
C SER D 228 -35.11 -50.84 27.25
N LEU D 229 -34.14 -51.76 27.21
CA LEU D 229 -34.38 -53.10 27.76
C LEU D 229 -34.59 -53.04 29.27
N MET D 230 -33.78 -52.24 29.96
CA MET D 230 -33.88 -52.12 31.42
C MET D 230 -34.44 -50.76 31.82
N ASN E 2 -2.99 -56.91 -32.16
CA ASN E 2 -2.86 -56.60 -30.74
C ASN E 2 -2.91 -55.09 -30.52
N LYS E 3 -2.94 -54.69 -29.25
CA LYS E 3 -2.96 -53.27 -28.91
C LYS E 3 -1.63 -52.62 -29.25
N ILE E 4 -1.69 -51.49 -29.96
CA ILE E 4 -0.49 -50.78 -30.42
C ILE E 4 -0.41 -49.39 -29.82
N LEU E 5 -1.56 -48.72 -29.67
CA LEU E 5 -1.55 -47.35 -29.12
C LEU E 5 -1.07 -47.32 -27.69
N LEU E 6 -1.51 -48.29 -26.87
CA LEU E 6 -1.14 -48.36 -25.46
C LEU E 6 -0.52 -49.71 -25.17
N GLN E 7 0.61 -49.71 -24.46
CA GLN E 7 1.27 -50.94 -24.02
C GLN E 7 1.54 -50.82 -22.53
N CYS E 8 0.86 -51.65 -21.74
CA CYS E 8 1.00 -51.64 -20.29
C CYS E 8 1.73 -52.89 -19.83
N ASP E 9 2.76 -52.71 -19.00
CA ASP E 9 3.57 -53.81 -18.50
C ASP E 9 3.69 -53.68 -16.98
N ASN E 10 3.08 -54.64 -16.26
CA ASN E 10 3.19 -54.71 -14.81
C ASN E 10 2.75 -53.41 -14.13
N LEU E 11 1.60 -52.89 -14.53
CA LEU E 11 1.11 -51.62 -13.98
C LEU E 11 0.86 -51.74 -12.48
N CYS E 12 1.49 -50.87 -11.70
CA CYS E 12 1.35 -50.86 -10.26
C CYS E 12 1.26 -49.41 -9.78
N LYS E 13 0.62 -49.22 -8.62
CA LYS E 13 0.46 -47.90 -8.06
C LYS E 13 0.70 -47.95 -6.56
N ARG E 14 1.53 -47.04 -6.07
CA ARG E 14 1.79 -46.88 -4.64
C ARG E 14 1.50 -45.43 -4.25
N TYR E 15 0.77 -45.25 -3.16
CA TYR E 15 0.35 -43.92 -2.72
C TYR E 15 0.80 -43.65 -1.28
N GLN E 16 1.81 -44.37 -0.81
CA GLN E 16 2.28 -44.24 0.56
C GLN E 16 3.81 -44.22 0.55
N GLU E 17 4.38 -43.84 1.70
CA GLU E 17 5.82 -43.87 1.90
C GLU E 17 6.23 -45.24 2.45
N GLY E 18 7.45 -45.33 2.97
CA GLY E 18 7.93 -46.59 3.48
C GLY E 18 7.26 -46.99 4.79
N SER E 19 7.68 -48.15 5.30
CA SER E 19 7.21 -48.68 6.58
C SER E 19 5.75 -49.09 6.52
N VAL E 20 4.85 -48.10 6.49
CA VAL E 20 3.42 -48.37 6.52
C VAL E 20 2.92 -48.79 5.15
N GLN E 21 3.82 -48.90 4.18
CA GLN E 21 3.46 -49.33 2.83
C GLN E 21 2.91 -50.76 2.85
N THR E 22 1.79 -50.99 2.18
CA THR E 22 1.15 -52.29 2.16
C THR E 22 1.39 -52.99 0.83
N ASP E 23 1.83 -54.24 0.91
CA ASP E 23 2.11 -55.05 -0.28
C ASP E 23 0.83 -55.80 -0.66
N VAL E 24 -0.13 -55.07 -1.23
CA VAL E 24 -1.40 -55.68 -1.59
C VAL E 24 -1.46 -56.00 -3.08
N LEU E 25 -0.68 -55.32 -3.91
CA LEU E 25 -0.74 -55.48 -5.35
C LEU E 25 0.64 -55.87 -5.87
N HIS E 26 0.68 -56.91 -6.70
CA HIS E 26 1.93 -57.38 -7.29
C HIS E 26 1.67 -57.94 -8.67
N ASN E 27 2.41 -57.45 -9.66
CA ASN E 27 2.41 -58.00 -11.02
C ASN E 27 1.01 -58.12 -11.60
N VAL E 28 0.25 -57.03 -11.49
CA VAL E 28 -1.12 -56.98 -12.01
C VAL E 28 -1.12 -56.13 -13.27
N SER E 29 -1.45 -56.75 -14.40
CA SER E 29 -1.54 -56.06 -15.67
C SER E 29 -2.91 -56.35 -16.28
N PHE E 30 -3.41 -55.40 -17.07
CA PHE E 30 -4.77 -55.47 -17.58
C PHE E 30 -4.75 -55.36 -19.11
N SER E 31 -5.81 -55.89 -19.73
CA SER E 31 -5.94 -55.96 -21.17
C SER E 31 -7.07 -55.02 -21.59
N VAL E 32 -6.71 -53.88 -22.19
CA VAL E 32 -7.66 -52.92 -22.71
C VAL E 32 -7.67 -53.06 -24.22
N GLY E 33 -8.82 -53.43 -24.78
CA GLY E 33 -8.98 -53.64 -26.21
C GLY E 33 -9.87 -52.57 -26.83
N GLU E 34 -9.47 -52.08 -27.99
CA GLU E 34 -10.23 -51.06 -28.68
C GLU E 34 -11.53 -51.65 -29.24
N GLY E 35 -12.62 -50.90 -29.09
CA GLY E 35 -13.92 -51.31 -29.56
C GLY E 35 -14.73 -52.12 -28.57
N GLU E 36 -14.10 -52.65 -27.53
CA GLU E 36 -14.79 -53.45 -26.52
C GLU E 36 -15.05 -52.62 -25.28
N MET E 37 -16.21 -52.84 -24.67
CA MET E 37 -16.63 -52.11 -23.47
C MET E 37 -16.35 -53.03 -22.28
N MET E 38 -15.30 -52.69 -21.53
CA MET E 38 -14.89 -53.46 -20.37
C MET E 38 -15.51 -52.89 -19.10
N ALA E 39 -15.92 -53.78 -18.21
CA ALA E 39 -16.50 -53.39 -16.93
C ALA E 39 -15.68 -54.02 -15.80
N ILE E 40 -15.41 -53.24 -14.77
CA ILE E 40 -14.63 -53.69 -13.61
C ILE E 40 -15.54 -53.71 -12.39
N VAL E 41 -15.55 -54.84 -11.70
CA VAL E 41 -16.39 -55.03 -10.52
C VAL E 41 -15.50 -55.27 -9.32
N GLY E 42 -16.05 -54.98 -8.14
CA GLY E 42 -15.33 -55.15 -6.90
C GLY E 42 -16.03 -54.44 -5.76
N SER E 43 -15.43 -54.58 -4.59
CA SER E 43 -15.95 -53.97 -3.37
C SER E 43 -15.28 -52.62 -3.13
N SER E 44 -15.80 -51.87 -2.18
CA SER E 44 -15.24 -50.58 -1.84
C SER E 44 -13.87 -50.72 -1.20
N GLY E 45 -12.98 -49.81 -1.55
CA GLY E 45 -11.63 -49.82 -1.00
C GLY E 45 -10.72 -50.90 -1.54
N SER E 46 -11.04 -51.46 -2.70
CA SER E 46 -10.24 -52.51 -3.31
C SER E 46 -9.42 -51.99 -4.49
N GLY E 47 -9.03 -50.72 -4.45
CA GLY E 47 -8.24 -50.14 -5.51
C GLY E 47 -8.96 -50.02 -6.84
N LYS E 48 -10.22 -49.59 -6.81
CA LYS E 48 -11.00 -49.42 -8.04
C LYS E 48 -10.95 -48.00 -8.59
N SER E 49 -10.72 -47.01 -7.74
CA SER E 49 -10.70 -45.61 -8.18
C SER E 49 -9.30 -45.11 -8.49
N THR E 50 -8.30 -45.48 -7.68
CA THR E 50 -6.94 -45.01 -7.93
C THR E 50 -6.40 -45.53 -9.26
N LEU E 51 -6.66 -46.79 -9.59
CA LEU E 51 -6.23 -47.33 -10.87
C LEU E 51 -6.89 -46.60 -12.02
N LEU E 52 -8.18 -46.28 -11.90
CA LEU E 52 -8.87 -45.53 -12.94
C LEU E 52 -8.29 -44.13 -13.07
N HIS E 53 -7.88 -43.52 -11.95
CA HIS E 53 -7.18 -42.25 -12.00
C HIS E 53 -5.83 -42.33 -12.69
N LEU E 54 -5.10 -43.43 -12.48
CA LEU E 54 -3.76 -43.56 -13.05
C LEU E 54 -3.81 -43.69 -14.57
N LEU E 55 -4.86 -44.31 -15.11
CA LEU E 55 -4.96 -44.49 -16.56
C LEU E 55 -5.11 -43.18 -17.30
N GLY E 56 -5.55 -42.11 -16.65
CA GLY E 56 -5.75 -40.83 -17.28
C GLY E 56 -4.51 -39.97 -17.42
N GLY E 57 -3.37 -40.45 -16.95
CA GLY E 57 -2.15 -39.67 -17.04
C GLY E 57 -2.05 -38.53 -16.05
N LEU E 58 -2.92 -38.52 -15.03
CA LEU E 58 -2.85 -37.45 -14.03
C LEU E 58 -1.59 -37.56 -13.19
N ASP E 59 -1.16 -38.78 -12.88
CA ASP E 59 0.05 -39.02 -12.11
C ASP E 59 0.89 -40.08 -12.80
N THR E 60 2.16 -40.14 -12.40
CA THR E 60 3.09 -41.13 -12.95
C THR E 60 2.97 -42.43 -12.17
N PRO E 61 2.89 -43.58 -12.85
CA PRO E 61 2.75 -44.85 -12.12
C PRO E 61 4.03 -45.18 -11.34
N THR E 62 3.85 -45.68 -10.12
CA THR E 62 4.99 -45.99 -9.27
C THR E 62 5.84 -47.12 -9.87
N SER E 63 5.19 -48.15 -10.38
CA SER E 63 5.89 -49.29 -10.96
C SER E 63 5.21 -49.70 -12.25
N GLY E 64 5.98 -50.35 -13.11
CA GLY E 64 5.50 -50.76 -14.42
C GLY E 64 5.79 -49.72 -15.49
N ASP E 65 5.54 -50.11 -16.73
CA ASP E 65 5.83 -49.28 -17.89
C ASP E 65 4.57 -49.07 -18.72
N VAL E 66 4.39 -47.83 -19.18
CA VAL E 66 3.31 -47.48 -20.09
C VAL E 66 3.95 -46.87 -21.33
N ILE E 67 3.68 -47.46 -22.49
CA ILE E 67 4.27 -47.04 -23.75
C ILE E 67 3.15 -46.56 -24.67
N PHE E 68 3.29 -45.33 -25.16
CA PHE E 68 2.35 -44.74 -26.12
C PHE E 68 3.08 -44.53 -27.44
N ASN E 69 2.92 -45.46 -28.36
CA ASN E 69 3.52 -45.40 -29.70
C ASN E 69 5.04 -45.29 -29.63
N GLY E 70 5.66 -45.91 -28.64
CA GLY E 70 7.09 -45.88 -28.49
C GLY E 70 7.63 -44.75 -27.65
N GLN E 71 6.79 -43.82 -27.22
CA GLN E 71 7.24 -42.69 -26.40
C GLN E 71 6.94 -42.97 -24.93
N PRO E 72 7.97 -43.10 -24.08
CA PRO E 72 7.72 -43.31 -22.65
C PRO E 72 6.99 -42.14 -22.04
N MET E 73 6.08 -42.44 -21.11
CA MET E 73 5.32 -41.37 -20.45
C MET E 73 6.20 -40.49 -19.60
N SER E 74 7.21 -41.08 -18.94
CA SER E 74 8.09 -40.31 -18.07
C SER E 74 8.86 -39.25 -18.86
N LYS E 75 9.37 -39.61 -20.04
CA LYS E 75 10.06 -38.63 -20.87
C LYS E 75 9.10 -37.80 -21.71
N LEU E 76 7.83 -38.19 -21.79
CA LEU E 76 6.84 -37.45 -22.56
C LEU E 76 6.52 -36.14 -21.87
N SER E 77 6.40 -35.08 -22.68
CA SER E 77 6.08 -33.77 -22.16
C SER E 77 4.63 -33.69 -21.71
N SER E 78 4.35 -32.71 -20.85
CA SER E 78 2.99 -32.52 -20.34
C SER E 78 2.03 -32.05 -21.42
N ALA E 79 2.52 -31.36 -22.45
CA ALA E 79 1.64 -30.92 -23.53
C ALA E 79 1.05 -32.12 -24.28
N ALA E 80 1.85 -33.15 -24.51
CA ALA E 80 1.34 -34.35 -25.17
C ALA E 80 0.29 -35.05 -24.30
N LYS E 81 0.52 -35.10 -22.99
CA LYS E 81 -0.48 -35.68 -22.10
C LYS E 81 -1.78 -34.87 -22.11
N ALA E 82 -1.67 -33.54 -22.12
CA ALA E 82 -2.87 -32.71 -22.20
C ALA E 82 -3.62 -32.94 -23.51
N GLU E 83 -2.88 -33.05 -24.61
CA GLU E 83 -3.50 -33.33 -25.90
C GLU E 83 -4.21 -34.69 -25.88
N LEU E 84 -3.57 -35.69 -25.27
CA LEU E 84 -4.18 -37.01 -25.16
C LEU E 84 -5.46 -36.96 -24.34
N ARG E 85 -5.42 -36.23 -23.22
CA ARG E 85 -6.59 -36.10 -22.35
C ARG E 85 -7.71 -35.28 -22.98
N ASN E 86 -7.39 -34.36 -23.90
CA ASN E 86 -8.39 -33.50 -24.49
C ASN E 86 -8.99 -34.02 -25.79
N GLN E 87 -8.21 -34.76 -26.59
CA GLN E 87 -8.67 -35.17 -27.91
C GLN E 87 -8.89 -36.67 -28.05
N LYS E 88 -8.26 -37.50 -27.23
CA LYS E 88 -8.32 -38.95 -27.41
C LYS E 88 -8.95 -39.69 -26.26
N LEU E 89 -8.79 -39.22 -25.03
CA LEU E 89 -9.25 -39.93 -23.84
C LEU E 89 -10.35 -39.13 -23.16
N GLY E 90 -11.39 -39.82 -22.72
CA GLY E 90 -12.46 -39.19 -21.96
C GLY E 90 -12.54 -39.73 -20.55
N PHE E 91 -12.54 -38.84 -19.56
CA PHE E 91 -12.48 -39.22 -18.16
C PHE E 91 -13.70 -38.67 -17.44
N ILE E 92 -14.34 -39.50 -16.63
CA ILE E 92 -15.46 -39.10 -15.80
C ILE E 92 -15.12 -39.37 -14.35
N TYR E 93 -15.27 -38.35 -13.50
CA TYR E 93 -14.99 -38.47 -12.09
C TYR E 93 -16.11 -39.23 -11.37
N GLN E 94 -15.81 -39.65 -10.14
CA GLN E 94 -16.80 -40.27 -9.28
C GLN E 94 -17.92 -39.30 -8.94
N PHE E 95 -17.56 -38.19 -8.29
CA PHE E 95 -18.54 -37.19 -7.89
C PHE E 95 -18.95 -36.34 -9.09
N HIS E 96 -19.77 -35.33 -8.81
CA HIS E 96 -20.22 -34.42 -9.86
C HIS E 96 -19.04 -33.67 -10.47
N HIS E 97 -18.24 -33.02 -9.62
CA HIS E 97 -17.04 -32.29 -10.03
C HIS E 97 -17.27 -31.44 -11.28
N LEU E 98 -18.28 -30.59 -11.21
CA LEU E 98 -18.60 -29.67 -12.30
C LEU E 98 -18.03 -28.28 -11.98
N LEU E 99 -18.31 -27.33 -12.87
CA LEU E 99 -17.88 -25.96 -12.67
C LEU E 99 -19.08 -25.12 -12.26
N PRO E 100 -19.18 -24.69 -11.01
CA PRO E 100 -20.39 -23.98 -10.56
C PRO E 100 -20.62 -22.63 -11.21
N ASP E 101 -19.57 -22.00 -11.74
CA ASP E 101 -19.72 -20.66 -12.32
C ASP E 101 -20.19 -20.66 -13.76
N PHE E 102 -20.14 -21.81 -14.43
CA PHE E 102 -20.56 -21.93 -15.82
C PHE E 102 -21.95 -22.56 -15.91
N THR E 103 -22.65 -22.22 -16.99
CA THR E 103 -23.92 -22.86 -17.28
C THR E 103 -23.67 -24.27 -17.83
N ALA E 104 -24.75 -25.04 -17.98
CA ALA E 104 -24.63 -26.39 -18.52
C ALA E 104 -24.10 -26.36 -19.94
N LEU E 105 -24.57 -25.40 -20.75
CA LEU E 105 -24.07 -25.27 -22.11
C LEU E 105 -22.58 -24.98 -22.12
N GLU E 106 -22.12 -24.09 -21.23
CA GLU E 106 -20.69 -23.80 -21.16
C GLU E 106 -19.89 -25.00 -20.67
N ASN E 107 -20.41 -25.74 -19.69
CA ASN E 107 -19.73 -26.95 -19.23
C ASN E 107 -19.63 -28.01 -20.31
N VAL E 108 -20.64 -28.13 -21.16
CA VAL E 108 -20.55 -29.05 -22.29
C VAL E 108 -19.57 -28.52 -23.35
N ALA E 109 -19.56 -27.21 -23.60
CA ALA E 109 -18.72 -26.60 -24.61
C ALA E 109 -17.24 -26.57 -24.22
N MET E 110 -16.94 -26.63 -22.92
CA MET E 110 -15.56 -26.43 -22.46
C MET E 110 -14.54 -27.38 -23.09
N PRO E 111 -14.80 -28.69 -23.24
CA PRO E 111 -13.76 -29.57 -23.79
C PRO E 111 -13.21 -29.11 -25.14
N LEU E 112 -14.05 -28.60 -26.04
CA LEU E 112 -13.55 -28.14 -27.33
C LEU E 112 -13.06 -26.70 -27.24
N LEU E 113 -13.55 -25.94 -26.26
CA LEU E 113 -13.02 -24.59 -26.03
C LEU E 113 -11.56 -24.66 -25.61
N ILE E 114 -11.20 -25.66 -24.82
CA ILE E 114 -9.79 -25.87 -24.47
C ILE E 114 -8.99 -26.23 -25.70
N GLY E 115 -9.61 -26.87 -26.69
CA GLY E 115 -8.92 -27.30 -27.88
C GLY E 115 -8.70 -26.20 -28.91
N LYS E 116 -9.02 -24.97 -28.53
CA LYS E 116 -8.83 -23.80 -29.39
C LYS E 116 -9.59 -23.94 -30.71
N LYS E 117 -10.79 -24.49 -30.63
CA LYS E 117 -11.64 -24.66 -31.80
C LYS E 117 -12.45 -23.38 -32.05
N LYS E 118 -12.90 -23.22 -33.29
CA LYS E 118 -13.65 -22.03 -33.66
C LYS E 118 -15.01 -22.03 -32.97
N PRO E 119 -15.51 -20.87 -32.54
CA PRO E 119 -16.77 -20.86 -31.78
C PRO E 119 -17.96 -21.44 -32.54
N ALA E 120 -17.94 -21.38 -33.89
CA ALA E 120 -19.12 -21.72 -34.66
C ALA E 120 -19.55 -23.17 -34.46
N GLU E 121 -18.62 -24.12 -34.62
CA GLU E 121 -19.01 -25.52 -34.55
C GLU E 121 -19.42 -25.93 -33.14
N ILE E 122 -18.76 -25.39 -32.11
CA ILE E 122 -19.17 -25.72 -30.74
C ILE E 122 -20.54 -25.14 -30.43
N ASN E 123 -20.81 -23.91 -30.87
CA ASN E 123 -22.13 -23.35 -30.67
C ASN E 123 -23.19 -24.17 -31.39
N SER E 124 -22.90 -24.58 -32.62
CA SER E 124 -23.83 -25.41 -33.37
C SER E 124 -24.06 -26.76 -32.69
N ARG E 125 -23.00 -27.36 -32.17
CA ARG E 125 -23.12 -28.64 -31.48
C ARG E 125 -23.96 -28.50 -30.22
N ALA E 126 -23.75 -27.43 -29.45
CA ALA E 126 -24.54 -27.22 -28.24
C ALA E 126 -26.00 -27.00 -28.57
N LEU E 127 -26.27 -26.20 -29.61
CA LEU E 127 -27.65 -25.96 -30.01
C LEU E 127 -28.33 -27.24 -30.50
N GLU E 128 -27.59 -28.05 -31.27
CA GLU E 128 -28.14 -29.32 -31.74
C GLU E 128 -28.42 -30.27 -30.59
N MET E 129 -27.51 -30.31 -29.60
CA MET E 129 -27.73 -31.14 -28.42
C MET E 129 -28.97 -30.69 -27.67
N LEU E 130 -29.13 -29.38 -27.48
CA LEU E 130 -30.31 -28.87 -26.79
C LEU E 130 -31.59 -29.20 -27.55
N LYS E 131 -31.58 -29.01 -28.87
CA LYS E 131 -32.77 -29.29 -29.67
C LYS E 131 -33.13 -30.77 -29.66
N ALA E 132 -32.13 -31.64 -29.80
CA ALA E 132 -32.40 -33.06 -29.88
C ALA E 132 -32.84 -33.63 -28.54
N VAL E 133 -32.23 -33.21 -27.45
CA VAL E 133 -32.56 -33.78 -26.15
C VAL E 133 -33.86 -33.20 -25.59
N GLY E 134 -33.96 -31.88 -25.50
CA GLY E 134 -35.14 -31.25 -24.97
C GLY E 134 -34.99 -30.49 -23.65
N LEU E 135 -33.84 -29.87 -23.41
CA LEU E 135 -33.63 -29.03 -22.22
C LEU E 135 -33.99 -27.57 -22.50
N ASP E 136 -34.93 -27.33 -23.43
CA ASP E 136 -35.40 -25.98 -23.66
C ASP E 136 -36.21 -25.45 -22.48
N HIS E 137 -36.72 -26.36 -21.64
CA HIS E 137 -37.50 -25.94 -20.49
C HIS E 137 -36.63 -25.23 -19.45
N ARG E 138 -35.36 -25.57 -19.38
CA ARG E 138 -34.43 -24.97 -18.42
C ARG E 138 -33.91 -23.67 -19.05
N ALA E 139 -34.73 -22.62 -18.98
CA ALA E 139 -34.35 -21.34 -19.52
C ALA E 139 -34.25 -20.27 -18.43
N ASN E 140 -34.93 -20.49 -17.31
CA ASN E 140 -34.95 -19.51 -16.22
C ASN E 140 -34.24 -19.99 -14.97
N HIS E 141 -33.97 -21.28 -14.84
CA HIS E 141 -33.34 -21.82 -13.64
C HIS E 141 -31.83 -21.60 -13.67
N ARG E 142 -31.25 -21.59 -12.47
CA ARG E 142 -29.81 -21.43 -12.32
C ARG E 142 -29.12 -22.79 -12.32
N PRO E 143 -27.95 -22.90 -12.94
CA PRO E 143 -27.22 -24.18 -12.92
C PRO E 143 -26.89 -24.67 -11.53
N SER E 144 -26.64 -23.76 -10.58
CA SER E 144 -26.29 -24.18 -9.23
C SER E 144 -27.46 -24.88 -8.54
N GLU E 145 -28.69 -24.41 -8.78
CA GLU E 145 -29.87 -24.94 -8.11
C GLU E 145 -30.53 -26.07 -8.89
N LEU E 146 -29.77 -26.79 -9.70
CA LEU E 146 -30.31 -27.90 -10.49
C LEU E 146 -30.23 -29.20 -9.69
N SER E 147 -30.75 -30.27 -10.29
CA SER E 147 -30.81 -31.56 -9.64
C SER E 147 -29.49 -32.32 -9.82
N GLY E 148 -29.41 -33.49 -9.19
CA GLY E 148 -28.21 -34.29 -9.25
C GLY E 148 -28.10 -35.14 -10.50
N GLY E 149 -29.19 -35.79 -10.87
CA GLY E 149 -29.18 -36.60 -12.09
C GLY E 149 -28.91 -35.76 -13.33
N GLU E 150 -29.52 -34.58 -13.40
CA GLU E 150 -29.29 -33.70 -14.54
C GLU E 150 -27.82 -33.29 -14.62
N ARG E 151 -27.23 -32.91 -13.49
CA ARG E 151 -25.83 -32.48 -13.51
C ARG E 151 -24.90 -33.63 -13.84
N GLN E 152 -25.20 -34.83 -13.35
CA GLN E 152 -24.40 -36.00 -13.70
C GLN E 152 -24.48 -36.29 -15.19
N ARG E 153 -25.67 -36.16 -15.77
CA ARG E 153 -25.81 -36.46 -17.19
C ARG E 153 -25.18 -35.37 -18.04
N VAL E 154 -25.17 -34.12 -17.56
CA VAL E 154 -24.41 -33.07 -18.25
C VAL E 154 -22.92 -33.35 -18.18
N ALA E 155 -22.44 -33.89 -17.06
CA ALA E 155 -21.05 -34.31 -16.99
C ALA E 155 -20.75 -35.40 -18.02
N ILE E 156 -21.66 -36.36 -18.15
CA ILE E 156 -21.50 -37.41 -19.17
C ILE E 156 -21.46 -36.80 -20.57
N ALA E 157 -22.37 -35.85 -20.83
CA ALA E 157 -22.41 -35.20 -22.13
C ALA E 157 -21.11 -34.45 -22.42
N ARG E 158 -20.57 -33.76 -21.41
CA ARG E 158 -19.27 -33.11 -21.56
C ARG E 158 -18.19 -34.13 -21.89
N ALA E 159 -18.21 -35.28 -21.21
CA ALA E 159 -17.26 -36.33 -21.53
C ALA E 159 -17.45 -36.90 -22.92
N LEU E 160 -18.64 -36.74 -23.52
CA LEU E 160 -18.93 -37.29 -24.84
C LEU E 160 -18.93 -36.25 -25.95
N VAL E 161 -18.38 -35.05 -25.71
CA VAL E 161 -18.46 -33.99 -26.71
C VAL E 161 -17.63 -34.33 -27.95
N ASN E 162 -16.36 -34.67 -27.76
CA ASN E 162 -15.46 -34.92 -28.87
C ASN E 162 -15.34 -36.39 -29.24
N ASN E 163 -16.15 -37.25 -28.64
CA ASN E 163 -16.14 -38.69 -28.91
C ASN E 163 -14.74 -39.29 -28.72
N PRO E 164 -14.21 -39.28 -27.50
CA PRO E 164 -12.87 -39.81 -27.28
C PRO E 164 -12.83 -41.32 -27.45
N ARG E 165 -11.67 -41.82 -27.87
CA ARG E 165 -11.50 -43.25 -28.07
C ARG E 165 -11.67 -44.01 -26.76
N LEU E 166 -11.09 -43.50 -25.68
CA LEU E 166 -11.18 -44.10 -24.35
C LEU E 166 -12.14 -43.27 -23.52
N VAL E 167 -13.25 -43.87 -23.11
CA VAL E 167 -14.26 -43.20 -22.31
C VAL E 167 -14.30 -43.92 -20.95
N LEU E 168 -13.60 -43.36 -19.98
CA LEU E 168 -13.57 -43.93 -18.63
C LEU E 168 -14.73 -43.37 -17.82
N ALA E 169 -15.55 -44.26 -17.28
CA ALA E 169 -16.76 -43.87 -16.54
C ALA E 169 -16.72 -44.54 -15.18
N ASP E 170 -16.43 -43.77 -14.14
CA ASP E 170 -16.40 -44.28 -12.77
C ASP E 170 -17.78 -44.07 -12.15
N GLU E 171 -18.56 -45.15 -12.08
CA GLU E 171 -19.93 -45.12 -11.57
C GLU E 171 -20.74 -44.09 -12.35
N PRO E 172 -21.12 -44.39 -13.60
CA PRO E 172 -21.90 -43.43 -14.39
C PRO E 172 -23.39 -43.41 -14.06
N THR E 173 -23.89 -44.38 -13.30
CA THR E 173 -25.32 -44.47 -13.03
C THR E 173 -25.66 -44.37 -11.54
N GLY E 174 -24.71 -43.96 -10.70
CA GLY E 174 -24.98 -43.87 -9.27
C GLY E 174 -26.01 -42.83 -8.93
N ASN E 175 -25.93 -41.66 -9.56
CA ASN E 175 -26.86 -40.57 -9.30
C ASN E 175 -27.98 -40.49 -10.33
N LEU E 176 -28.08 -41.47 -11.22
CA LEU E 176 -29.09 -41.50 -12.27
C LEU E 176 -30.17 -42.52 -11.93
N ASP E 177 -31.43 -42.12 -12.08
CA ASP E 177 -32.56 -43.01 -11.83
C ASP E 177 -32.79 -43.88 -13.07
N ALA E 178 -33.78 -44.78 -12.99
CA ALA E 178 -34.05 -45.70 -14.08
C ALA E 178 -34.52 -44.98 -15.34
N ARG E 179 -35.35 -43.95 -15.18
CA ARG E 179 -35.80 -43.18 -16.34
C ARG E 179 -34.63 -42.54 -17.07
N ASN E 180 -33.57 -42.19 -16.32
CA ASN E 180 -32.35 -41.73 -16.96
C ASN E 180 -31.42 -42.90 -17.31
N ALA E 181 -31.47 -43.97 -16.53
CA ALA E 181 -30.56 -45.09 -16.75
C ALA E 181 -30.81 -45.76 -18.09
N ASP E 182 -32.08 -45.97 -18.45
CA ASP E 182 -32.37 -46.62 -19.72
C ASP E 182 -31.89 -45.77 -20.90
N SER E 183 -32.10 -44.46 -20.83
CA SER E 183 -31.62 -43.56 -21.87
C SER E 183 -30.09 -43.55 -21.95
N ILE E 184 -29.41 -43.56 -20.81
CA ILE E 184 -27.95 -43.59 -20.83
C ILE E 184 -27.44 -44.90 -21.40
N PHE E 185 -28.09 -46.02 -21.06
CA PHE E 185 -27.70 -47.30 -21.64
C PHE E 185 -27.90 -47.31 -23.14
N GLN E 186 -29.03 -46.79 -23.63
CA GLN E 186 -29.23 -46.71 -25.08
C GLN E 186 -28.18 -45.83 -25.74
N LEU E 187 -27.88 -44.69 -25.12
CA LEU E 187 -26.85 -43.79 -25.65
C LEU E 187 -25.51 -44.49 -25.76
N LEU E 188 -25.11 -45.18 -24.69
CA LEU E 188 -23.90 -45.99 -24.72
C LEU E 188 -23.96 -47.03 -25.83
N GLY E 189 -25.16 -47.58 -26.05
CA GLY E 189 -25.31 -48.58 -27.09
C GLY E 189 -25.01 -48.05 -28.48
N GLU E 190 -25.60 -46.90 -28.84
CA GLU E 190 -25.32 -46.42 -30.19
C GLU E 190 -23.92 -45.81 -30.30
N LEU E 191 -23.38 -45.27 -29.21
CA LEU E 191 -21.99 -44.82 -29.25
C LEU E 191 -21.03 -45.98 -29.48
N ASN E 192 -21.28 -47.12 -28.83
CA ASN E 192 -20.44 -48.30 -29.07
C ASN E 192 -20.68 -48.89 -30.44
N ARG E 193 -21.91 -48.84 -30.96
CA ARG E 193 -22.20 -49.42 -32.26
C ARG E 193 -21.61 -48.59 -33.40
N LEU E 194 -21.76 -47.27 -33.35
CA LEU E 194 -21.33 -46.40 -34.43
C LEU E 194 -19.91 -45.89 -34.24
N GLN E 195 -19.66 -45.18 -33.14
CA GLN E 195 -18.32 -44.65 -32.90
C GLN E 195 -17.34 -45.74 -32.50
N GLY E 196 -17.80 -46.74 -31.76
CA GLY E 196 -16.95 -47.83 -31.35
C GLY E 196 -15.95 -47.51 -30.26
N THR E 197 -16.15 -46.42 -29.53
CA THR E 197 -15.22 -46.03 -28.49
C THR E 197 -15.25 -47.03 -27.34
N ALA E 198 -14.08 -47.35 -26.81
CA ALA E 198 -13.95 -48.27 -25.68
C ALA E 198 -14.44 -47.59 -24.41
N PHE E 199 -15.18 -48.32 -23.59
CA PHE E 199 -15.71 -47.81 -22.33
C PHE E 199 -15.14 -48.63 -21.18
N LEU E 200 -14.63 -47.94 -20.17
CA LEU E 200 -14.17 -48.56 -18.93
C LEU E 200 -15.12 -48.12 -17.82
N VAL E 201 -16.18 -48.90 -17.63
CA VAL E 201 -17.24 -48.56 -16.70
C VAL E 201 -16.99 -49.33 -15.41
N VAL E 202 -16.76 -48.59 -14.32
CA VAL E 202 -16.60 -49.21 -13.01
C VAL E 202 -17.83 -48.89 -12.17
N THR E 203 -18.56 -49.93 -11.77
CA THR E 203 -19.80 -49.75 -11.02
C THR E 203 -19.92 -50.89 -10.02
N HIS E 204 -20.66 -50.65 -8.94
CA HIS E 204 -20.68 -51.54 -7.80
C HIS E 204 -21.79 -52.59 -7.84
N ASP E 205 -22.92 -52.32 -8.47
CA ASP E 205 -24.04 -53.26 -8.43
C ASP E 205 -23.76 -54.47 -9.30
N LEU E 206 -23.68 -55.65 -8.66
CA LEU E 206 -23.34 -56.87 -9.38
C LEU E 206 -24.44 -57.26 -10.36
N GLN E 207 -25.71 -57.12 -9.96
CA GLN E 207 -26.80 -57.56 -10.82
C GLN E 207 -26.84 -56.75 -12.11
N LEU E 208 -26.67 -55.43 -12.02
CA LEU E 208 -26.63 -54.61 -13.21
C LEU E 208 -25.34 -54.79 -13.99
N ALA E 209 -24.21 -54.98 -13.29
CA ALA E 209 -22.94 -55.21 -13.97
C ALA E 209 -22.90 -56.55 -14.70
N LYS E 210 -23.79 -57.47 -14.36
CA LYS E 210 -23.86 -58.72 -15.12
C LYS E 210 -24.30 -58.48 -16.56
N ARG E 211 -25.03 -57.39 -16.81
CA ARG E 211 -25.51 -57.00 -18.14
C ARG E 211 -24.41 -56.46 -19.05
N MET E 212 -23.23 -56.12 -18.54
CA MET E 212 -22.14 -55.59 -19.35
C MET E 212 -21.55 -56.69 -20.22
N SER E 213 -20.95 -56.28 -21.34
CA SER E 213 -20.43 -57.25 -22.31
C SER E 213 -19.27 -58.06 -21.72
N ARG E 214 -18.31 -57.38 -21.11
CA ARG E 214 -17.15 -58.03 -20.52
C ARG E 214 -17.04 -57.68 -19.05
N GLN E 215 -16.79 -58.70 -18.22
CA GLN E 215 -16.67 -58.51 -16.77
C GLN E 215 -15.33 -59.10 -16.31
N LEU E 216 -14.57 -58.28 -15.58
CA LEU E 216 -13.27 -58.66 -15.06
C LEU E 216 -13.27 -58.56 -13.54
N GLU E 217 -12.53 -59.49 -12.91
CA GLU E 217 -12.54 -59.64 -11.46
C GLU E 217 -11.14 -59.39 -10.92
N MET E 218 -11.04 -58.47 -9.96
CA MET E 218 -9.79 -58.18 -9.24
C MET E 218 -9.98 -58.62 -7.79
N ARG E 219 -9.71 -59.89 -7.51
CA ARG E 219 -9.91 -60.45 -6.18
C ARG E 219 -8.65 -61.17 -5.73
N ASP E 220 -8.18 -60.82 -4.52
CA ASP E 220 -7.04 -61.48 -3.90
C ASP E 220 -5.77 -61.37 -4.74
N GLY E 221 -5.70 -60.34 -5.59
CA GLY E 221 -4.52 -60.14 -6.40
C GLY E 221 -4.36 -61.11 -7.55
N ARG E 222 -5.40 -61.90 -7.85
CA ARG E 222 -5.36 -62.88 -8.92
C ARG E 222 -6.44 -62.59 -9.95
N LEU E 223 -6.11 -62.78 -11.22
CA LEU E 223 -7.09 -62.66 -12.29
C LEU E 223 -7.87 -63.97 -12.38
N THR E 224 -8.96 -64.06 -11.61
CA THR E 224 -9.72 -65.30 -11.51
C THR E 224 -10.85 -65.34 -12.53
N ALA E 225 -11.76 -64.37 -12.47
CA ALA E 225 -12.90 -64.33 -13.37
C ALA E 225 -12.68 -63.28 -14.46
N GLU E 226 -12.64 -63.73 -15.71
CA GLU E 226 -12.45 -62.89 -16.88
C GLU E 226 -13.41 -63.38 -17.96
N LEU E 227 -14.61 -62.82 -17.99
CA LEU E 227 -15.66 -63.29 -18.89
C LEU E 227 -15.88 -62.26 -19.98
N SER E 228 -15.90 -62.72 -21.24
CA SER E 228 -16.17 -61.88 -22.40
C SER E 228 -17.24 -62.54 -23.24
N LEU E 229 -18.42 -61.93 -23.32
CA LEU E 229 -19.52 -62.52 -24.07
C LEU E 229 -19.18 -62.58 -25.56
N MET E 230 -18.59 -61.52 -26.10
CA MET E 230 -18.23 -61.49 -27.52
C MET E 230 -17.01 -60.62 -27.74
CB PCJ F . 10.84 22.18 -3.59
SG PCJ F . 11.23 20.99 -2.38
C PCJ F . 11.05 24.09 -2.27
O PCJ F . 11.89 23.68 -1.24
N PCJ F . 11.54 24.60 -4.39
CA PCJ F . 11.60 23.47 -3.45
C1 PCJ F . 10.20 19.72 -2.94
C2 PCJ F . 9.59 18.92 -1.82
O2 PCJ F . 10.03 17.59 -1.93
C3 PCJ F . 8.08 18.93 -1.98
O3 PCJ F . 7.51 17.92 -1.19
C11 PCJ F . -4.80 11.80 0.68
C12 PCJ F . -3.41 11.92 0.12
C13 PCJ F . -3.08 13.38 -0.18
C14 PCJ F . -1.92 13.50 -1.17
C15 PCJ F . -0.89 14.59 -0.82
C16 PCJ F . -0.15 15.03 -2.06
C17 PCJ F . -0.78 16.28 -2.65
C18 PCJ F . -0.55 16.32 -4.15
C19 PCJ F . -0.91 17.70 -4.71
C20 PCJ F . 0.28 18.40 -5.35
C21 PCJ F . 1.22 19.05 -4.33
C22 PCJ F . 2.63 18.47 -4.26
C23 PCJ F . 2.85 17.70 -2.97
C24 PCJ F . 4.25 17.11 -2.90
C25 PCJ F . 5.03 17.66 -1.72
C26 PCJ F . 6.45 17.18 -1.80
O28 PCJ F . 6.72 16.16 -2.39
C31 PCJ F . 12.65 3.27 0.89
C32 PCJ F . 12.79 4.20 -0.31
C33 PCJ F . 13.49 5.52 0.02
C34 PCJ F . 14.97 5.32 0.32
C35 PCJ F . 15.67 6.63 0.68
C36 PCJ F . 16.36 7.28 -0.50
C37 PCJ F . 16.64 8.75 -0.19
C38 PCJ F . 15.52 9.64 -0.69
C39 PCJ F . 15.85 11.10 -0.44
C40 PCJ F . 14.57 11.87 -0.16
C41 PCJ F . 14.73 13.33 -0.51
C42 PCJ F . 13.76 14.16 0.29
C43 PCJ F . 13.83 15.63 -0.06
C44 PCJ F . 13.11 15.94 -1.35
C45 PCJ F . 12.52 17.33 -1.36
C46 PCJ F . 11.07 17.29 -0.99
O47 PCJ F . 10.76 16.96 0.13
C51 PCJ F . -2.19 18.30 0.10
C52 PCJ F . -2.26 19.81 0.13
C53 PCJ F . -1.48 20.44 -1.03
C54 PCJ F . -0.07 20.85 -0.61
C55 PCJ F . 0.65 21.67 -1.67
C56 PCJ F . 2.16 21.71 -1.41
C57 PCJ F . 3.01 22.08 -2.60
C58 PCJ F . 4.45 22.33 -2.18
C59 PCJ F . 5.47 21.77 -3.17
C60 PCJ F . 5.28 22.34 -4.57
C61 PCJ F . 6.55 22.37 -5.41
C62 PCJ F . 6.57 23.67 -6.19
C63 PCJ F . 7.68 23.76 -7.23
C64 PCJ F . 8.77 24.74 -6.84
C65 PCJ F . 9.49 24.18 -5.65
C66 PCJ F . 10.69 24.98 -5.33
O67 PCJ F . 10.88 26.01 -5.92
H511 PCJ F . -2.61 17.92 0.99
H512 PCJ F . -2.73 17.93 -0.74
H513 PCJ F . -1.18 17.99 0.03
H521 PCJ F . -1.88 20.17 1.08
H522 PCJ F . -3.31 20.10 0.05
H531 PCJ F . -2.01 21.33 -1.38
H532 PCJ F . -1.42 19.75 -1.86
H541 PCJ F . -0.12 21.45 0.31
H542 PCJ F . 0.48 19.94 -0.40
H551 PCJ F . 0.46 21.26 -2.65
H552 PCJ F . 0.24 22.68 -1.63
H561 PCJ F . 2.35 22.43 -0.61
H562 PCJ F . 2.49 20.73 -1.08
H571 PCJ F . 2.62 22.97 -3.11
H572 PCJ F . 2.97 21.26 -3.31
H581 PCJ F . 4.64 21.87 -1.21
H582 PCJ F . 4.61 23.40 -2.07
H591 PCJ F . 6.46 22.03 -2.79
H592 PCJ F . 5.40 20.69 -3.20
H601 PCJ F . 4.86 23.33 -4.50
H602 PCJ F . 4.54 21.71 -5.09
H611 PCJ F . 6.52 21.53 -6.11
H612 PCJ F . 7.44 22.27 -4.80
H621 PCJ F . 6.62 24.52 -5.51
H622 PCJ F . 5.62 23.76 -6.73
H631 PCJ F . 7.25 24.08 -8.17
H632 PCJ F . 8.13 22.77 -7.36
H641 PCJ F . 8.33 25.72 -6.63
H642 PCJ F . 9.45 24.84 -7.69
H651 PCJ F . 8.85 24.19 -4.76
H652 PCJ F . 9.78 23.15 -5.87
HN PCJ F . 12.33 25.23 -4.28
HA PCJ F . 12.65 23.23 -3.19
H1 PCJ F . 10.01 23.85 -2.08
H2A PCJ F . 11.09 25.14 -2.48
HO PCJ F . 11.58 22.83 -0.90
HB1 PCJ F . 9.77 22.35 -3.59
HB2 PCJ F . 11.08 21.74 -4.55
H11 PCJ F . 10.75 19.06 -3.62
H12 PCJ F . 9.40 20.21 -3.48
H2 PCJ F . 9.87 19.36 -0.86
H31 PCJ F . 7.80 18.72 -3.02
H32 PCJ F . 7.66 19.91 -1.72
H251 PCJ F . 4.58 17.31 -0.78
H252 PCJ F . 5.01 18.75 -1.72
H241 PCJ F . 4.16 16.02 -2.81
H242 PCJ F . 4.79 17.33 -3.82
H231 PCJ F . 2.14 16.88 -2.91
H232 PCJ F . 2.68 18.35 -2.12
H221 PCJ F . 2.82 17.85 -5.13
H222 PCJ F . 3.35 19.29 -4.30
H211 PCJ F . 1.29 20.10 -4.58
H212 PCJ F . 0.76 18.99 -3.33
H201 PCJ F . -0.11 19.21 -5.98
H202 PCJ F . 0.81 17.71 -6.01
H191 PCJ F . -1.36 18.32 -3.95
H192 PCJ F . -1.67 17.55 -5.48
H181 PCJ F . 0.49 16.08 -4.38
H182 PCJ F . -1.18 15.57 -4.63
H171 PCJ F . -0.34 17.15 -2.18
H172 PCJ F . -1.86 16.29 -2.46
H161 PCJ F . 0.88 15.25 -1.77
H162 PCJ F . -0.13 14.23 -2.79
H151 PCJ F . -0.17 14.18 -0.12
H152 PCJ F . -1.38 15.44 -0.33
H141 PCJ F . -1.39 12.55 -1.23
H142 PCJ F . -2.34 13.73 -2.15
H131 PCJ F . -3.95 13.87 -0.61
H132 PCJ F . -2.85 13.90 0.75
H121 PCJ F . -2.69 11.50 0.81
H122 PCJ F . -3.36 11.34 -0.81
H111 PCJ F . -5.50 11.76 -0.10
H112 PCJ F . -4.86 10.91 1.26
H113 PCJ F . -5.00 12.63 1.31
H451 PCJ F . 12.61 17.76 -2.34
H452 PCJ F . 13.04 17.95 -0.63
H441 PCJ F . 13.81 15.84 -2.18
H442 PCJ F . 12.30 15.23 -1.52
H431 PCJ F . 13.40 16.19 0.77
H432 PCJ F . 14.88 15.93 -0.15
H421 PCJ F . 13.98 14.05 1.35
H422 PCJ F . 12.74 13.77 0.16
H411 PCJ F . 14.53 13.46 -1.58
H412 PCJ F . 15.76 13.66 -0.32
H401 PCJ F . 13.74 11.46 -0.73
H402 PCJ F . 14.32 11.76 0.91
H391 PCJ F . 16.33 11.52 -1.32
H392 PCJ F . 16.53 11.20 0.40
H381 PCJ F . 14.59 9.37 -0.17
H382 PCJ F . 15.36 9.50 -1.76
H371 PCJ F . 17.58 9.05 -0.67
H372 PCJ F . 16.75 8.89 0.88
H361 PCJ F . 17.31 6.77 -0.69
H362 PCJ F . 15.75 7.19 -1.39
H351 PCJ F . 14.95 7.33 1.10
H352 PCJ F . 16.42 6.41 1.44
H341 PCJ F . 15.46 4.87 -0.55
H342 PCJ F . 15.08 4.63 1.15
H331 PCJ F . 12.97 6.01 0.85
H332 PCJ F . 13.39 6.19 -0.85
H321 PCJ F . 13.34 3.68 -1.09
H322 PCJ F . 11.79 4.42 -0.70
H311 PCJ F . 12.69 3.83 1.79
H312 PCJ F . 13.44 2.57 0.88
H313 PCJ F . 11.73 2.77 0.84
#